data_4LLH
#
_entry.id   4LLH
#
_cell.length_a   115.470
_cell.length_b   129.690
_cell.length_c   164.650
_cell.angle_alpha   90.00
_cell.angle_beta   90.00
_cell.angle_gamma   90.00
#
_symmetry.space_group_name_H-M   'P 21 21 21'
#
loop_
_entity.id
_entity.type
_entity.pdbx_description
1 polymer 'Glycine betaine transporter BetP'
2 non-polymer 2-(trimethyl-lambda~5~-arsanyl)ethanol
3 non-polymer 'SODIUM ION'
4 non-polymer 'CHLORIDE ION'
5 non-polymer 5-CYCLOHEXYL-1-PENTYL-BETA-D-MALTOSIDE
6 water water
#
_entity_poly.entity_id   1
_entity_poly.type   'polypeptide(L)'
_entity_poly.pdbx_seq_one_letter_code
;LENPTNLEGKLADAEEEIILEGEDTQASLNWSVIVPALVIVLATVVWGIGFKDSFTNFASSALSAVVDNLGWAFILFGTV
FVFFIVVIAASKFGTIRLGRIDEAPEFRTVSWISMMFAAGMGIDLMFYGTTEPLTFYRNGVPGHDEHNVGVAMSTTMFHW
TLHPWAIYAIVGLAIAYSTFRVGRKQLLSSAFVPLIGEKGAEGWLGKLIDILAIIATVFGTACSLGLGALQIGAGLSAAN
IIEDPSDWTIVGIVSVLTLAFIFSAISGVGKGIQYLSNANMVLAALLAIFVFVVGPTVSILNLLPGSIGNYLSNFFQMAG
RTAMSADGTAGEWLGSWTIFYWAWWISWSPFVGMFLARISRGRSIREFILGVLLVPAGVSTVWFSIFGGTAIVFEQNGES
IWGDGAAEEQLFGLLHALPGGQIMGIIAMILLGTFFITSADSASTVMGTMSQHGQLEANKWVTAAWGVATAAIGLTLLLS
GGDNALSNLQNVTIVAATPFLFVVIGLMFALVKDLSNDVIYLEYREQQRFNARLARERRVHNEHRKRELAAKRRRERKAS
GAGKRR
;
_entity_poly.pdbx_strand_id   A,B,C
#
loop_
_chem_comp.id
_chem_comp.type
_chem_comp.name
_chem_comp.formula
1Y8 non-polymer 2-(trimethyl-lambda~5~-arsanyl)ethanol 'C5 H14 As O'
CL non-polymer 'CHLORIDE ION' 'Cl -1'
CM5 non-polymer 5-CYCLOHEXYL-1-PENTYL-BETA-D-MALTOSIDE 'C23 H42 O11'
NA non-polymer 'SODIUM ION' 'Na 1'
#
# COMPACT_ATOMS: atom_id res chain seq x y z
N SER A 28 27.47 41.86 12.67
CA SER A 28 26.59 41.84 13.84
C SER A 28 26.65 40.50 14.57
N LEU A 29 26.42 40.53 15.88
CA LEU A 29 26.41 39.31 16.69
C LEU A 29 25.29 39.36 17.73
N ASN A 30 24.69 38.21 18.00
CA ASN A 30 23.58 38.12 18.95
C ASN A 30 24.07 37.65 20.31
N TRP A 31 24.30 38.59 21.22
CA TRP A 31 24.87 38.28 22.53
C TRP A 31 23.81 38.01 23.61
N SER A 32 22.59 37.67 23.17
CA SER A 32 21.56 37.22 24.09
C SER A 32 21.25 35.76 23.77
N VAL A 33 21.84 35.29 22.67
CA VAL A 33 21.69 33.90 22.24
C VAL A 33 23.02 33.18 22.38
N ILE A 34 24.08 33.78 21.83
CA ILE A 34 25.41 33.18 21.86
C ILE A 34 25.95 33.06 23.28
N VAL A 35 25.53 33.97 24.15
CA VAL A 35 26.01 33.98 25.53
C VAL A 35 25.41 32.86 26.39
N PRO A 36 24.06 32.83 26.52
CA PRO A 36 23.44 31.78 27.32
C PRO A 36 23.63 30.40 26.70
N ALA A 37 24.13 30.37 25.47
CA ALA A 37 24.44 29.11 24.79
C ALA A 37 25.73 28.53 25.36
N LEU A 38 26.71 29.40 25.60
CA LEU A 38 27.98 28.98 26.16
C LEU A 38 27.88 28.64 27.64
N VAL A 39 27.00 29.34 28.36
CA VAL A 39 26.87 29.14 29.80
C VAL A 39 26.34 27.74 30.14
N ILE A 40 25.67 27.10 29.18
CA ILE A 40 25.11 25.77 29.40
C ILE A 40 25.96 24.69 28.73
N VAL A 41 26.68 25.06 27.68
CA VAL A 41 27.61 24.16 27.02
C VAL A 41 28.85 23.96 27.91
N LEU A 42 29.00 24.84 28.90
CA LEU A 42 30.12 24.73 29.83
C LEU A 42 29.69 24.06 31.15
N ALA A 43 28.46 24.33 31.59
CA ALA A 43 27.94 23.70 32.80
C ALA A 43 27.81 22.19 32.61
N THR A 44 27.75 21.76 31.35
CA THR A 44 27.70 20.34 31.01
C THR A 44 29.10 19.73 31.04
N VAL A 45 30.10 20.56 30.75
CA VAL A 45 31.49 20.15 30.87
C VAL A 45 31.78 19.69 32.29
N VAL A 46 31.51 20.58 33.25
CA VAL A 46 31.69 20.27 34.66
C VAL A 46 30.95 19.00 35.04
N TRP A 47 29.74 18.85 34.50
CA TRP A 47 28.92 17.67 34.75
C TRP A 47 29.70 16.42 34.40
N GLY A 48 30.33 16.42 33.22
CA GLY A 48 31.05 15.27 32.73
C GLY A 48 32.40 15.06 33.40
N ILE A 49 33.28 16.05 33.28
CA ILE A 49 34.62 15.95 33.84
C ILE A 49 34.62 15.97 35.36
N GLY A 50 34.30 17.12 35.93
CA GLY A 50 34.39 17.32 37.36
C GLY A 50 33.36 16.58 38.20
N PHE A 51 32.67 15.63 37.58
CA PHE A 51 31.67 14.84 38.30
C PHE A 51 31.60 13.40 37.83
N LYS A 52 31.13 13.21 36.60
CA LYS A 52 30.79 11.88 36.10
C LYS A 52 29.80 11.22 37.07
N ASP A 53 29.42 9.98 36.77
CA ASP A 53 28.39 9.31 37.57
C ASP A 53 27.08 10.09 37.54
N SER A 54 27.00 11.14 38.34
CA SER A 54 25.85 12.04 38.28
C SER A 54 25.64 12.51 36.84
N PHE A 55 26.71 12.44 36.06
CA PHE A 55 26.66 12.73 34.64
C PHE A 55 26.34 11.45 33.87
N THR A 56 27.19 10.46 34.03
CA THR A 56 27.01 9.16 33.37
C THR A 56 25.63 8.57 33.64
N ASN A 57 25.29 8.43 34.91
CA ASN A 57 24.02 7.83 35.32
C ASN A 57 22.81 8.61 34.82
N PHE A 58 22.84 9.92 34.97
CA PHE A 58 21.75 10.77 34.49
C PHE A 58 21.61 10.72 32.98
N ALA A 59 22.74 10.82 32.29
CA ALA A 59 22.74 10.81 30.82
C ALA A 59 22.17 9.49 30.28
N SER A 60 22.16 8.47 31.13
CA SER A 60 21.64 7.17 30.75
C SER A 60 20.24 6.97 31.31
N SER A 61 19.91 7.71 32.37
CA SER A 61 18.61 7.61 33.00
C SER A 61 17.62 8.64 32.45
N ALA A 62 18.12 9.52 31.58
CA ALA A 62 17.28 10.55 30.98
C ALA A 62 16.69 10.08 29.65
N LEU A 63 17.55 9.63 28.73
CA LEU A 63 17.07 9.14 27.46
C LEU A 63 16.27 7.86 27.68
N SER A 64 16.51 7.23 28.83
CA SER A 64 15.75 6.04 29.22
C SER A 64 14.36 6.44 29.68
N ALA A 65 14.04 7.73 29.57
CA ALA A 65 12.73 8.24 29.94
C ALA A 65 12.03 8.84 28.73
N VAL A 66 12.80 9.49 27.86
CA VAL A 66 12.25 10.04 26.62
C VAL A 66 11.93 8.91 25.64
N VAL A 67 12.76 7.86 25.69
CA VAL A 67 12.51 6.66 24.91
C VAL A 67 11.28 5.94 25.46
N ASP A 68 11.12 6.00 26.77
CA ASP A 68 10.03 5.30 27.45
C ASP A 68 8.73 6.09 27.39
N ASN A 69 8.81 7.41 27.58
CA ASN A 69 7.62 8.24 27.70
C ASN A 69 7.26 9.03 26.46
N LEU A 70 8.27 9.35 25.64
CA LEU A 70 8.03 10.10 24.42
C LEU A 70 8.31 9.27 23.17
N GLY A 71 8.63 8.00 23.37
CA GLY A 71 8.89 7.09 22.26
C GLY A 71 7.70 6.95 21.33
N TRP A 72 6.51 6.84 21.92
CA TRP A 72 5.28 6.70 21.13
C TRP A 72 5.14 7.84 20.14
N ALA A 73 5.62 9.02 20.51
CA ALA A 73 5.45 10.21 19.67
C ALA A 73 6.56 10.32 18.62
N PHE A 74 7.76 9.88 18.96
CA PHE A 74 8.84 9.80 17.99
C PHE A 74 8.41 8.88 16.86
N ILE A 75 7.90 7.72 17.23
CA ILE A 75 7.39 6.72 16.30
C ILE A 75 6.23 7.23 15.44
N LEU A 76 5.20 7.75 16.11
CA LEU A 76 4.01 8.22 15.40
C LEU A 76 4.36 9.29 14.37
N PHE A 77 4.90 10.40 14.85
CA PHE A 77 5.17 11.55 13.99
C PHE A 77 6.29 11.35 13.00
N GLY A 78 7.17 10.39 13.28
CA GLY A 78 8.24 10.07 12.36
C GLY A 78 7.71 9.63 11.02
N THR A 79 6.59 8.89 11.07
CA THR A 79 5.96 8.37 9.87
C THR A 79 5.04 9.43 9.26
N VAL A 80 4.41 10.22 10.12
CA VAL A 80 3.60 11.32 9.65
C VAL A 80 4.46 12.27 8.83
N PHE A 81 5.67 12.55 9.32
CA PHE A 81 6.61 13.42 8.59
C PHE A 81 6.79 12.94 7.18
N VAL A 82 7.06 11.64 7.03
CA VAL A 82 7.30 11.06 5.71
C VAL A 82 6.16 11.38 4.76
N PHE A 83 4.93 11.10 5.18
CA PHE A 83 3.78 11.38 4.32
C PHE A 83 3.61 12.86 4.03
N PHE A 84 3.72 13.68 5.08
CA PHE A 84 3.53 15.12 4.94
C PHE A 84 4.31 15.72 3.76
N ILE A 85 5.63 15.73 3.84
CA ILE A 85 6.42 16.34 2.75
C ILE A 85 6.31 15.59 1.42
N VAL A 86 5.77 14.37 1.44
CA VAL A 86 5.51 13.67 0.19
C VAL A 86 4.30 14.26 -0.50
N VAL A 87 3.22 14.48 0.24
CA VAL A 87 2.04 15.11 -0.36
C VAL A 87 2.36 16.57 -0.71
N ILE A 88 3.01 17.28 0.21
CA ILE A 88 3.44 18.65 -0.07
C ILE A 88 4.14 18.70 -1.43
N ALA A 89 5.09 17.78 -1.63
CA ALA A 89 5.85 17.71 -2.87
C ALA A 89 4.95 17.58 -4.08
N ALA A 90 4.12 16.54 -4.09
CA ALA A 90 3.22 16.29 -5.21
C ALA A 90 2.05 17.26 -5.23
N SER A 91 2.04 18.17 -4.26
CA SER A 91 0.97 19.15 -4.12
C SER A 91 1.13 20.30 -5.13
N LYS A 92 0.18 21.23 -5.11
CA LYS A 92 0.26 22.42 -5.96
C LYS A 92 1.38 23.34 -5.47
N PHE A 93 1.55 23.42 -4.15
CA PHE A 93 2.65 24.16 -3.56
C PHE A 93 3.97 23.66 -4.15
N GLY A 94 3.89 22.55 -4.88
CA GLY A 94 5.05 21.88 -5.41
C GLY A 94 5.98 22.78 -6.21
N THR A 95 5.41 23.54 -7.13
CA THR A 95 6.23 24.30 -8.08
C THR A 95 6.57 25.72 -7.61
N ILE A 96 6.24 26.04 -6.36
CA ILE A 96 6.63 27.31 -5.79
C ILE A 96 8.16 27.40 -5.65
N ARG A 97 8.79 28.16 -6.53
CA ARG A 97 10.24 28.34 -6.52
C ARG A 97 10.73 28.80 -5.14
N LEU A 98 11.86 28.27 -4.71
CA LEU A 98 12.45 28.67 -3.42
C LEU A 98 13.29 29.92 -3.56
N GLY A 99 12.62 31.07 -3.52
CA GLY A 99 13.24 32.35 -3.80
C GLY A 99 12.36 33.06 -4.79
N ARG A 100 12.64 34.34 -5.05
CA ARG A 100 11.80 35.11 -5.97
C ARG A 100 11.60 34.40 -7.30
N ILE A 101 10.42 34.59 -7.89
CA ILE A 101 9.95 33.77 -9.02
C ILE A 101 11.03 33.22 -9.96
N ASP A 102 11.75 34.09 -10.64
CA ASP A 102 12.81 33.65 -11.55
C ASP A 102 13.90 32.90 -10.80
N GLU A 103 15.09 33.48 -10.74
CA GLU A 103 16.18 32.95 -9.94
C GLU A 103 16.54 31.50 -10.28
N ALA A 104 17.77 31.29 -10.75
CA ALA A 104 18.25 29.96 -11.11
C ALA A 104 19.09 29.36 -9.98
N PRO A 105 19.17 28.03 -9.92
CA PRO A 105 19.96 27.30 -8.92
C PRO A 105 21.32 27.97 -8.69
N GLU A 106 21.77 27.98 -7.44
CA GLU A 106 23.02 28.64 -7.09
C GLU A 106 24.23 27.73 -7.26
N PHE A 107 23.99 26.42 -7.32
CA PHE A 107 25.08 25.45 -7.43
C PHE A 107 24.85 24.43 -8.54
N ARG A 108 23.63 24.36 -9.06
CA ARG A 108 23.26 23.32 -10.01
C ARG A 108 23.26 21.98 -9.26
N THR A 109 22.56 20.99 -9.80
CA THR A 109 22.42 19.70 -9.12
C THR A 109 23.75 19.00 -8.85
N VAL A 110 23.82 17.71 -9.12
CA VAL A 110 25.00 16.89 -8.81
C VAL A 110 25.66 17.23 -7.48
N SER A 111 26.51 18.26 -7.47
CA SER A 111 27.16 18.70 -6.25
C SER A 111 26.14 19.21 -5.23
N TRP A 112 24.93 19.48 -5.70
CA TRP A 112 23.86 19.96 -4.84
C TRP A 112 23.43 18.93 -3.81
N ILE A 113 22.94 17.79 -4.28
CA ILE A 113 22.56 16.70 -3.38
C ILE A 113 23.80 16.08 -2.76
N SER A 114 24.94 16.24 -3.44
CA SER A 114 26.20 15.67 -3.00
C SER A 114 26.63 16.21 -1.63
N MET A 115 26.45 17.52 -1.43
CA MET A 115 26.80 18.15 -0.16
C MET A 115 25.68 18.03 0.87
N MET A 116 24.46 17.76 0.40
CA MET A 116 23.35 17.50 1.31
C MET A 116 23.61 16.20 2.04
N PHE A 117 24.03 15.20 1.29
CA PHE A 117 24.40 13.91 1.87
C PHE A 117 25.63 14.10 2.74
N ALA A 118 26.37 15.18 2.48
CA ALA A 118 27.59 15.46 3.23
C ALA A 118 27.29 15.99 4.64
N ALA A 119 26.47 17.02 4.77
CA ALA A 119 26.09 17.47 6.10
C ALA A 119 25.16 16.45 6.77
N GLY A 120 24.54 15.61 5.94
CA GLY A 120 23.53 14.67 6.38
C GLY A 120 23.98 13.46 7.18
N MET A 121 24.71 12.53 6.54
CA MET A 121 25.08 11.26 7.16
C MET A 121 26.54 11.18 7.59
N GLY A 122 26.77 11.22 8.90
CA GLY A 122 28.11 11.23 9.48
C GLY A 122 29.07 10.09 9.17
N ILE A 123 29.91 9.77 10.14
CA ILE A 123 30.92 8.72 9.99
C ILE A 123 30.29 7.36 10.20
N ASP A 124 29.05 7.35 10.65
CA ASP A 124 28.37 6.12 11.02
C ASP A 124 27.86 5.32 9.81
N LEU A 125 27.57 6.01 8.71
CA LEU A 125 27.16 5.33 7.49
C LEU A 125 28.27 4.35 7.08
N MET A 126 29.48 4.62 7.54
CA MET A 126 30.60 3.71 7.34
C MET A 126 30.54 2.54 8.32
N PHE A 127 30.61 2.84 9.61
CA PHE A 127 30.58 1.79 10.65
C PHE A 127 29.16 1.46 11.10
N TYR A 128 28.26 1.33 10.14
CA TYR A 128 26.87 0.99 10.40
C TYR A 128 26.24 0.49 9.10
N GLY A 129 26.65 1.09 7.99
CA GLY A 129 26.20 0.67 6.67
C GLY A 129 26.56 -0.77 6.38
N THR A 130 27.46 -1.33 7.19
CA THR A 130 27.93 -2.69 6.98
C THR A 130 27.61 -3.60 8.17
N THR A 131 27.52 -3.01 9.36
CA THR A 131 27.34 -3.81 10.57
C THR A 131 25.88 -3.91 11.02
N GLU A 132 25.05 -2.97 10.57
CA GLU A 132 23.63 -2.98 10.92
C GLU A 132 22.80 -4.01 10.15
N PRO A 133 23.08 -4.19 8.86
CA PRO A 133 22.42 -5.29 8.14
C PRO A 133 22.84 -6.62 8.75
N LEU A 134 24.13 -6.74 9.06
CA LEU A 134 24.67 -7.98 9.62
C LEU A 134 24.12 -8.28 11.01
N THR A 135 24.00 -7.26 11.84
CA THR A 135 23.53 -7.47 13.21
C THR A 135 22.06 -7.89 13.26
N PHE A 136 21.25 -7.34 12.35
CA PHE A 136 19.84 -7.71 12.28
C PHE A 136 19.69 -9.13 11.73
N TYR A 137 20.51 -9.47 10.75
CA TYR A 137 20.51 -10.81 10.21
C TYR A 137 20.94 -11.81 11.28
N ARG A 138 22.01 -11.48 11.99
CA ARG A 138 22.65 -12.40 12.93
C ARG A 138 21.88 -12.54 14.25
N ASN A 139 21.27 -11.44 14.70
CA ASN A 139 20.55 -11.45 15.97
C ASN A 139 19.04 -11.51 15.77
N GLY A 140 18.60 -11.31 14.54
CA GLY A 140 17.19 -11.27 14.26
C GLY A 140 16.57 -9.98 14.74
N VAL A 141 15.34 -9.70 14.32
CA VAL A 141 14.65 -8.48 14.70
C VAL A 141 13.29 -8.80 15.30
N PRO A 142 12.88 -8.02 16.32
CA PRO A 142 11.64 -8.25 17.06
C PRO A 142 10.49 -8.62 16.15
N GLY A 143 9.72 -9.64 16.53
CA GLY A 143 8.60 -10.08 15.73
C GLY A 143 9.01 -10.96 14.56
N HIS A 144 10.27 -11.35 14.55
CA HIS A 144 10.79 -12.21 13.50
C HIS A 144 11.84 -13.18 14.02
N ASP A 145 12.13 -14.19 13.22
CA ASP A 145 13.25 -15.08 13.50
C ASP A 145 14.54 -14.39 13.07
N GLU A 146 15.66 -15.05 13.31
CA GLU A 146 16.94 -14.54 12.86
C GLU A 146 17.16 -14.95 11.41
N HIS A 147 18.33 -14.60 10.87
CA HIS A 147 18.68 -14.99 9.51
C HIS A 147 17.60 -14.65 8.49
N ASN A 148 16.86 -13.59 8.77
CA ASN A 148 15.81 -13.12 7.85
C ASN A 148 16.38 -12.05 6.93
N VAL A 149 16.97 -12.47 5.82
CA VAL A 149 17.62 -11.53 4.90
C VAL A 149 16.70 -10.40 4.50
N GLY A 150 15.42 -10.72 4.30
CA GLY A 150 14.44 -9.71 3.95
C GLY A 150 14.34 -8.64 5.01
N VAL A 151 13.93 -9.04 6.21
CA VAL A 151 13.80 -8.13 7.34
C VAL A 151 15.08 -7.33 7.63
N ALA A 152 16.23 -7.96 7.46
CA ALA A 152 17.52 -7.30 7.72
C ALA A 152 17.73 -6.08 6.84
N MET A 153 17.64 -6.28 5.53
CA MET A 153 17.76 -5.17 4.59
C MET A 153 16.60 -4.21 4.80
N SER A 154 15.43 -4.78 5.03
CA SER A 154 14.21 -4.01 5.22
C SER A 154 14.34 -3.01 6.36
N THR A 155 14.69 -3.50 7.55
CA THR A 155 14.71 -2.66 8.75
C THR A 155 15.75 -1.56 8.73
N THR A 156 16.90 -1.83 8.12
CA THR A 156 17.97 -0.84 8.11
C THR A 156 17.59 0.34 7.21
N MET A 157 16.97 0.05 6.08
CA MET A 157 16.50 1.12 5.20
C MET A 157 15.54 2.01 5.96
N PHE A 158 14.69 1.40 6.76
CA PHE A 158 13.68 2.09 7.54
C PHE A 158 14.32 3.15 8.41
N HIS A 159 15.51 2.84 8.92
CA HIS A 159 16.24 3.74 9.82
C HIS A 159 17.09 4.76 9.05
N TRP A 160 17.40 4.45 7.80
CA TRP A 160 18.43 5.22 7.08
C TRP A 160 17.99 5.89 5.76
N THR A 161 16.71 5.78 5.41
CA THR A 161 16.25 6.35 4.14
C THR A 161 15.13 7.39 4.28
N LEU A 162 13.89 6.95 4.11
CA LEU A 162 12.75 7.86 4.07
C LEU A 162 12.44 8.60 5.36
N HIS A 163 12.57 7.92 6.49
CA HIS A 163 12.16 8.50 7.77
C HIS A 163 13.07 9.59 8.33
N PRO A 164 14.40 9.43 8.15
CA PRO A 164 15.35 10.43 8.66
C PRO A 164 15.46 11.64 7.74
N TRP A 165 15.31 11.42 6.43
CA TRP A 165 15.42 12.50 5.46
C TRP A 165 14.13 13.33 5.33
N ALA A 166 13.03 12.79 5.86
CA ALA A 166 11.81 13.58 5.98
C ALA A 166 12.05 14.66 7.03
N ILE A 167 12.61 14.24 8.16
CA ILE A 167 12.92 15.16 9.24
C ILE A 167 13.78 16.30 8.73
N TYR A 168 14.62 16.01 7.74
CA TYR A 168 15.52 17.01 7.17
C TYR A 168 14.80 17.92 6.18
N ALA A 169 14.13 17.33 5.20
CA ALA A 169 13.43 18.11 4.17
C ALA A 169 12.40 19.08 4.76
N ILE A 170 11.64 18.64 5.76
CA ILE A 170 10.69 19.51 6.43
C ILE A 170 11.39 20.76 7.00
N VAL A 171 12.44 20.52 7.76
CA VAL A 171 13.20 21.63 8.34
C VAL A 171 13.88 22.45 7.24
N GLY A 172 14.52 21.75 6.30
CA GLY A 172 15.20 22.39 5.19
C GLY A 172 14.24 23.12 4.26
N LEU A 173 12.96 22.76 4.32
CA LEU A 173 11.94 23.41 3.49
C LEU A 173 11.41 24.64 4.19
N ALA A 174 10.95 24.48 5.42
CA ALA A 174 10.43 25.60 6.19
C ALA A 174 11.41 26.76 6.11
N ILE A 175 12.68 26.45 6.33
CA ILE A 175 13.75 27.44 6.36
C ILE A 175 14.10 27.98 4.97
N ALA A 176 14.28 27.09 3.99
CA ALA A 176 14.56 27.51 2.63
C ALA A 176 13.50 28.49 2.13
N TYR A 177 12.23 28.08 2.19
CA TYR A 177 11.12 28.93 1.78
C TYR A 177 11.06 30.25 2.57
N SER A 178 11.17 30.14 3.89
CA SER A 178 11.11 31.31 4.76
C SER A 178 12.10 32.40 4.38
N THR A 179 13.37 32.03 4.22
CA THR A 179 14.41 33.03 3.97
C THR A 179 14.41 33.53 2.52
N PHE A 180 14.31 32.61 1.57
CA PHE A 180 14.42 32.97 0.16
C PHE A 180 13.13 33.52 -0.45
N ARG A 181 12.06 32.74 -0.42
CA ARG A 181 10.80 33.18 -1.01
C ARG A 181 10.24 34.40 -0.27
N VAL A 182 9.99 34.24 1.02
CA VAL A 182 9.48 35.35 1.81
C VAL A 182 10.53 36.45 1.91
N GLY A 183 11.61 36.19 2.64
CA GLY A 183 12.72 37.12 2.71
C GLY A 183 13.16 37.49 4.11
N ARG A 184 13.05 36.55 5.04
CA ARG A 184 13.47 36.79 6.41
C ARG A 184 14.88 36.26 6.66
N LYS A 185 15.28 36.26 7.93
CA LYS A 185 16.63 35.82 8.31
C LYS A 185 16.79 34.31 8.12
N GLN A 186 18.04 33.87 8.02
CA GLN A 186 18.35 32.45 7.91
C GLN A 186 18.10 31.75 9.23
N LEU A 187 18.10 32.53 10.31
CA LEU A 187 17.79 32.04 11.65
C LEU A 187 16.58 31.11 11.64
N LEU A 188 16.60 30.10 12.50
CA LEU A 188 15.62 29.02 12.45
C LEU A 188 14.21 29.44 12.92
N SER A 189 14.13 30.37 13.86
CA SER A 189 12.84 30.82 14.36
C SER A 189 12.17 31.79 13.38
N SER A 190 12.83 32.03 12.25
CA SER A 190 12.24 32.81 11.17
C SER A 190 11.19 31.97 10.45
N ALA A 191 11.02 30.74 10.91
CA ALA A 191 10.05 29.83 10.33
C ALA A 191 8.81 29.73 11.21
N PHE A 192 8.89 30.32 12.40
CA PHE A 192 7.76 30.28 13.33
C PHE A 192 7.03 31.62 13.44
N VAL A 193 7.48 32.59 12.64
CA VAL A 193 6.76 33.87 12.57
C VAL A 193 5.33 33.66 12.07
N PRO A 194 5.12 32.68 11.17
CA PRO A 194 3.75 32.38 10.74
C PRO A 194 2.83 32.03 11.91
N LEU A 195 3.34 31.35 12.92
CA LEU A 195 2.51 30.91 14.03
C LEU A 195 2.47 31.89 15.21
N ILE A 196 3.55 32.64 15.42
CA ILE A 196 3.63 33.51 16.60
C ILE A 196 4.23 34.91 16.38
N GLY A 197 3.84 35.58 15.31
CA GLY A 197 4.20 36.98 15.12
C GLY A 197 5.20 37.27 14.02
N GLU A 198 4.94 38.36 13.28
CA GLU A 198 5.79 38.78 12.17
C GLU A 198 7.26 38.93 12.58
N LYS A 199 7.49 38.95 13.88
CA LYS A 199 8.83 39.04 14.45
C LYS A 199 8.69 39.16 15.97
N GLY A 200 7.45 39.31 16.42
CA GLY A 200 7.14 39.33 17.83
C GLY A 200 7.40 37.97 18.45
N ALA A 201 7.76 37.01 17.61
CA ALA A 201 8.19 35.69 18.06
C ALA A 201 9.61 35.79 18.59
N GLU A 202 9.78 36.57 19.64
CA GLU A 202 11.08 36.88 20.22
C GLU A 202 10.95 37.10 21.72
N GLY A 203 11.29 36.07 22.49
CA GLY A 203 11.15 36.13 23.94
C GLY A 203 11.05 34.74 24.56
N TRP A 204 9.94 34.48 25.24
CA TRP A 204 9.73 33.20 25.89
C TRP A 204 9.93 32.04 24.92
N LEU A 205 9.73 32.32 23.64
CA LEU A 205 10.00 31.35 22.58
C LEU A 205 10.72 32.04 21.43
N GLY A 206 11.09 31.25 20.42
CA GLY A 206 11.80 31.80 19.28
C GLY A 206 13.29 31.87 19.52
N LYS A 207 13.70 32.74 20.43
CA LYS A 207 15.12 32.86 20.77
C LYS A 207 15.57 31.63 21.55
N LEU A 208 14.63 30.99 22.23
CA LEU A 208 14.89 29.75 22.94
C LEU A 208 15.02 28.60 21.95
N ILE A 209 14.34 28.73 20.81
CA ILE A 209 14.47 27.76 19.72
C ILE A 209 15.85 27.90 19.10
N ASP A 210 16.29 29.15 18.94
CA ASP A 210 17.61 29.43 18.41
C ASP A 210 18.69 28.99 19.40
N ILE A 211 18.42 29.20 20.68
CA ILE A 211 19.36 28.85 21.74
C ILE A 211 19.51 27.33 21.88
N LEU A 212 18.41 26.61 21.67
CA LEU A 212 18.48 25.15 21.69
C LEU A 212 19.22 24.65 20.46
N ALA A 213 18.93 25.24 19.30
CA ALA A 213 19.58 24.87 18.06
C ALA A 213 21.09 25.06 18.15
N ILE A 214 21.50 26.22 18.64
CA ILE A 214 22.92 26.53 18.80
C ILE A 214 23.56 25.58 19.82
N ILE A 215 22.80 25.21 20.86
CA ILE A 215 23.29 24.25 21.84
C ILE A 215 23.40 22.88 21.20
N ALA A 216 22.28 22.40 20.66
CA ALA A 216 22.23 21.06 20.08
C ALA A 216 23.27 20.88 18.98
N THR A 217 23.64 21.99 18.33
CA THR A 217 24.65 21.93 17.28
C THR A 217 26.05 21.86 17.86
N VAL A 218 26.32 22.66 18.88
CA VAL A 218 27.61 22.64 19.55
C VAL A 218 27.90 21.24 20.10
N PHE A 219 26.98 20.73 20.92
CA PHE A 219 27.09 19.40 21.48
C PHE A 219 27.33 18.34 20.40
N GLY A 220 26.39 18.23 19.48
CA GLY A 220 26.44 17.21 18.45
C GLY A 220 27.69 17.23 17.59
N THR A 221 28.15 18.44 17.25
CA THR A 221 29.36 18.58 16.44
C THR A 221 30.60 18.31 17.29
N ALA A 222 30.43 18.34 18.61
CA ALA A 222 31.52 18.07 19.54
C ALA A 222 31.66 16.58 19.78
N CYS A 223 30.55 15.93 20.14
CA CYS A 223 30.54 14.49 20.35
C CYS A 223 30.96 13.77 19.08
N SER A 224 30.34 14.12 17.95
CA SER A 224 30.69 13.53 16.67
C SER A 224 32.19 13.66 16.41
N LEU A 225 32.83 14.59 17.12
CA LEU A 225 34.26 14.82 17.02
C LEU A 225 35.05 13.94 17.99
N GLY A 226 34.53 13.80 19.20
CA GLY A 226 35.17 12.98 20.21
C GLY A 226 35.02 11.50 19.91
N LEU A 227 33.76 11.05 19.80
CA LEU A 227 33.46 9.67 19.45
C LEU A 227 33.91 9.35 18.03
N GLY A 228 33.83 10.35 17.16
CA GLY A 228 34.35 10.21 15.80
C GLY A 228 35.83 9.89 15.85
N ALA A 229 36.55 10.61 16.70
CA ALA A 229 37.99 10.40 16.87
C ALA A 229 38.29 9.05 17.50
N LEU A 230 37.68 8.77 18.65
CA LEU A 230 37.87 7.50 19.35
C LEU A 230 37.68 6.31 18.43
N GLN A 231 36.90 6.51 17.37
CA GLN A 231 36.67 5.46 16.38
C GLN A 231 37.83 5.37 15.41
N ILE A 232 38.19 6.50 14.81
CA ILE A 232 39.26 6.52 13.81
C ILE A 232 40.41 5.62 14.24
N GLY A 233 40.84 5.77 15.49
CA GLY A 233 41.93 4.99 16.03
C GLY A 233 41.56 3.54 16.26
N ALA A 234 40.43 3.31 16.92
CA ALA A 234 39.92 1.96 17.12
C ALA A 234 39.73 1.25 15.78
N GLY A 235 39.75 2.03 14.70
CA GLY A 235 39.64 1.49 13.37
C GLY A 235 40.94 1.62 12.61
N LEU A 236 41.87 2.40 13.16
CA LEU A 236 43.17 2.60 12.54
C LEU A 236 44.04 1.35 12.68
N SER A 237 43.57 0.40 13.48
CA SER A 237 44.26 -0.89 13.64
C SER A 237 44.10 -1.76 12.40
N ALA A 238 43.41 -1.23 11.39
CA ALA A 238 43.23 -1.93 10.12
C ALA A 238 44.59 -2.38 9.58
N ALA A 239 45.34 -1.44 9.01
CA ALA A 239 46.66 -1.73 8.50
C ALA A 239 47.74 -1.18 9.44
N GLU A 243 48.70 -1.32 15.49
CA GLU A 243 48.35 -2.29 16.54
C GLU A 243 48.16 -1.60 17.88
N ASP A 244 48.99 -0.59 18.15
CA ASP A 244 48.89 0.15 19.41
C ASP A 244 47.46 0.59 19.68
N PRO A 245 47.10 0.72 20.97
CA PRO A 245 45.76 1.16 21.36
C PRO A 245 45.47 2.59 20.92
N SER A 246 45.01 3.41 21.85
CA SER A 246 44.66 4.79 21.55
C SER A 246 45.39 5.76 22.47
N ASP A 247 44.70 6.83 22.83
CA ASP A 247 45.20 7.80 23.81
C ASP A 247 46.42 8.58 23.30
N TRP A 248 46.32 9.90 23.36
CA TRP A 248 47.41 10.80 22.99
C TRP A 248 47.70 10.79 21.48
N THR A 249 48.08 9.63 20.94
CA THR A 249 48.30 9.50 19.51
C THR A 249 46.97 9.58 18.78
N ILE A 250 45.89 9.63 19.54
CA ILE A 250 44.55 9.79 19.00
C ILE A 250 44.12 11.25 19.12
N VAL A 251 44.68 11.96 20.11
CA VAL A 251 44.44 13.38 20.27
C VAL A 251 45.02 14.13 19.08
N GLY A 252 45.95 13.48 18.39
CA GLY A 252 46.55 14.04 17.19
C GLY A 252 45.65 13.87 15.98
N ILE A 253 44.76 12.89 16.04
CA ILE A 253 43.82 12.65 14.96
C ILE A 253 42.71 13.69 14.95
N VAL A 254 42.19 14.00 16.13
CA VAL A 254 41.15 15.01 16.26
C VAL A 254 41.67 16.35 15.81
N SER A 255 42.99 16.49 15.80
CA SER A 255 43.64 17.77 15.50
C SER A 255 43.83 17.97 14.00
N VAL A 256 43.82 16.88 13.23
CA VAL A 256 43.89 16.98 11.78
C VAL A 256 42.50 17.18 11.22
N LEU A 257 41.49 16.82 12.01
CA LEU A 257 40.09 16.99 11.61
C LEU A 257 39.56 18.34 12.08
N THR A 258 39.80 18.66 13.35
CA THR A 258 39.36 19.93 13.92
C THR A 258 40.16 21.09 13.34
N LEU A 259 41.12 20.77 12.48
CA LEU A 259 41.92 21.76 11.79
C LEU A 259 41.54 21.80 10.31
N ALA A 260 40.99 20.70 9.82
CA ALA A 260 40.59 20.61 8.42
C ALA A 260 39.13 21.04 8.22
N PHE A 261 38.33 20.96 9.28
CA PHE A 261 36.94 21.38 9.18
C PHE A 261 36.77 22.86 9.49
N ILE A 262 37.76 23.42 10.19
CA ILE A 262 37.80 24.86 10.43
C ILE A 262 38.43 25.54 9.21
N PHE A 263 38.96 24.72 8.30
CA PHE A 263 39.53 25.23 7.06
C PHE A 263 39.45 24.24 5.91
N SER A 264 38.37 24.28 5.10
CA SER A 264 37.18 25.13 5.30
C SER A 264 37.41 26.61 5.59
N ALA A 265 36.34 27.28 6.05
CA ALA A 265 36.36 28.73 6.29
C ALA A 265 36.78 29.49 5.04
N ILE A 266 38.08 29.43 4.73
CA ILE A 266 38.61 29.98 3.49
C ILE A 266 38.37 28.96 2.37
N SER A 267 38.94 29.20 1.20
CA SER A 267 38.80 28.31 0.04
C SER A 267 37.35 28.18 -0.41
N GLY A 268 36.62 29.29 -0.38
CA GLY A 268 35.23 29.30 -0.76
C GLY A 268 34.81 30.52 -1.56
N VAL A 269 34.70 31.66 -0.90
CA VAL A 269 34.97 31.77 0.54
C VAL A 269 33.84 31.18 1.36
N GLY A 270 34.19 30.28 2.28
CA GLY A 270 33.21 29.60 3.10
C GLY A 270 32.64 28.39 2.37
N LYS A 271 33.04 28.25 1.11
CA LYS A 271 32.56 27.14 0.29
C LYS A 271 33.71 26.24 -0.16
N GLY A 272 34.59 25.91 0.78
CA GLY A 272 35.60 24.89 0.55
C GLY A 272 34.92 23.54 0.71
N ILE A 273 33.69 23.59 1.19
CA ILE A 273 32.86 22.42 1.38
C ILE A 273 32.68 21.65 0.08
N GLN A 274 32.60 22.37 -1.02
CA GLN A 274 32.47 21.74 -2.34
C GLN A 274 33.60 20.76 -2.61
N TYR A 275 34.83 21.15 -2.33
CA TYR A 275 35.97 20.27 -2.53
C TYR A 275 35.72 18.94 -1.82
N LEU A 276 35.46 19.02 -0.52
CA LEU A 276 35.38 17.86 0.35
C LEU A 276 34.07 17.09 0.15
N SER A 277 32.96 17.76 0.41
CA SER A 277 31.62 17.20 0.24
C SER A 277 31.44 16.54 -1.13
N ASN A 278 31.72 17.30 -2.18
CA ASN A 278 31.56 16.80 -3.55
C ASN A 278 32.65 15.80 -3.91
N ALA A 279 33.58 15.56 -2.99
CA ALA A 279 34.62 14.55 -3.21
C ALA A 279 34.28 13.22 -2.55
N ASN A 280 33.27 13.21 -1.67
CA ASN A 280 32.80 11.98 -1.07
C ASN A 280 32.04 11.11 -2.06
N MET A 281 32.10 11.48 -3.33
CA MET A 281 31.50 10.67 -4.38
C MET A 281 32.57 9.75 -4.96
N VAL A 282 33.60 10.35 -5.54
CA VAL A 282 34.66 9.58 -6.19
C VAL A 282 35.25 8.53 -5.24
N LEU A 283 35.45 8.91 -3.98
CA LEU A 283 36.05 8.01 -3.00
C LEU A 283 35.06 6.96 -2.51
N ALA A 284 33.90 7.40 -2.04
CA ALA A 284 32.90 6.48 -1.50
C ALA A 284 32.36 5.57 -2.59
N ALA A 285 32.23 6.08 -3.82
CA ALA A 285 31.77 5.26 -4.93
C ALA A 285 32.88 4.31 -5.35
N LEU A 286 34.11 4.65 -4.97
CA LEU A 286 35.27 3.86 -5.36
C LEU A 286 35.38 2.56 -4.58
N LEU A 287 35.32 2.65 -3.25
CA LEU A 287 35.34 1.42 -2.44
C LEU A 287 33.97 0.74 -2.47
N ALA A 288 32.94 1.47 -2.88
CA ALA A 288 31.62 0.89 -3.03
C ALA A 288 31.63 0.00 -4.26
N ILE A 289 32.08 0.57 -5.38
CA ILE A 289 32.19 -0.19 -6.62
C ILE A 289 33.27 -1.27 -6.51
N PHE A 290 34.06 -1.19 -5.44
CA PHE A 290 35.09 -2.17 -5.15
C PHE A 290 34.52 -3.41 -4.48
N VAL A 291 33.81 -3.20 -3.36
CA VAL A 291 33.13 -4.30 -2.68
C VAL A 291 32.02 -4.86 -3.57
N PHE A 292 31.71 -4.12 -4.63
CA PHE A 292 30.65 -4.51 -5.56
C PHE A 292 31.13 -5.49 -6.60
N VAL A 293 32.30 -5.20 -7.19
CA VAL A 293 32.83 -6.03 -8.26
C VAL A 293 33.70 -7.17 -7.73
N VAL A 294 34.37 -6.94 -6.60
CA VAL A 294 35.22 -7.95 -5.99
C VAL A 294 34.41 -8.95 -5.16
N GLY A 295 33.50 -8.44 -4.34
CA GLY A 295 32.65 -9.28 -3.51
C GLY A 295 31.58 -9.98 -4.32
N PRO A 296 30.55 -10.50 -3.64
CA PRO A 296 29.45 -11.24 -4.25
C PRO A 296 28.54 -10.30 -5.05
N THR A 297 28.83 -10.14 -6.33
CA THR A 297 28.18 -9.13 -7.16
C THR A 297 26.70 -9.42 -7.39
N VAL A 298 26.38 -10.69 -7.61
CA VAL A 298 25.00 -11.09 -7.86
C VAL A 298 24.15 -11.07 -6.58
N SER A 299 24.76 -11.45 -5.46
CA SER A 299 24.04 -11.48 -4.18
C SER A 299 23.65 -10.06 -3.75
N ILE A 300 24.44 -9.09 -4.18
CA ILE A 300 24.13 -7.69 -3.96
C ILE A 300 23.06 -7.25 -4.96
N LEU A 301 23.31 -7.53 -6.23
CA LEU A 301 22.38 -7.17 -7.29
C LEU A 301 20.98 -7.66 -6.92
N ASN A 302 20.89 -8.91 -6.49
CA ASN A 302 19.62 -9.49 -6.06
C ASN A 302 19.00 -8.73 -4.90
N LEU A 303 19.85 -8.15 -4.06
CA LEU A 303 19.40 -7.41 -2.89
C LEU A 303 18.87 -6.01 -3.24
N LEU A 304 18.99 -5.62 -4.50
CA LEU A 304 18.43 -4.33 -4.95
C LEU A 304 16.91 -4.38 -5.00
N PRO A 305 16.34 -5.31 -5.80
CA PRO A 305 14.89 -5.44 -5.70
C PRO A 305 14.51 -6.00 -4.32
N GLY A 306 15.29 -6.97 -3.84
CA GLY A 306 15.04 -7.56 -2.55
C GLY A 306 14.87 -6.53 -1.45
N SER A 307 15.66 -5.46 -1.49
CA SER A 307 15.62 -4.44 -0.44
C SER A 307 14.45 -3.48 -0.62
N ILE A 308 14.28 -2.98 -1.84
CA ILE A 308 13.17 -2.07 -2.13
C ILE A 308 11.84 -2.77 -1.88
N GLY A 309 11.67 -3.93 -2.50
CA GLY A 309 10.45 -4.71 -2.35
C GLY A 309 10.12 -5.01 -0.90
N ASN A 310 11.11 -5.54 -0.17
CA ASN A 310 10.93 -5.82 1.24
C ASN A 310 10.61 -4.57 2.06
N TYR A 311 11.30 -3.48 1.75
CA TYR A 311 11.06 -2.21 2.43
C TYR A 311 9.61 -1.80 2.30
N LEU A 312 9.16 -1.62 1.06
CA LEU A 312 7.78 -1.22 0.82
C LEU A 312 6.81 -2.17 1.51
N SER A 313 7.18 -3.44 1.58
CA SER A 313 6.31 -4.48 2.12
C SER A 313 6.17 -4.38 3.64
N ASN A 314 7.29 -4.17 4.33
CA ASN A 314 7.28 -4.08 5.79
C ASN A 314 7.11 -2.65 6.30
N PHE A 315 6.89 -1.71 5.38
CA PHE A 315 6.87 -0.31 5.76
C PHE A 315 5.95 0.03 6.92
N PHE A 316 4.66 -0.24 6.77
CA PHE A 316 3.70 0.10 7.83
C PHE A 316 3.83 -0.81 9.05
N GLN A 317 4.30 -2.03 8.83
CA GLN A 317 4.58 -2.93 9.95
C GLN A 317 5.58 -2.29 10.90
N MET A 318 6.70 -1.82 10.35
CA MET A 318 7.74 -1.14 11.12
C MET A 318 7.24 0.17 11.74
N ALA A 319 6.52 0.96 10.94
CA ALA A 319 5.92 2.20 11.42
C ALA A 319 4.95 1.95 12.58
N GLY A 320 4.49 0.71 12.72
CA GLY A 320 3.57 0.37 13.78
C GLY A 320 4.26 -0.20 15.02
N ARG A 321 5.50 -0.63 14.84
CA ARG A 321 6.26 -1.26 15.93
C ARG A 321 6.56 -0.31 17.09
N THR A 322 5.97 -0.60 18.26
CA THR A 322 6.27 0.14 19.47
C THR A 322 6.75 -0.80 20.57
N ALA A 323 6.72 -0.32 21.82
CA ALA A 323 7.17 -1.13 22.94
C ALA A 323 6.05 -2.02 23.48
N MET A 324 4.87 -1.90 22.89
CA MET A 324 3.75 -2.74 23.31
C MET A 324 3.68 -3.97 22.42
N SER A 325 4.26 -3.89 21.24
CA SER A 325 4.50 -5.05 20.40
C SER A 325 5.98 -5.35 20.57
N ALA A 326 6.39 -6.62 20.52
CA ALA A 326 5.50 -7.75 20.26
C ALA A 326 5.20 -8.48 21.56
N ASP A 327 3.93 -8.53 21.91
CA ASP A 327 3.48 -9.07 23.20
C ASP A 327 4.03 -8.26 24.37
N GLY A 328 4.47 -7.04 24.10
CA GLY A 328 4.99 -6.15 25.13
C GLY A 328 6.48 -6.31 25.35
N THR A 329 7.18 -6.66 24.28
CA THR A 329 8.56 -7.11 24.38
C THR A 329 9.60 -6.20 23.74
N ALA A 330 9.20 -5.46 22.70
CA ALA A 330 10.16 -4.72 21.90
C ALA A 330 10.58 -3.38 22.50
N GLY A 331 10.45 -3.24 23.81
CA GLY A 331 10.83 -2.02 24.49
C GLY A 331 12.31 -1.68 24.35
N GLU A 332 13.16 -2.65 24.69
CA GLU A 332 14.61 -2.44 24.69
C GLU A 332 15.23 -2.35 23.30
N TRP A 333 14.81 -3.23 22.40
CA TRP A 333 15.34 -3.23 21.04
C TRP A 333 15.10 -1.89 20.36
N LEU A 334 13.92 -1.33 20.58
CA LEU A 334 13.58 -0.01 20.05
C LEU A 334 14.41 1.05 20.74
N GLY A 335 14.61 0.89 22.05
CA GLY A 335 15.43 1.82 22.81
C GLY A 335 16.85 1.88 22.31
N SER A 336 17.37 0.73 21.89
CA SER A 336 18.75 0.65 21.41
C SER A 336 18.84 0.98 19.93
N TRP A 337 17.73 0.85 19.21
CA TRP A 337 17.74 1.06 17.77
C TRP A 337 16.84 2.19 17.26
N THR A 338 15.58 1.88 16.97
CA THR A 338 14.69 2.82 16.29
C THR A 338 14.49 4.15 17.04
N ILE A 339 13.88 4.09 18.21
CA ILE A 339 13.59 5.32 18.97
C ILE A 339 14.85 6.15 19.19
N PHE A 340 15.98 5.47 19.41
CA PHE A 340 17.23 6.17 19.54
C PHE A 340 17.59 6.85 18.22
N TYR A 341 17.37 6.13 17.12
CA TYR A 341 17.62 6.72 15.79
C TYR A 341 16.79 7.98 15.58
N TRP A 342 15.47 7.88 15.71
CA TRP A 342 14.61 9.03 15.52
C TRP A 342 15.06 10.21 16.38
N ALA A 343 15.11 10.01 17.69
CA ALA A 343 15.51 11.07 18.60
C ALA A 343 16.89 11.61 18.28
N TRP A 344 17.65 10.87 17.47
CA TRP A 344 19.00 11.26 17.08
C TRP A 344 18.97 12.17 15.86
N TRP A 345 18.15 11.82 14.87
CA TRP A 345 18.04 12.61 13.65
C TRP A 345 17.33 13.94 13.92
N ILE A 346 16.43 13.94 14.89
CA ILE A 346 15.73 15.17 15.29
C ILE A 346 16.68 16.15 15.96
N SER A 347 17.65 15.60 16.69
CA SER A 347 18.67 16.43 17.34
C SER A 347 19.62 17.03 16.29
N TRP A 348 19.91 16.26 15.25
CA TRP A 348 20.77 16.71 14.17
C TRP A 348 20.04 17.63 13.19
N SER A 349 18.71 17.51 13.14
CA SER A 349 17.90 18.21 12.14
C SER A 349 18.25 19.70 11.95
N PRO A 350 18.56 20.43 13.05
CA PRO A 350 18.88 21.84 12.88
C PRO A 350 20.01 22.10 11.89
N PHE A 351 21.22 21.60 12.15
CA PHE A 351 22.35 21.88 11.26
C PHE A 351 22.10 21.43 9.81
N VAL A 352 21.56 20.24 9.62
CA VAL A 352 21.26 19.76 8.27
C VAL A 352 20.15 20.62 7.64
N GLY A 353 19.09 20.88 8.40
CA GLY A 353 18.00 21.69 7.92
C GLY A 353 18.47 23.07 7.51
N MET A 354 19.25 23.70 8.38
CA MET A 354 19.82 25.01 8.10
C MET A 354 20.74 24.95 6.89
N PHE A 355 21.66 24.00 6.91
CA PHE A 355 22.62 23.87 5.82
C PHE A 355 21.94 23.51 4.50
N LEU A 356 20.87 22.73 4.58
CA LEU A 356 20.11 22.36 3.39
C LEU A 356 19.31 23.54 2.84
N ALA A 357 19.18 24.59 3.65
CA ALA A 357 18.45 25.79 3.22
C ALA A 357 19.09 26.40 1.99
N ARG A 358 20.34 26.85 2.13
CA ARG A 358 21.10 27.30 0.97
C ARG A 358 21.33 26.09 0.06
N ILE A 359 22.22 26.22 -0.91
CA ILE A 359 22.44 25.19 -1.91
C ILE A 359 21.17 25.00 -2.74
N SER A 360 20.03 25.15 -2.08
CA SER A 360 18.72 24.88 -2.68
C SER A 360 18.06 26.14 -3.21
N ARG A 361 18.60 27.29 -2.84
CA ARG A 361 18.09 28.57 -3.32
C ARG A 361 17.83 28.54 -4.83
N GLY A 362 16.57 28.75 -5.22
CA GLY A 362 16.20 28.78 -6.62
C GLY A 362 15.74 27.44 -7.15
N ARG A 363 15.37 26.55 -6.24
CA ARG A 363 14.88 25.22 -6.63
C ARG A 363 13.44 25.01 -6.15
N SER A 364 12.65 24.35 -6.98
CA SER A 364 11.25 24.11 -6.67
C SER A 364 11.10 23.37 -5.34
N ILE A 365 10.03 23.68 -4.61
CA ILE A 365 9.70 22.93 -3.40
C ILE A 365 9.77 21.45 -3.73
N ARG A 366 9.35 21.11 -4.95
CA ARG A 366 9.35 19.73 -5.43
C ARG A 366 10.76 19.23 -5.71
N GLU A 367 11.51 19.98 -6.50
CA GLU A 367 12.88 19.63 -6.85
C GLU A 367 13.74 19.45 -5.61
N PHE A 368 13.43 20.21 -4.57
CA PHE A 368 14.18 20.16 -3.31
C PHE A 368 13.79 18.92 -2.50
N ILE A 369 12.49 18.61 -2.48
CA ILE A 369 12.00 17.47 -1.70
C ILE A 369 12.49 16.14 -2.28
N LEU A 370 12.77 16.11 -3.57
CA LEU A 370 13.26 14.89 -4.20
C LEU A 370 14.78 14.80 -4.15
N GLY A 371 15.43 15.92 -3.87
CA GLY A 371 16.88 15.96 -3.73
C GLY A 371 17.31 15.71 -2.29
N VAL A 372 16.31 15.64 -1.40
CA VAL A 372 16.56 15.38 0.00
C VAL A 372 16.03 14.00 0.40
N LEU A 373 15.05 13.51 -0.35
CA LEU A 373 14.44 12.21 -0.09
C LEU A 373 14.96 11.11 -0.99
N LEU A 374 14.42 11.06 -2.21
CA LEU A 374 14.66 9.94 -3.11
C LEU A 374 16.15 9.65 -3.34
N VAL A 375 16.92 10.69 -3.64
CA VAL A 375 18.35 10.50 -3.95
C VAL A 375 19.15 9.91 -2.78
N PRO A 376 19.19 10.60 -1.62
CA PRO A 376 19.89 10.01 -0.48
C PRO A 376 19.35 8.62 -0.16
N ALA A 377 18.03 8.45 -0.23
CA ALA A 377 17.42 7.16 0.04
C ALA A 377 17.86 6.11 -0.97
N GLY A 378 18.15 6.55 -2.18
CA GLY A 378 18.59 5.66 -3.26
C GLY A 378 20.04 5.24 -3.14
N VAL A 379 20.90 6.12 -2.65
CA VAL A 379 22.30 5.76 -2.48
C VAL A 379 22.52 4.96 -1.20
N SER A 380 21.70 5.24 -0.19
CA SER A 380 21.77 4.49 1.06
C SER A 380 21.33 3.04 0.84
N THR A 381 20.35 2.84 -0.03
CA THR A 381 19.91 1.49 -0.37
C THR A 381 21.04 0.71 -1.02
N VAL A 382 21.65 1.29 -2.05
CA VAL A 382 22.75 0.62 -2.73
C VAL A 382 23.96 0.43 -1.82
N TRP A 383 24.19 1.40 -0.95
CA TRP A 383 25.29 1.30 0.01
C TRP A 383 25.09 0.13 0.96
N PHE A 384 23.89 0.02 1.53
CA PHE A 384 23.58 -1.08 2.44
C PHE A 384 23.53 -2.42 1.69
N SER A 385 23.12 -2.38 0.43
CA SER A 385 23.05 -3.60 -0.37
C SER A 385 24.44 -4.17 -0.58
N ILE A 386 25.40 -3.31 -0.92
CA ILE A 386 26.77 -3.76 -1.22
C ILE A 386 27.59 -4.07 0.04
N PHE A 387 27.76 -3.09 0.92
CA PHE A 387 28.47 -3.35 2.18
C PHE A 387 27.71 -4.30 3.09
N GLY A 388 26.60 -3.83 3.66
CA GLY A 388 25.81 -4.65 4.54
C GLY A 388 25.34 -5.95 3.89
N GLY A 389 25.32 -5.96 2.57
CA GLY A 389 24.93 -7.13 1.82
C GLY A 389 25.95 -8.26 1.90
N THR A 390 27.19 -7.97 1.52
CA THR A 390 28.23 -8.99 1.58
C THR A 390 28.43 -9.47 3.01
N ALA A 391 28.29 -8.57 3.97
CA ALA A 391 28.43 -8.93 5.38
C ALA A 391 27.45 -10.03 5.74
N ILE A 392 26.30 -10.04 5.08
CA ILE A 392 25.29 -11.07 5.30
C ILE A 392 25.65 -12.34 4.54
N VAL A 393 26.34 -12.18 3.41
CA VAL A 393 26.72 -13.31 2.57
C VAL A 393 27.86 -14.11 3.20
N PHE A 394 28.86 -13.41 3.72
CA PHE A 394 29.95 -14.06 4.42
C PHE A 394 29.40 -14.79 5.65
N GLU A 395 28.37 -14.21 6.27
CA GLU A 395 27.75 -14.83 7.43
C GLU A 395 27.10 -16.14 7.05
N GLN A 396 26.63 -16.23 5.82
CA GLN A 396 25.93 -17.42 5.34
C GLN A 396 26.90 -18.54 4.95
N ASN A 397 28.07 -18.17 4.43
CA ASN A 397 29.04 -19.16 3.96
C ASN A 397 30.05 -19.61 5.01
N GLY A 398 29.95 -19.06 6.21
CA GLY A 398 30.83 -19.45 7.29
C GLY A 398 31.89 -18.41 7.62
N GLU A 399 32.21 -17.55 6.67
CA GLU A 399 33.23 -16.52 6.87
C GLU A 399 32.69 -15.31 7.59
N SER A 400 32.22 -15.50 8.82
CA SER A 400 31.65 -14.40 9.60
C SER A 400 32.67 -13.29 9.87
N ILE A 401 32.26 -12.05 9.65
CA ILE A 401 33.13 -10.90 9.86
C ILE A 401 32.98 -10.36 11.29
N TRP A 402 31.92 -10.79 11.97
CA TRP A 402 31.65 -10.37 13.33
C TRP A 402 32.86 -10.57 14.24
N GLY A 403 33.53 -9.48 14.57
CA GLY A 403 34.71 -9.55 15.42
C GLY A 403 34.42 -9.02 16.83
N ASP A 404 34.09 -9.94 17.73
CA ASP A 404 33.74 -9.61 19.12
C ASP A 404 32.66 -8.52 19.23
N GLY A 405 31.98 -8.25 18.13
CA GLY A 405 30.88 -7.29 18.11
C GLY A 405 31.33 -5.84 18.05
N ALA A 406 32.57 -5.61 17.64
CA ALA A 406 33.10 -4.26 17.56
C ALA A 406 32.82 -3.66 16.17
N ALA A 407 32.02 -2.60 16.15
CA ALA A 407 31.60 -2.00 14.89
C ALA A 407 32.79 -1.45 14.11
N GLU A 408 33.82 -1.04 14.84
CA GLU A 408 35.03 -0.45 14.24
C GLU A 408 35.73 -1.41 13.28
N GLU A 409 36.05 -2.60 13.78
CA GLU A 409 36.78 -3.59 12.99
C GLU A 409 35.93 -4.18 11.86
N GLN A 410 34.65 -4.43 12.13
CA GLN A 410 33.78 -5.11 11.17
C GLN A 410 33.79 -4.51 9.77
N LEU A 411 33.95 -3.19 9.67
CA LEU A 411 34.06 -2.54 8.38
C LEU A 411 35.33 -3.02 7.68
N PHE A 412 36.45 -2.90 8.36
CA PHE A 412 37.75 -3.27 7.81
C PHE A 412 37.94 -4.77 7.72
N GLY A 413 37.41 -5.49 8.71
CA GLY A 413 37.47 -6.93 8.71
C GLY A 413 36.76 -7.53 7.50
N LEU A 414 35.82 -6.78 6.96
CA LEU A 414 35.07 -7.25 5.79
C LEU A 414 35.88 -7.06 4.52
N LEU A 415 36.35 -5.83 4.27
CA LEU A 415 37.11 -5.56 3.06
C LEU A 415 38.52 -6.16 3.10
N HIS A 416 38.98 -6.51 4.30
CA HIS A 416 40.23 -7.25 4.43
C HIS A 416 40.10 -8.60 3.73
N ALA A 417 38.88 -9.10 3.68
CA ALA A 417 38.60 -10.41 3.09
C ALA A 417 38.42 -10.31 1.58
N LEU A 418 38.96 -9.25 0.99
CA LEU A 418 38.82 -9.01 -0.43
C LEU A 418 40.16 -8.59 -1.03
N PRO A 419 40.43 -9.02 -2.28
CA PRO A 419 41.62 -8.63 -3.04
C PRO A 419 41.82 -7.11 -3.06
N GLY A 420 42.71 -6.62 -2.21
CA GLY A 420 42.95 -5.19 -2.08
C GLY A 420 42.48 -4.69 -0.72
N GLY A 421 42.41 -5.60 0.24
CA GLY A 421 41.89 -5.31 1.56
C GLY A 421 42.54 -4.12 2.25
N GLN A 422 43.86 -4.19 2.41
CA GLN A 422 44.58 -3.11 3.06
C GLN A 422 44.62 -1.86 2.20
N ILE A 423 44.74 -2.04 0.89
CA ILE A 423 44.85 -0.91 -0.03
C ILE A 423 43.57 -0.07 -0.07
N MET A 424 42.44 -0.71 0.16
CA MET A 424 41.16 -0.01 0.21
C MET A 424 40.86 0.44 1.64
N GLY A 425 41.32 -0.35 2.61
CA GLY A 425 41.20 0.02 4.01
C GLY A 425 41.81 1.38 4.25
N ILE A 426 42.70 1.79 3.35
CA ILE A 426 43.33 3.10 3.43
C ILE A 426 42.37 4.21 3.03
N ILE A 427 41.75 4.09 1.85
CA ILE A 427 40.82 5.11 1.38
C ILE A 427 39.55 5.08 2.22
N ALA A 428 39.28 3.95 2.86
CA ALA A 428 38.18 3.85 3.80
C ALA A 428 38.51 4.67 5.03
N MET A 429 39.81 4.78 5.32
CA MET A 429 40.29 5.55 6.45
C MET A 429 40.36 7.03 6.12
N ILE A 430 40.70 7.34 4.88
CA ILE A 430 40.65 8.71 4.39
C ILE A 430 39.19 9.15 4.35
N LEU A 431 38.32 8.18 4.15
CA LEU A 431 36.89 8.41 4.04
C LEU A 431 36.28 8.82 5.38
N LEU A 432 36.34 7.91 6.36
CA LEU A 432 35.81 8.20 7.69
C LEU A 432 36.38 9.49 8.27
N GLY A 433 37.49 9.94 7.69
CA GLY A 433 38.09 11.21 8.09
C GLY A 433 37.39 12.39 7.46
N THR A 434 37.24 12.36 6.13
CA THR A 434 36.54 13.41 5.41
C THR A 434 35.04 13.33 5.67
N PHE A 435 34.53 12.12 5.74
CA PHE A 435 33.12 11.94 6.05
C PHE A 435 32.77 12.61 7.37
N PHE A 436 33.74 12.80 8.25
CA PHE A 436 33.41 13.49 9.51
C PHE A 436 33.38 15.01 9.34
N ILE A 437 34.47 15.57 8.84
CA ILE A 437 34.63 17.02 8.76
C ILE A 437 33.57 17.70 7.88
N THR A 438 32.88 16.91 7.06
CA THR A 438 31.79 17.45 6.25
C THR A 438 30.59 17.78 7.15
N SER A 439 30.51 17.08 8.28
CA SER A 439 29.44 17.33 9.24
C SER A 439 29.87 18.36 10.29
N ALA A 440 31.14 18.76 10.24
CA ALA A 440 31.65 19.74 11.19
C ALA A 440 31.93 21.08 10.50
N ASP A 441 32.45 21.01 9.27
CA ASP A 441 32.74 22.21 8.51
C ASP A 441 31.46 22.93 8.11
N SER A 442 30.45 22.17 7.70
CA SER A 442 29.14 22.72 7.40
C SER A 442 28.45 23.13 8.70
N ALA A 443 28.50 22.25 9.69
CA ALA A 443 27.88 22.52 10.99
C ALA A 443 28.35 23.84 11.55
N SER A 444 29.67 24.04 11.55
CA SER A 444 30.25 25.29 12.05
C SER A 444 29.71 26.49 11.29
N THR A 445 29.74 26.39 9.95
CA THR A 445 29.14 27.41 9.10
C THR A 445 27.78 27.83 9.64
N VAL A 446 26.96 26.83 9.94
CA VAL A 446 25.59 27.03 10.41
C VAL A 446 25.51 27.64 11.81
N MET A 447 26.14 26.99 12.78
CA MET A 447 26.11 27.49 14.15
C MET A 447 26.64 28.92 14.23
N GLY A 448 27.56 29.24 13.32
CA GLY A 448 28.09 30.59 13.23
C GLY A 448 27.08 31.53 12.62
N THR A 449 26.21 30.97 11.76
CA THR A 449 25.13 31.73 11.15
C THR A 449 24.03 32.04 12.18
N MET A 450 23.78 31.09 13.07
CA MET A 450 22.77 31.28 14.09
C MET A 450 23.32 32.03 15.31
N SER A 451 24.55 32.52 15.20
CA SER A 451 25.13 33.36 16.24
C SER A 451 25.20 34.83 15.79
N GLN A 452 25.28 35.04 14.48
CA GLN A 452 25.31 36.38 13.92
C GLN A 452 24.02 36.76 13.19
N HIS A 453 22.90 36.64 13.91
CA HIS A 453 21.60 37.08 13.42
C HIS A 453 21.18 36.44 12.09
N GLY A 454 21.75 35.29 11.77
CA GLY A 454 21.36 34.56 10.59
C GLY A 454 21.81 35.16 9.28
N GLN A 455 23.12 35.33 9.12
CA GLN A 455 23.67 35.78 7.85
C GLN A 455 24.16 34.59 7.04
N LEU A 456 24.66 34.83 5.84
CA LEU A 456 25.07 33.73 4.96
C LEU A 456 26.55 33.77 4.58
N GLU A 457 27.26 34.83 4.98
CA GLU A 457 28.66 34.98 4.60
C GLU A 457 29.60 34.23 5.54
N ALA A 458 30.81 33.95 5.05
CA ALA A 458 31.80 33.18 5.79
C ALA A 458 32.11 33.81 7.15
N ASN A 459 32.94 34.85 7.13
CA ASN A 459 33.33 35.57 8.35
C ASN A 459 34.42 34.84 9.13
N LYS A 460 35.21 34.03 8.43
CA LYS A 460 36.26 33.22 9.04
C LYS A 460 36.01 32.86 10.51
N TRP A 461 36.53 33.68 11.42
CA TRP A 461 36.33 33.44 12.85
C TRP A 461 34.85 33.50 13.20
N VAL A 462 34.52 33.44 14.49
CA VAL A 462 33.15 33.24 14.93
C VAL A 462 32.72 31.83 14.55
N THR A 463 32.71 31.56 13.25
CA THR A 463 32.55 30.21 12.74
C THR A 463 33.71 29.35 13.21
N ALA A 464 34.91 29.90 13.08
CA ALA A 464 36.13 29.23 13.57
C ALA A 464 36.18 29.26 15.08
N ALA A 465 35.54 30.27 15.69
CA ALA A 465 35.48 30.39 17.14
C ALA A 465 34.56 29.32 17.71
N TRP A 466 33.50 29.00 16.99
CA TRP A 466 32.58 27.94 17.36
C TRP A 466 33.22 26.57 17.16
N GLY A 467 34.15 26.50 16.22
CA GLY A 467 34.84 25.26 15.90
C GLY A 467 35.83 24.82 16.97
N VAL A 468 36.72 25.74 17.35
CA VAL A 468 37.71 25.43 18.38
C VAL A 468 37.03 25.20 19.73
N ALA A 469 35.97 25.96 19.99
CA ALA A 469 35.21 25.82 21.22
C ALA A 469 34.44 24.52 21.23
N THR A 470 34.11 24.03 20.04
CA THR A 470 33.51 22.71 19.89
C THR A 470 34.51 21.64 20.31
N ALA A 471 35.73 21.75 19.79
CA ALA A 471 36.78 20.78 20.12
C ALA A 471 37.12 20.78 21.60
N ALA A 472 36.90 21.93 22.24
CA ALA A 472 37.16 22.06 23.68
C ALA A 472 36.53 20.92 24.47
N ILE A 473 35.21 20.77 24.36
CA ILE A 473 34.51 19.68 25.04
C ILE A 473 34.89 18.32 24.47
N GLY A 474 35.15 18.28 23.17
CA GLY A 474 35.54 17.04 22.51
C GLY A 474 36.64 16.31 23.23
N LEU A 475 37.69 17.04 23.61
CA LEU A 475 38.83 16.42 24.29
C LEU A 475 38.92 16.76 25.78
N THR A 476 38.05 17.65 26.25
CA THR A 476 37.95 17.91 27.68
C THR A 476 37.07 16.86 28.33
N LEU A 477 35.91 16.60 27.73
CA LEU A 477 35.03 15.53 28.18
C LEU A 477 35.77 14.20 28.17
N LEU A 478 36.55 13.99 27.11
CA LEU A 478 37.30 12.76 26.94
C LEU A 478 38.04 12.36 28.21
N LEU A 479 38.56 13.37 28.93
CA LEU A 479 39.29 13.12 30.17
C LEU A 479 38.35 13.03 31.38
N SER A 480 38.68 12.11 32.28
CA SER A 480 37.86 11.87 33.47
C SER A 480 36.46 11.41 33.09
N GLY A 481 36.34 10.15 32.70
CA GLY A 481 35.07 9.57 32.30
C GLY A 481 35.24 8.46 31.29
N GLY A 482 36.35 8.49 30.56
CA GLY A 482 36.64 7.49 29.56
C GLY A 482 35.69 7.57 28.37
N ASP A 483 35.28 6.41 27.87
CA ASP A 483 34.35 6.35 26.75
C ASP A 483 32.99 6.89 27.19
N ASN A 484 32.63 6.62 28.43
CA ASN A 484 31.36 7.07 28.98
C ASN A 484 31.17 8.58 28.86
N ALA A 485 32.27 9.31 28.84
CA ALA A 485 32.22 10.76 28.74
C ALA A 485 31.46 11.20 27.49
N LEU A 486 31.99 10.84 26.32
CA LEU A 486 31.36 11.22 25.06
C LEU A 486 30.10 10.41 24.78
N SER A 487 30.03 9.21 25.35
CA SER A 487 28.88 8.34 25.14
C SER A 487 27.66 8.81 25.94
N ASN A 488 27.91 9.46 27.08
CA ASN A 488 26.84 9.99 27.91
C ASN A 488 26.54 11.44 27.57
N LEU A 489 27.54 12.15 27.07
CA LEU A 489 27.36 13.53 26.61
C LEU A 489 26.44 13.51 25.39
N GLN A 490 26.77 12.68 24.41
CA GLN A 490 26.00 12.57 23.18
C GLN A 490 24.62 11.98 23.46
N ASN A 491 24.44 11.47 24.68
CA ASN A 491 23.12 11.07 25.15
C ASN A 491 22.36 12.29 25.66
N VAL A 492 23.06 13.11 26.44
CA VAL A 492 22.48 14.34 26.99
C VAL A 492 22.11 15.30 25.87
N THR A 493 23.00 15.42 24.88
CA THR A 493 22.77 16.24 23.71
C THR A 493 21.37 15.97 23.15
N ILE A 494 21.01 14.69 23.15
CA ILE A 494 19.71 14.23 22.66
C ILE A 494 18.59 14.60 23.61
N VAL A 495 18.80 14.35 24.90
CA VAL A 495 17.77 14.65 25.91
C VAL A 495 17.44 16.13 25.95
N ALA A 496 18.41 16.98 25.59
CA ALA A 496 18.17 18.41 25.56
C ALA A 496 17.80 18.87 24.16
N ALA A 497 17.59 17.91 23.26
CA ALA A 497 17.22 18.20 21.88
C ALA A 497 15.90 17.55 21.51
N THR A 498 15.27 16.88 22.48
CA THR A 498 13.99 16.22 22.24
C THR A 498 12.84 17.23 22.05
N PRO A 499 12.93 18.40 22.70
CA PRO A 499 11.90 19.41 22.41
C PRO A 499 11.87 19.75 20.92
N PHE A 500 12.99 19.54 20.24
CA PHE A 500 13.06 19.76 18.80
C PHE A 500 12.04 18.93 18.03
N LEU A 501 11.73 17.74 18.55
CA LEU A 501 10.66 16.92 18.01
C LEU A 501 9.41 17.77 17.81
N PHE A 502 8.97 18.40 18.89
CA PHE A 502 7.79 19.26 18.85
C PHE A 502 7.96 20.42 17.87
N VAL A 503 9.21 20.87 17.70
CA VAL A 503 9.51 21.93 16.75
C VAL A 503 9.28 21.50 15.31
N VAL A 504 9.77 20.31 14.96
CA VAL A 504 9.56 19.77 13.63
C VAL A 504 8.07 19.43 13.41
N ILE A 505 7.36 19.20 14.51
CA ILE A 505 5.91 19.01 14.44
C ILE A 505 5.24 20.32 14.03
N GLY A 506 5.50 21.36 14.81
CA GLY A 506 4.91 22.66 14.56
C GLY A 506 5.37 23.29 13.26
N LEU A 507 6.56 22.88 12.81
CA LEU A 507 7.14 23.39 11.57
C LEU A 507 6.28 22.97 10.38
N MET A 508 5.50 21.91 10.57
CA MET A 508 4.51 21.49 9.57
C MET A 508 3.41 22.53 9.48
N PHE A 509 2.90 22.95 10.63
CA PHE A 509 1.84 23.93 10.68
C PHE A 509 2.28 25.29 10.14
N ALA A 510 3.56 25.61 10.35
CA ALA A 510 4.12 26.85 9.83
C ALA A 510 4.42 26.75 8.34
N LEU A 511 5.06 25.66 7.95
CA LEU A 511 5.45 25.44 6.56
C LEU A 511 4.25 25.49 5.61
N VAL A 512 3.07 25.22 6.15
CA VAL A 512 1.87 25.22 5.32
C VAL A 512 1.07 26.52 5.46
N LYS A 513 1.05 27.07 6.67
CA LYS A 513 0.37 28.34 6.92
C LYS A 513 1.11 29.44 6.17
N ASP A 514 2.43 29.33 6.19
CA ASP A 514 3.30 30.22 5.44
C ASP A 514 3.13 29.95 3.96
N LEU A 515 3.43 28.72 3.55
CA LEU A 515 3.36 28.32 2.14
C LEU A 515 2.06 28.76 1.46
N SER A 516 0.97 28.70 2.21
CA SER A 516 -0.36 28.97 1.66
C SER A 516 -0.64 30.47 1.50
N ASN A 517 0.29 31.30 1.95
CA ASN A 517 0.18 32.75 1.77
C ASN A 517 1.07 33.24 0.64
N ASP A 518 1.67 32.30 -0.09
CA ASP A 518 2.50 32.65 -1.23
C ASP A 518 1.66 33.34 -2.29
N VAL A 519 2.21 34.39 -2.89
CA VAL A 519 1.51 35.14 -3.93
C VAL A 519 0.98 34.24 -5.04
N ILE A 520 1.89 33.53 -5.72
CA ILE A 520 1.50 32.63 -6.79
C ILE A 520 0.32 31.75 -6.39
N TYR A 521 0.30 31.33 -5.12
CA TYR A 521 -0.78 30.48 -4.64
C TYR A 521 -2.06 31.27 -4.36
N LEU A 522 -1.96 32.33 -3.56
CA LEU A 522 -3.09 33.20 -3.31
C LEU A 522 -3.74 33.64 -4.61
N GLU A 523 -2.91 33.89 -5.63
CA GLU A 523 -3.37 34.29 -6.94
C GLU A 523 -4.03 33.12 -7.67
N TYR A 524 -3.58 31.90 -7.35
CA TYR A 524 -4.12 30.69 -7.95
C TYR A 524 -5.54 30.43 -7.49
N ARG A 525 -5.74 30.37 -6.18
CA ARG A 525 -7.07 30.04 -5.64
C ARG A 525 -8.04 31.19 -5.84
N GLU A 526 -7.53 32.41 -5.85
CA GLU A 526 -8.36 33.59 -6.10
C GLU A 526 -8.95 33.53 -7.50
N GLN A 527 -8.17 33.00 -8.44
CA GLN A 527 -8.66 32.79 -9.80
C GLN A 527 -9.74 31.71 -9.81
N GLN A 528 -9.55 30.67 -9.01
CA GLN A 528 -10.52 29.59 -8.91
C GLN A 528 -11.85 30.09 -8.33
N ARG A 529 -11.76 30.86 -7.24
CA ARG A 529 -12.94 31.46 -6.65
C ARG A 529 -13.74 32.25 -7.68
N PHE A 530 -13.06 33.14 -8.40
CA PHE A 530 -13.67 33.95 -9.45
C PHE A 530 -14.33 33.09 -10.51
N ASN A 531 -13.64 32.03 -10.92
CA ASN A 531 -14.16 31.13 -11.94
C ASN A 531 -15.42 30.39 -11.47
N ALA A 532 -15.48 30.08 -10.18
CA ALA A 532 -16.65 29.42 -9.62
C ALA A 532 -17.86 30.34 -9.67
N ARG A 533 -17.65 31.61 -9.33
CA ARG A 533 -18.71 32.61 -9.38
C ARG A 533 -19.18 32.86 -10.81
N LEU A 534 -18.23 33.17 -11.69
CA LEU A 534 -18.54 33.47 -13.09
C LEU A 534 -19.31 32.34 -13.77
N ALA A 535 -18.79 31.12 -13.64
CA ALA A 535 -19.42 29.95 -14.24
C ALA A 535 -20.84 29.77 -13.72
N ARG A 536 -21.03 30.03 -12.43
CA ARG A 536 -22.35 29.93 -11.83
C ARG A 536 -23.27 30.99 -12.42
N GLU A 537 -22.68 32.13 -12.75
CA GLU A 537 -23.44 33.23 -13.33
C GLU A 537 -23.97 32.82 -14.70
N ARG A 538 -23.11 32.26 -15.54
CA ARG A 538 -23.53 31.77 -16.84
C ARG A 538 -24.62 30.71 -16.71
N ARG A 539 -24.35 29.73 -15.86
CA ARG A 539 -25.30 28.64 -15.62
C ARG A 539 -26.68 29.15 -15.21
N VAL A 540 -26.71 30.04 -14.22
CA VAL A 540 -27.98 30.43 -13.62
C VAL A 540 -28.79 31.37 -14.50
N HIS A 541 -28.16 31.90 -15.55
CA HIS A 541 -28.87 32.77 -16.50
C HIS A 541 -29.32 32.00 -17.73
N ASN A 542 -28.93 30.74 -17.80
CA ASN A 542 -29.34 29.90 -18.90
C ASN A 542 -30.60 29.13 -18.52
N GLU A 543 -30.62 28.62 -17.30
CA GLU A 543 -31.79 27.92 -16.78
C GLU A 543 -32.98 28.87 -16.67
N HIS A 544 -32.75 30.14 -16.97
CA HIS A 544 -33.82 31.13 -17.05
C HIS A 544 -34.31 31.24 -18.47
N ARG A 545 -33.37 31.52 -19.38
CA ARG A 545 -33.68 31.62 -20.79
C ARG A 545 -34.47 30.42 -21.27
N LYS A 546 -33.92 29.23 -21.04
CA LYS A 546 -34.53 28.02 -21.57
C LYS A 546 -35.77 27.58 -20.79
N ARG A 547 -35.95 28.13 -19.59
CA ARG A 547 -37.13 27.78 -18.79
C ARG A 547 -38.33 28.65 -19.17
N GLU A 548 -38.07 29.84 -19.68
CA GLU A 548 -39.13 30.70 -20.19
C GLU A 548 -39.25 30.51 -21.71
N LEU A 549 -38.12 30.23 -22.35
CA LEU A 549 -38.10 29.83 -23.75
C LEU A 549 -38.92 28.56 -23.90
N ALA A 550 -39.00 27.78 -22.82
CA ALA A 550 -39.78 26.54 -22.82
C ALA A 550 -41.20 26.79 -22.35
N ALA A 551 -41.50 28.03 -21.99
CA ALA A 551 -42.87 28.42 -21.68
C ALA A 551 -43.48 29.04 -22.93
N LYS A 552 -42.62 29.33 -23.91
CA LYS A 552 -43.04 29.81 -25.21
C LYS A 552 -43.62 28.65 -26.02
N ARG A 553 -43.25 27.44 -25.62
CA ARG A 553 -43.80 26.23 -26.22
C ARG A 553 -44.95 25.71 -25.37
N ARG A 554 -45.82 26.62 -24.94
CA ARG A 554 -46.98 26.27 -24.12
C ARG A 554 -47.71 25.05 -24.69
N SER B 28 8.91 -6.53 -51.63
CA SER B 28 9.28 -6.29 -50.24
C SER B 28 9.13 -7.56 -49.41
N LEU B 29 10.13 -8.44 -49.50
CA LEU B 29 10.11 -9.69 -48.74
C LEU B 29 11.22 -9.71 -47.70
N ASN B 30 11.67 -8.53 -47.29
CA ASN B 30 12.66 -8.39 -46.21
C ASN B 30 12.92 -9.72 -45.51
N TRP B 31 14.02 -10.41 -45.83
CA TRP B 31 15.14 -9.94 -46.66
C TRP B 31 16.14 -9.19 -45.79
N SER B 32 17.43 -9.48 -46.00
CA SER B 32 18.49 -8.86 -45.20
C SER B 32 18.47 -9.32 -43.74
N VAL B 33 17.31 -9.77 -43.27
CA VAL B 33 17.16 -10.19 -41.87
C VAL B 33 16.64 -11.62 -41.77
N ILE B 34 15.94 -12.07 -42.81
CA ILE B 34 15.42 -13.43 -42.85
C ILE B 34 16.54 -14.45 -43.01
N VAL B 35 17.59 -14.06 -43.71
CA VAL B 35 18.75 -14.93 -43.90
C VAL B 35 19.36 -15.32 -42.55
N PRO B 36 19.77 -14.33 -41.74
CA PRO B 36 20.35 -14.66 -40.44
C PRO B 36 19.37 -15.43 -39.55
N ALA B 37 18.09 -15.14 -39.69
CA ALA B 37 17.06 -15.84 -38.92
C ALA B 37 16.97 -17.30 -39.35
N LEU B 38 16.53 -17.51 -40.59
CA LEU B 38 16.31 -18.86 -41.11
C LEU B 38 17.51 -19.78 -40.90
N VAL B 39 18.71 -19.22 -40.97
CA VAL B 39 19.93 -20.02 -40.82
C VAL B 39 20.22 -20.34 -39.37
N ILE B 40 19.82 -19.46 -38.45
CA ILE B 40 20.02 -19.69 -37.03
C ILE B 40 18.98 -20.63 -36.45
N VAL B 41 17.73 -20.43 -36.84
CA VAL B 41 16.65 -21.35 -36.46
C VAL B 41 16.92 -22.72 -37.07
N LEU B 42 17.72 -22.74 -38.14
CA LEU B 42 18.08 -23.98 -38.81
C LEU B 42 19.33 -24.60 -38.18
N ALA B 43 20.24 -23.75 -37.72
CA ALA B 43 21.48 -24.21 -37.12
C ALA B 43 21.22 -24.89 -35.77
N THR B 44 20.27 -24.35 -35.02
CA THR B 44 19.94 -24.88 -33.71
C THR B 44 19.18 -26.20 -33.81
N VAL B 45 18.31 -26.31 -34.83
CA VAL B 45 17.53 -27.52 -35.03
C VAL B 45 18.41 -28.65 -35.56
N VAL B 46 19.58 -28.31 -36.07
CA VAL B 46 20.58 -29.29 -36.46
C VAL B 46 21.40 -29.67 -35.25
N TRP B 47 21.59 -28.72 -34.35
CA TRP B 47 22.31 -28.95 -33.11
C TRP B 47 21.49 -29.83 -32.18
N GLY B 48 20.18 -29.86 -32.41
CA GLY B 48 19.27 -30.61 -31.57
C GLY B 48 19.12 -32.07 -32.00
N ILE B 49 19.07 -32.29 -33.31
CA ILE B 49 18.90 -33.65 -33.84
C ILE B 49 20.25 -34.28 -34.18
N GLY B 50 21.24 -33.44 -34.47
CA GLY B 50 22.56 -33.92 -34.86
C GLY B 50 23.45 -34.20 -33.67
N PHE B 51 24.30 -33.23 -33.34
CA PHE B 51 25.25 -33.38 -32.24
C PHE B 51 24.59 -34.00 -31.01
N LYS B 52 23.50 -33.40 -30.55
CA LYS B 52 22.78 -33.88 -29.38
C LYS B 52 23.65 -33.88 -28.12
N ASP B 53 23.02 -33.93 -26.96
CA ASP B 53 23.72 -33.91 -25.68
C ASP B 53 24.45 -32.59 -25.44
N SER B 54 25.31 -32.21 -26.38
CA SER B 54 26.00 -30.92 -26.29
C SER B 54 24.98 -29.79 -26.39
N PHE B 55 23.81 -30.12 -26.93
CA PHE B 55 22.70 -29.17 -27.02
C PHE B 55 21.76 -29.34 -25.84
N THR B 56 21.69 -30.55 -25.31
CA THR B 56 20.91 -30.83 -24.11
C THR B 56 21.68 -30.29 -22.90
N ASN B 57 22.96 -30.02 -23.12
CA ASN B 57 23.82 -29.44 -22.10
C ASN B 57 23.55 -27.95 -21.99
N PHE B 58 23.55 -27.29 -23.15
CA PHE B 58 23.29 -25.86 -23.23
C PHE B 58 21.98 -25.50 -22.54
N ALA B 59 20.87 -26.01 -23.09
CA ALA B 59 19.53 -25.68 -22.60
C ALA B 59 19.41 -25.64 -21.08
N SER B 60 19.87 -26.70 -20.42
CA SER B 60 19.70 -26.82 -18.97
C SER B 60 20.80 -26.09 -18.18
N SER B 61 21.76 -25.51 -18.88
CA SER B 61 22.88 -24.81 -18.24
C SER B 61 22.90 -23.34 -18.63
N ALA B 62 22.55 -23.06 -19.88
CA ALA B 62 22.44 -21.67 -20.34
C ALA B 62 21.31 -20.99 -19.62
N LEU B 63 20.15 -21.66 -19.57
CA LEU B 63 18.99 -21.15 -18.85
C LEU B 63 19.34 -20.91 -17.38
N SER B 64 20.02 -21.87 -16.76
CA SER B 64 20.41 -21.71 -15.37
C SER B 64 21.46 -20.62 -15.22
N ALA B 65 22.10 -20.26 -16.32
CA ALA B 65 23.12 -19.22 -16.31
C ALA B 65 22.48 -17.83 -16.29
N VAL B 66 21.52 -17.61 -17.18
CA VAL B 66 20.81 -16.34 -17.24
C VAL B 66 19.99 -16.13 -15.97
N VAL B 67 19.36 -17.19 -15.48
CA VAL B 67 18.54 -17.11 -14.29
C VAL B 67 19.37 -16.85 -13.03
N ASP B 68 20.64 -17.28 -13.04
CA ASP B 68 21.54 -17.05 -11.91
C ASP B 68 22.08 -15.62 -11.93
N ASN B 69 22.37 -15.11 -13.12
CA ASN B 69 23.01 -13.81 -13.27
C ASN B 69 22.05 -12.66 -13.57
N LEU B 70 21.13 -12.88 -14.51
CA LEU B 70 20.15 -11.87 -14.87
C LEU B 70 18.87 -11.96 -14.03
N GLY B 71 18.86 -12.90 -13.09
CA GLY B 71 17.73 -13.07 -12.21
C GLY B 71 17.29 -11.77 -11.57
N TRP B 72 18.26 -11.03 -11.02
CA TRP B 72 17.98 -9.77 -10.33
C TRP B 72 17.33 -8.75 -11.26
N ALA B 73 17.65 -8.82 -12.55
CA ALA B 73 17.17 -7.84 -13.52
C ALA B 73 15.76 -8.14 -14.02
N PHE B 74 15.34 -9.40 -13.87
CA PHE B 74 13.99 -9.79 -14.27
C PHE B 74 12.98 -9.34 -13.22
N ILE B 75 13.23 -9.66 -11.96
CA ILE B 75 12.27 -9.35 -10.90
C ILE B 75 12.25 -7.88 -10.49
N LEU B 76 13.31 -7.13 -10.80
CA LEU B 76 13.33 -5.69 -10.48
C LEU B 76 12.61 -4.89 -11.55
N PHE B 77 13.07 -5.00 -12.79
CA PHE B 77 12.43 -4.33 -13.89
C PHE B 77 11.12 -5.01 -14.22
N GLY B 78 10.86 -6.14 -13.57
CA GLY B 78 9.61 -6.84 -13.73
C GLY B 78 8.48 -6.11 -13.02
N THR B 79 8.81 -5.45 -11.91
CA THR B 79 7.82 -4.70 -11.14
C THR B 79 7.84 -3.22 -11.52
N VAL B 80 8.90 -2.81 -12.20
CA VAL B 80 8.96 -1.45 -12.76
C VAL B 80 8.13 -1.39 -14.03
N PHE B 81 8.09 -2.50 -14.77
CA PHE B 81 7.24 -2.57 -15.95
C PHE B 81 5.77 -2.36 -15.58
N VAL B 82 5.40 -2.82 -14.39
CA VAL B 82 4.01 -2.74 -13.94
C VAL B 82 3.63 -1.35 -13.47
N PHE B 83 4.51 -0.69 -12.71
CA PHE B 83 4.22 0.66 -12.24
C PHE B 83 4.37 1.70 -13.34
N PHE B 84 5.14 1.37 -14.37
CA PHE B 84 5.37 2.28 -15.48
C PHE B 84 4.11 2.48 -16.35
N ILE B 85 3.47 1.38 -16.77
CA ILE B 85 2.28 1.51 -17.60
C ILE B 85 1.10 2.06 -16.81
N VAL B 86 1.06 1.76 -15.51
CA VAL B 86 0.03 2.33 -14.66
C VAL B 86 0.19 3.85 -14.62
N VAL B 87 1.40 4.28 -14.28
CA VAL B 87 1.70 5.72 -14.26
C VAL B 87 1.39 6.36 -15.61
N ILE B 88 1.82 5.71 -16.69
CA ILE B 88 1.62 6.27 -18.02
C ILE B 88 0.15 6.31 -18.44
N ALA B 89 -0.62 5.31 -18.03
CA ALA B 89 -2.02 5.26 -18.37
C ALA B 89 -2.80 6.28 -17.54
N ALA B 90 -2.32 6.54 -16.33
CA ALA B 90 -3.00 7.48 -15.44
C ALA B 90 -2.57 8.90 -15.74
N SER B 91 -1.64 9.05 -16.68
CA SER B 91 -1.12 10.36 -17.05
C SER B 91 -1.89 10.97 -18.21
N LYS B 92 -1.55 12.20 -18.55
CA LYS B 92 -2.17 12.89 -19.68
C LYS B 92 -2.08 12.06 -20.96
N PHE B 93 -0.94 11.41 -21.16
CA PHE B 93 -0.70 10.61 -22.36
C PHE B 93 -1.78 9.56 -22.57
N GLY B 94 -2.47 9.20 -21.49
CA GLY B 94 -3.52 8.21 -21.55
C GLY B 94 -4.64 8.63 -22.49
N THR B 95 -4.90 9.93 -22.54
CA THR B 95 -6.01 10.45 -23.34
C THR B 95 -5.70 10.46 -24.84
N ILE B 96 -4.44 10.65 -25.19
CA ILE B 96 -4.05 10.75 -26.60
C ILE B 96 -4.34 9.46 -27.37
N ARG B 97 -5.17 9.57 -28.40
CA ARG B 97 -5.56 8.42 -29.21
C ARG B 97 -4.35 7.91 -29.99
N LEU B 98 -4.46 6.69 -30.51
CA LEU B 98 -3.38 6.12 -31.31
C LEU B 98 -3.75 6.11 -32.80
N GLY B 99 -4.16 7.27 -33.30
CA GLY B 99 -4.53 7.42 -34.70
C GLY B 99 -4.30 8.84 -35.18
N ARG B 100 -5.09 9.29 -36.15
CA ARG B 100 -5.01 10.66 -36.63
C ARG B 100 -5.61 11.60 -35.58
N ILE B 101 -6.71 11.15 -34.97
CA ILE B 101 -7.40 11.87 -33.89
C ILE B 101 -8.84 11.37 -33.85
N ASP B 102 -9.45 11.25 -35.02
CA ASP B 102 -10.76 10.65 -35.17
C ASP B 102 -10.61 9.36 -35.97
N GLU B 103 -10.84 8.23 -35.33
CA GLU B 103 -10.68 6.95 -35.98
C GLU B 103 -11.27 5.83 -35.14
N ALA B 104 -12.52 5.48 -35.42
CA ALA B 104 -13.19 4.40 -34.70
C ALA B 104 -12.41 3.10 -34.84
N PRO B 105 -12.20 2.40 -33.71
CA PRO B 105 -11.43 1.16 -33.65
C PRO B 105 -11.83 0.18 -34.75
N GLU B 106 -10.85 -0.37 -35.44
CA GLU B 106 -11.07 -1.31 -36.53
C GLU B 106 -11.97 -2.48 -36.11
N PHE B 107 -11.64 -3.11 -35.00
CA PHE B 107 -12.45 -4.23 -34.49
C PHE B 107 -13.34 -3.76 -33.35
N ARG B 108 -14.31 -4.59 -32.97
CA ARG B 108 -15.23 -4.22 -31.91
C ARG B 108 -14.58 -4.37 -30.54
N THR B 109 -15.35 -4.14 -29.47
CA THR B 109 -14.82 -4.17 -28.11
C THR B 109 -14.54 -5.59 -27.60
N VAL B 110 -15.60 -6.38 -27.42
CA VAL B 110 -15.45 -7.75 -26.95
C VAL B 110 -14.99 -8.65 -28.10
N SER B 111 -13.72 -8.53 -28.44
CA SER B 111 -13.09 -9.22 -29.55
C SER B 111 -11.78 -8.51 -29.77
N TRP B 112 -11.82 -7.19 -29.58
CA TRP B 112 -10.60 -6.43 -29.36
C TRP B 112 -9.90 -7.12 -28.19
N ILE B 113 -10.68 -7.37 -27.13
CA ILE B 113 -10.20 -8.07 -25.95
C ILE B 113 -9.87 -9.52 -26.26
N SER B 114 -10.87 -10.27 -26.71
CA SER B 114 -10.70 -11.69 -27.03
C SER B 114 -9.42 -11.92 -27.82
N MET B 115 -9.19 -11.09 -28.83
CA MET B 115 -8.01 -11.20 -29.68
C MET B 115 -6.72 -11.03 -28.89
N MET B 116 -6.73 -10.08 -27.96
CA MET B 116 -5.55 -9.81 -27.15
C MET B 116 -5.25 -11.00 -26.22
N PHE B 117 -6.25 -11.39 -25.45
CA PHE B 117 -6.08 -12.49 -24.53
C PHE B 117 -5.73 -13.77 -25.26
N ALA B 118 -6.58 -14.12 -26.23
CA ALA B 118 -6.42 -15.36 -26.98
C ALA B 118 -5.21 -15.37 -27.91
N ALA B 119 -4.44 -14.28 -27.93
CA ALA B 119 -3.24 -14.23 -28.76
C ALA B 119 -1.97 -14.30 -27.92
N GLY B 120 -2.01 -13.72 -26.72
CA GLY B 120 -0.85 -13.72 -25.84
C GLY B 120 -0.77 -14.98 -25.02
N MET B 121 -1.93 -15.43 -24.54
CA MET B 121 -2.03 -16.61 -23.68
C MET B 121 -1.93 -17.90 -24.48
N GLY B 122 -1.07 -18.82 -24.04
CA GLY B 122 -0.93 -20.11 -24.69
C GLY B 122 -1.86 -21.14 -24.09
N ILE B 123 -1.49 -22.42 -24.20
CA ILE B 123 -2.31 -23.51 -23.72
C ILE B 123 -2.14 -23.71 -22.22
N ASP B 124 -1.02 -23.24 -21.69
CA ASP B 124 -0.65 -23.47 -20.31
C ASP B 124 -1.68 -22.95 -19.30
N LEU B 125 -2.41 -21.91 -19.65
CA LEU B 125 -3.45 -21.38 -18.78
C LEU B 125 -4.48 -22.46 -18.50
N MET B 126 -4.60 -23.40 -19.43
CA MET B 126 -5.56 -24.48 -19.32
C MET B 126 -5.25 -25.42 -18.16
N PHE B 127 -3.97 -25.78 -18.05
CA PHE B 127 -3.55 -26.73 -17.02
C PHE B 127 -3.18 -26.03 -15.74
N TYR B 128 -2.31 -25.04 -15.84
CA TYR B 128 -1.80 -24.31 -14.68
C TYR B 128 -2.90 -23.63 -13.87
N GLY B 129 -4.06 -23.41 -14.48
CA GLY B 129 -5.19 -22.87 -13.75
C GLY B 129 -5.51 -23.76 -12.57
N THR B 130 -5.21 -25.04 -12.70
CA THR B 130 -5.46 -26.02 -11.66
C THR B 130 -4.17 -26.35 -10.90
N THR B 131 -3.14 -26.75 -11.64
CA THR B 131 -1.85 -27.10 -11.05
C THR B 131 -1.19 -25.99 -10.24
N GLU B 132 -1.13 -24.79 -10.82
CA GLU B 132 -0.42 -23.66 -10.20
C GLU B 132 -0.86 -23.41 -8.76
N PRO B 133 -2.18 -23.26 -8.54
CA PRO B 133 -2.69 -23.07 -7.17
C PRO B 133 -2.52 -24.33 -6.31
N LEU B 134 -2.91 -25.48 -6.86
CA LEU B 134 -2.83 -26.73 -6.09
C LEU B 134 -1.41 -27.01 -5.60
N THR B 135 -0.45 -26.95 -6.52
CA THR B 135 0.95 -27.14 -6.17
C THR B 135 1.39 -26.22 -5.03
N PHE B 136 1.20 -24.90 -5.18
CA PHE B 136 1.65 -23.96 -4.17
C PHE B 136 1.02 -24.24 -2.82
N TYR B 137 -0.24 -24.68 -2.83
CA TYR B 137 -0.92 -25.04 -1.59
C TYR B 137 -0.23 -26.23 -0.94
N ARG B 138 -0.19 -27.34 -1.67
CA ARG B 138 0.45 -28.57 -1.18
C ARG B 138 1.85 -28.33 -0.63
N ASN B 139 2.72 -27.74 -1.44
CA ASN B 139 4.14 -27.62 -1.10
C ASN B 139 4.51 -26.37 -0.31
N GLY B 140 3.77 -25.28 -0.52
CA GLY B 140 4.14 -24.01 0.06
C GLY B 140 5.14 -23.32 -0.83
N VAL B 141 5.34 -22.02 -0.60
CA VAL B 141 6.30 -21.26 -1.37
C VAL B 141 7.34 -20.67 -0.43
N PRO B 142 8.54 -20.38 -0.95
CA PRO B 142 9.63 -19.81 -0.16
C PRO B 142 9.13 -18.76 0.83
N GLY B 143 9.55 -18.86 2.08
CA GLY B 143 9.18 -17.88 3.09
C GLY B 143 7.78 -18.06 3.62
N HIS B 144 7.22 -19.24 3.38
CA HIS B 144 5.86 -19.53 3.83
C HIS B 144 5.66 -21.02 4.11
N ASP B 145 4.84 -21.31 5.12
CA ASP B 145 4.47 -22.68 5.41
C ASP B 145 3.52 -23.19 4.33
N GLU B 146 3.34 -24.50 4.26
CA GLU B 146 2.48 -25.08 3.23
C GLU B 146 1.02 -24.99 3.65
N HIS B 147 0.14 -25.35 2.72
CA HIS B 147 -1.30 -25.35 2.97
C HIS B 147 -1.85 -23.96 3.28
N ASN B 148 -1.13 -22.92 2.83
CA ASN B 148 -1.61 -21.54 2.95
C ASN B 148 -2.42 -21.19 1.71
N VAL B 149 -3.74 -21.08 1.87
CA VAL B 149 -4.63 -20.79 0.75
C VAL B 149 -4.37 -19.41 0.15
N GLY B 150 -4.20 -18.42 1.03
CA GLY B 150 -3.98 -17.06 0.59
C GLY B 150 -2.74 -16.93 -0.26
N VAL B 151 -1.62 -17.38 0.28
CA VAL B 151 -0.34 -17.35 -0.41
C VAL B 151 -0.40 -18.12 -1.71
N ALA B 152 -1.22 -19.17 -1.72
CA ALA B 152 -1.36 -20.04 -2.89
C ALA B 152 -2.00 -19.31 -4.07
N MET B 153 -3.11 -18.64 -3.81
CA MET B 153 -3.79 -17.87 -4.84
C MET B 153 -2.96 -16.67 -5.25
N SER B 154 -2.42 -15.97 -4.25
CA SER B 154 -1.58 -14.79 -4.47
C SER B 154 -0.43 -15.06 -5.44
N THR B 155 0.36 -16.09 -5.16
CA THR B 155 1.55 -16.34 -5.95
C THR B 155 1.19 -16.67 -7.39
N THR B 156 0.10 -17.41 -7.56
CA THR B 156 -0.39 -17.74 -8.91
C THR B 156 -0.80 -16.48 -9.66
N MET B 157 -1.48 -15.57 -8.99
CA MET B 157 -1.88 -14.33 -9.62
C MET B 157 -0.64 -13.52 -9.99
N PHE B 158 0.34 -13.53 -9.08
CA PHE B 158 1.56 -12.76 -9.26
C PHE B 158 2.26 -13.18 -10.54
N HIS B 159 2.03 -14.42 -10.94
CA HIS B 159 2.71 -14.99 -12.08
C HIS B 159 1.93 -14.78 -13.37
N TRP B 160 0.61 -14.71 -13.26
CA TRP B 160 -0.25 -14.70 -14.44
C TRP B 160 -1.04 -13.40 -14.68
N THR B 161 -1.22 -12.58 -13.65
CA THR B 161 -2.05 -11.39 -13.81
C THR B 161 -1.25 -10.16 -14.26
N LEU B 162 -1.21 -9.16 -13.39
CA LEU B 162 -0.58 -7.86 -13.66
C LEU B 162 0.78 -7.93 -14.35
N HIS B 163 1.74 -8.61 -13.73
CA HIS B 163 3.13 -8.56 -14.17
C HIS B 163 3.37 -8.94 -15.64
N PRO B 164 2.91 -10.13 -16.04
CA PRO B 164 3.10 -10.55 -17.43
C PRO B 164 2.45 -9.59 -18.43
N TRP B 165 1.18 -9.28 -18.22
CA TRP B 165 0.44 -8.41 -19.13
C TRP B 165 0.95 -6.97 -19.14
N ALA B 166 1.99 -6.71 -18.36
CA ALA B 166 2.62 -5.41 -18.39
C ALA B 166 3.76 -5.44 -19.41
N ILE B 167 4.50 -6.53 -19.42
CA ILE B 167 5.59 -6.69 -20.39
C ILE B 167 5.00 -7.06 -21.74
N TYR B 168 3.69 -6.97 -21.85
CA TYR B 168 2.98 -7.11 -23.11
C TYR B 168 2.52 -5.74 -23.56
N ALA B 169 1.79 -5.06 -22.67
CA ALA B 169 1.32 -3.70 -22.93
C ALA B 169 2.46 -2.77 -23.37
N ILE B 170 3.56 -2.79 -22.63
CA ILE B 170 4.69 -1.90 -22.90
C ILE B 170 5.23 -2.05 -24.32
N VAL B 171 5.27 -3.29 -24.81
CA VAL B 171 5.71 -3.55 -26.18
C VAL B 171 4.62 -3.16 -27.17
N GLY B 172 3.43 -3.70 -26.99
CA GLY B 172 2.31 -3.43 -27.88
C GLY B 172 1.96 -1.95 -27.99
N LEU B 173 2.18 -1.21 -26.90
CA LEU B 173 1.89 0.22 -26.89
C LEU B 173 2.92 0.97 -27.69
N ALA B 174 4.19 0.72 -27.37
CA ALA B 174 5.30 1.34 -28.09
C ALA B 174 5.15 1.15 -29.59
N ILE B 175 4.62 0.00 -29.98
CA ILE B 175 4.42 -0.31 -31.39
C ILE B 175 3.21 0.43 -31.97
N ALA B 176 2.04 0.20 -31.38
CA ALA B 176 0.80 0.81 -31.86
C ALA B 176 0.92 2.33 -31.95
N TYR B 177 1.79 2.91 -31.13
CA TYR B 177 2.03 4.34 -31.18
C TYR B 177 3.03 4.68 -32.27
N SER B 178 4.13 3.94 -32.31
CA SER B 178 5.18 4.18 -33.29
C SER B 178 4.63 4.10 -34.72
N THR B 179 3.49 3.43 -34.88
CA THR B 179 2.92 3.26 -36.21
C THR B 179 1.60 4.02 -36.39
N PHE B 180 0.59 3.67 -35.61
CA PHE B 180 -0.75 4.22 -35.79
C PHE B 180 -0.90 5.68 -35.34
N ARG B 181 0.20 6.28 -34.89
CA ARG B 181 0.16 7.67 -34.45
C ARG B 181 1.28 8.48 -35.10
N VAL B 182 2.47 7.89 -35.14
CA VAL B 182 3.61 8.53 -35.77
C VAL B 182 3.67 8.18 -37.25
N GLY B 183 3.49 6.89 -37.56
CA GLY B 183 3.49 6.45 -38.94
C GLY B 183 4.57 5.43 -39.24
N ARG B 184 5.66 5.48 -38.46
CA ARG B 184 6.77 4.56 -38.66
C ARG B 184 6.30 3.13 -38.92
N LYS B 185 7.02 2.41 -39.77
CA LYS B 185 6.66 1.05 -40.14
C LYS B 185 6.52 0.15 -38.91
N GLN B 186 5.49 -0.70 -38.92
CA GLN B 186 5.26 -1.60 -37.79
C GLN B 186 6.37 -2.63 -37.69
N LEU B 187 7.44 -2.24 -37.03
CA LEU B 187 8.63 -3.06 -36.88
C LEU B 187 9.18 -2.78 -35.49
N LEU B 188 9.85 -3.75 -34.90
CA LEU B 188 10.41 -3.56 -33.56
C LEU B 188 11.48 -2.49 -33.53
N SER B 189 12.05 -2.19 -34.70
CA SER B 189 13.12 -1.21 -34.81
C SER B 189 12.57 0.22 -34.79
N SER B 190 11.37 0.40 -35.31
CA SER B 190 10.76 1.72 -35.42
C SER B 190 10.41 2.29 -34.05
N ALA B 191 10.05 1.41 -33.12
CA ALA B 191 9.66 1.84 -31.78
C ALA B 191 10.83 2.44 -31.00
N PHE B 192 12.04 2.09 -31.42
CA PHE B 192 13.27 2.58 -30.77
C PHE B 192 13.84 3.82 -31.46
N VAL B 193 13.26 4.16 -32.61
CA VAL B 193 13.72 5.31 -33.38
C VAL B 193 14.09 6.54 -32.52
N PRO B 194 13.23 6.90 -31.56
CA PRO B 194 13.49 8.06 -30.71
C PRO B 194 14.82 7.97 -29.95
N LEU B 195 15.36 6.76 -29.82
CA LEU B 195 16.65 6.57 -29.17
C LEU B 195 17.76 6.33 -30.19
N ILE B 196 17.53 5.36 -31.07
CA ILE B 196 18.50 5.02 -32.11
C ILE B 196 18.70 6.22 -33.04
N GLY B 197 19.51 6.04 -34.08
CA GLY B 197 19.79 7.10 -35.02
C GLY B 197 18.57 7.58 -35.78
N GLU B 198 17.40 7.13 -35.32
CA GLU B 198 16.12 7.51 -35.92
C GLU B 198 15.99 7.00 -37.36
N LYS B 199 17.05 6.37 -37.84
CA LYS B 199 17.06 5.69 -39.13
C LYS B 199 18.13 4.62 -39.12
N GLY B 200 18.96 4.63 -38.08
CA GLY B 200 19.92 3.57 -37.85
C GLY B 200 19.20 2.34 -37.34
N ALA B 201 17.87 2.44 -37.25
CA ALA B 201 17.04 1.31 -36.86
C ALA B 201 16.99 0.28 -37.98
N GLU B 202 17.90 0.44 -38.95
CA GLU B 202 18.03 -0.51 -40.04
C GLU B 202 19.51 -0.84 -40.23
N GLY B 203 20.23 -0.98 -39.12
CA GLY B 203 21.65 -1.24 -39.16
C GLY B 203 22.15 -2.15 -38.04
N TRP B 204 23.16 -1.68 -37.31
CA TRP B 204 23.76 -2.47 -36.25
C TRP B 204 22.73 -3.09 -35.32
N LEU B 205 21.91 -2.24 -34.69
CA LEU B 205 20.88 -2.72 -33.78
C LEU B 205 19.60 -3.13 -34.51
N GLY B 206 19.00 -2.19 -35.22
CA GLY B 206 17.75 -2.42 -35.94
C GLY B 206 17.64 -3.83 -36.49
N LYS B 207 18.69 -4.27 -37.18
CA LYS B 207 18.71 -5.62 -37.74
C LYS B 207 18.67 -6.68 -36.65
N LEU B 208 19.63 -6.62 -35.74
CA LEU B 208 19.76 -7.59 -34.66
C LEU B 208 18.47 -7.69 -33.83
N ILE B 209 17.69 -6.62 -33.79
CA ILE B 209 16.42 -6.60 -33.06
C ILE B 209 15.32 -7.34 -33.82
N ASP B 210 15.18 -7.04 -35.11
CA ASP B 210 14.18 -7.71 -35.93
C ASP B 210 14.54 -9.18 -36.16
N ILE B 211 15.84 -9.47 -36.11
CA ILE B 211 16.30 -10.84 -36.23
C ILE B 211 15.95 -11.63 -34.97
N LEU B 212 16.35 -11.11 -33.81
CA LEU B 212 16.01 -11.74 -32.54
C LEU B 212 14.51 -11.89 -32.39
N ALA B 213 13.77 -10.91 -32.93
CA ALA B 213 12.32 -10.91 -32.83
C ALA B 213 11.67 -12.03 -33.66
N ILE B 214 12.30 -12.36 -34.79
CA ILE B 214 11.79 -13.45 -35.62
C ILE B 214 12.34 -14.81 -35.18
N ILE B 215 13.62 -14.83 -34.79
CA ILE B 215 14.19 -16.07 -34.27
C ILE B 215 13.44 -16.51 -33.03
N ALA B 216 13.15 -15.56 -32.14
CA ALA B 216 12.43 -15.86 -30.92
C ALA B 216 10.93 -16.02 -31.16
N THR B 217 10.48 -15.63 -32.36
CA THR B 217 9.08 -15.80 -32.72
C THR B 217 8.88 -17.13 -33.43
N VAL B 218 9.91 -17.59 -34.12
CA VAL B 218 9.88 -18.88 -34.81
C VAL B 218 9.99 -20.02 -33.80
N PHE B 219 11.00 -19.95 -32.96
CA PHE B 219 11.17 -20.92 -31.88
C PHE B 219 9.95 -20.95 -30.98
N GLY B 220 9.56 -19.78 -30.47
CA GLY B 220 8.41 -19.67 -29.60
C GLY B 220 7.22 -20.47 -30.11
N THR B 221 6.92 -20.30 -31.39
CA THR B 221 5.79 -20.97 -32.02
C THR B 221 6.12 -22.42 -32.35
N ALA B 222 7.40 -22.69 -32.61
CA ALA B 222 7.85 -24.03 -32.98
C ALA B 222 7.55 -25.05 -31.89
N CYS B 223 8.18 -24.89 -30.73
CA CYS B 223 7.98 -25.84 -29.63
C CYS B 223 6.59 -25.75 -29.01
N SER B 224 6.06 -24.54 -28.85
CA SER B 224 4.73 -24.40 -28.29
C SER B 224 3.69 -25.10 -29.16
N LEU B 225 4.13 -25.53 -30.34
CA LEU B 225 3.27 -26.27 -31.28
C LEU B 225 3.39 -27.77 -31.08
N GLY B 226 4.59 -28.30 -31.33
CA GLY B 226 4.82 -29.73 -31.22
C GLY B 226 4.75 -30.19 -29.78
N LEU B 227 5.41 -29.46 -28.90
CA LEU B 227 5.38 -29.75 -27.48
C LEU B 227 3.95 -29.61 -26.93
N GLY B 228 3.19 -28.71 -27.52
CA GLY B 228 1.79 -28.54 -27.15
C GLY B 228 0.97 -29.73 -27.58
N ALA B 229 1.40 -30.36 -28.67
CA ALA B 229 0.73 -31.54 -29.21
C ALA B 229 0.91 -32.72 -28.26
N LEU B 230 1.98 -32.71 -27.49
CA LEU B 230 2.21 -33.73 -26.48
C LEU B 230 1.26 -33.57 -25.30
N GLN B 231 1.05 -32.32 -24.88
CA GLN B 231 0.08 -32.02 -23.85
C GLN B 231 -1.28 -32.60 -24.22
N ILE B 232 -1.62 -32.48 -25.51
CA ILE B 232 -2.86 -33.04 -26.03
C ILE B 232 -2.80 -34.56 -25.98
N GLY B 233 -1.60 -35.10 -26.15
CA GLY B 233 -1.39 -36.53 -26.06
C GLY B 233 -1.83 -37.06 -24.72
N ALA B 234 -1.19 -36.59 -23.66
CA ALA B 234 -1.53 -37.01 -22.30
C ALA B 234 -2.97 -36.61 -21.95
N GLY B 235 -3.40 -35.45 -22.43
CA GLY B 235 -4.76 -35.00 -22.25
C GLY B 235 -5.73 -36.05 -22.77
N LEU B 236 -5.35 -36.69 -23.87
CA LEU B 236 -6.11 -37.81 -24.40
C LEU B 236 -5.98 -39.00 -23.44
N SER B 237 -6.80 -38.99 -22.40
CA SER B 237 -6.79 -40.02 -21.37
C SER B 237 -8.20 -40.58 -21.20
N ALA B 238 -9.18 -39.82 -21.69
CA ALA B 238 -10.59 -40.23 -21.63
C ALA B 238 -11.09 -40.58 -23.02
N ALA B 239 -10.27 -40.29 -24.03
CA ALA B 239 -10.61 -40.58 -25.42
C ALA B 239 -9.63 -41.59 -26.03
N ASN B 240 -8.48 -41.11 -26.46
CA ASN B 240 -7.43 -41.98 -27.00
C ASN B 240 -7.10 -43.13 -26.05
N ILE B 241 -6.85 -42.79 -24.79
CA ILE B 241 -6.59 -43.79 -23.76
C ILE B 241 -5.30 -44.56 -24.00
N ILE B 242 -4.23 -43.85 -24.37
CA ILE B 242 -2.92 -44.47 -24.58
C ILE B 242 -2.96 -45.41 -25.79
N GLU B 243 -1.80 -45.72 -26.37
CA GLU B 243 -0.50 -45.27 -25.90
C GLU B 243 -0.10 -43.97 -26.58
N ASP B 244 -1.09 -43.16 -26.93
CA ASP B 244 -0.84 -41.95 -27.70
C ASP B 244 0.01 -42.34 -28.90
N PRO B 245 -0.50 -43.27 -29.72
CA PRO B 245 0.25 -43.94 -30.80
C PRO B 245 1.52 -43.20 -31.17
N SER B 246 2.62 -43.59 -30.53
CA SER B 246 3.91 -42.91 -30.67
C SER B 246 4.05 -42.21 -32.02
N ASP B 247 3.97 -40.89 -32.00
CA ASP B 247 4.18 -40.07 -33.19
C ASP B 247 3.02 -40.12 -34.18
N TRP B 248 2.31 -41.25 -34.23
CA TRP B 248 1.17 -41.36 -35.14
C TRP B 248 0.12 -40.30 -34.80
N THR B 249 -0.27 -40.24 -33.52
CA THR B 249 -1.25 -39.26 -33.07
C THR B 249 -0.59 -37.93 -32.72
N ILE B 250 0.70 -37.97 -32.38
CA ILE B 250 1.46 -36.75 -32.14
C ILE B 250 1.60 -35.98 -33.45
N VAL B 251 1.92 -36.70 -34.51
CA VAL B 251 1.92 -36.11 -35.84
C VAL B 251 0.47 -35.95 -36.30
N GLY B 252 -0.39 -36.82 -35.80
CA GLY B 252 -1.82 -36.72 -36.07
C GLY B 252 -2.44 -35.53 -35.38
N ILE B 253 -1.71 -34.96 -34.42
CA ILE B 253 -2.14 -33.75 -33.74
C ILE B 253 -1.45 -32.53 -34.34
N VAL B 254 -0.17 -32.66 -34.63
CA VAL B 254 0.58 -31.60 -35.28
C VAL B 254 -0.04 -31.26 -36.64
N SER B 255 -0.52 -32.28 -37.33
CA SER B 255 -1.23 -32.07 -38.60
C SER B 255 -2.52 -31.28 -38.36
N VAL B 256 -3.41 -31.84 -37.56
CA VAL B 256 -4.70 -31.21 -37.30
C VAL B 256 -4.51 -29.80 -36.75
N LEU B 257 -3.39 -29.58 -36.04
CA LEU B 257 -3.09 -28.28 -35.46
C LEU B 257 -2.47 -27.32 -36.48
N THR B 258 -1.42 -27.77 -37.15
CA THR B 258 -0.77 -26.97 -38.18
C THR B 258 -1.75 -26.68 -39.31
N LEU B 259 -2.60 -27.65 -39.61
CA LEU B 259 -3.64 -27.46 -40.62
C LEU B 259 -4.92 -26.98 -39.94
N ALA B 260 -4.76 -26.45 -38.73
CA ALA B 260 -5.87 -25.81 -38.02
C ALA B 260 -5.70 -24.30 -38.13
N PHE B 261 -4.48 -23.83 -37.94
CA PHE B 261 -4.16 -22.44 -38.26
C PHE B 261 -3.55 -22.39 -39.65
N ILE B 262 -2.69 -21.40 -39.91
CA ILE B 262 -2.16 -21.17 -41.25
C ILE B 262 -3.29 -20.74 -42.18
N PHE B 263 -4.50 -21.20 -41.89
CA PHE B 263 -5.69 -20.72 -42.60
C PHE B 263 -6.34 -19.61 -41.78
N SER B 264 -6.38 -19.80 -40.46
CA SER B 264 -6.91 -18.79 -39.57
C SER B 264 -6.14 -17.48 -39.73
N ALA B 265 -4.86 -17.62 -40.08
CA ALA B 265 -3.99 -16.46 -40.27
C ALA B 265 -4.15 -15.83 -41.64
N ILE B 266 -3.99 -16.64 -42.69
CA ILE B 266 -4.02 -16.13 -44.06
C ILE B 266 -5.42 -15.72 -44.51
N SER B 267 -6.44 -16.35 -43.94
CA SER B 267 -7.81 -16.05 -44.32
C SER B 267 -8.25 -14.70 -43.76
N GLY B 268 -7.29 -13.91 -43.32
CA GLY B 268 -7.57 -12.63 -42.71
C GLY B 268 -8.11 -12.80 -41.30
N VAL B 269 -7.92 -11.79 -40.47
CA VAL B 269 -8.38 -11.83 -39.09
C VAL B 269 -9.90 -11.93 -39.02
N GLY B 270 -10.57 -11.40 -40.05
CA GLY B 270 -12.02 -11.37 -40.10
C GLY B 270 -12.72 -12.61 -39.54
N LYS B 271 -12.72 -13.69 -40.32
CA LYS B 271 -13.36 -14.93 -39.88
C LYS B 271 -12.38 -15.80 -39.11
N GLY B 272 -11.11 -15.73 -39.49
CA GLY B 272 -10.08 -16.51 -38.81
C GLY B 272 -9.82 -16.00 -37.41
N ILE B 273 -8.65 -15.38 -37.23
CA ILE B 273 -8.24 -14.84 -35.93
C ILE B 273 -9.42 -14.37 -35.06
N GLN B 274 -10.17 -13.39 -35.56
CA GLN B 274 -11.24 -12.77 -34.76
C GLN B 274 -12.29 -13.76 -34.29
N TYR B 275 -12.95 -14.42 -35.25
CA TYR B 275 -14.00 -15.37 -34.92
C TYR B 275 -13.47 -16.57 -34.13
N LEU B 276 -12.26 -17.01 -34.47
CA LEU B 276 -11.62 -18.12 -33.79
C LEU B 276 -11.38 -17.82 -32.31
N SER B 277 -10.92 -16.59 -32.04
CA SER B 277 -10.60 -16.16 -30.69
C SER B 277 -11.87 -15.92 -29.87
N ASN B 278 -12.95 -15.57 -30.55
CA ASN B 278 -14.23 -15.38 -29.88
C ASN B 278 -14.88 -16.72 -29.51
N ALA B 279 -14.67 -17.73 -30.35
CA ALA B 279 -15.15 -19.06 -30.03
C ALA B 279 -14.38 -19.61 -28.83
N ASN B 280 -13.06 -19.46 -28.88
CA ASN B 280 -12.18 -19.92 -27.80
C ASN B 280 -12.61 -19.34 -26.46
N MET B 281 -12.94 -18.05 -26.45
CA MET B 281 -13.37 -17.39 -25.24
C MET B 281 -14.70 -17.92 -24.73
N VAL B 282 -15.64 -18.11 -25.66
CA VAL B 282 -16.97 -18.60 -25.31
C VAL B 282 -16.90 -19.98 -24.65
N LEU B 283 -16.09 -20.86 -25.23
CA LEU B 283 -15.89 -22.20 -24.65
C LEU B 283 -15.16 -22.12 -23.32
N ALA B 284 -14.04 -21.40 -23.29
CA ALA B 284 -13.33 -21.15 -22.05
C ALA B 284 -14.31 -20.64 -20.99
N ALA B 285 -15.10 -19.65 -21.36
CA ALA B 285 -16.15 -19.15 -20.49
C ALA B 285 -17.10 -20.27 -20.09
N LEU B 286 -17.52 -21.04 -21.09
CA LEU B 286 -18.48 -22.12 -20.89
C LEU B 286 -17.95 -23.17 -19.92
N LEU B 287 -16.71 -23.60 -20.13
CA LEU B 287 -16.07 -24.56 -19.25
C LEU B 287 -16.01 -24.05 -17.81
N ALA B 288 -15.53 -22.82 -17.65
CA ALA B 288 -15.39 -22.23 -16.32
C ALA B 288 -16.73 -22.15 -15.58
N ILE B 289 -17.79 -21.80 -16.30
CA ILE B 289 -19.11 -21.71 -15.69
C ILE B 289 -19.60 -23.08 -15.21
N PHE B 290 -19.15 -24.13 -15.90
CA PHE B 290 -19.52 -25.49 -15.53
C PHE B 290 -18.99 -25.89 -14.16
N VAL B 291 -17.67 -25.83 -13.98
CA VAL B 291 -17.08 -26.22 -12.70
C VAL B 291 -17.42 -25.20 -11.60
N PHE B 292 -17.93 -24.03 -12.00
CA PHE B 292 -18.35 -23.04 -11.02
C PHE B 292 -19.68 -23.40 -10.36
N VAL B 293 -20.68 -23.74 -11.19
CA VAL B 293 -22.00 -24.12 -10.69
C VAL B 293 -21.99 -25.51 -10.03
N VAL B 294 -21.46 -26.51 -10.75
CA VAL B 294 -21.46 -27.87 -10.22
C VAL B 294 -20.35 -28.07 -9.20
N GLY B 295 -19.33 -27.23 -9.27
CA GLY B 295 -18.22 -27.29 -8.34
C GLY B 295 -18.50 -26.50 -7.07
N PRO B 296 -17.47 -26.33 -6.23
CA PRO B 296 -17.62 -25.67 -4.92
C PRO B 296 -17.87 -24.17 -5.08
N THR B 297 -19.14 -23.82 -5.28
CA THR B 297 -19.50 -22.46 -5.68
C THR B 297 -19.15 -21.41 -4.64
N VAL B 298 -19.75 -21.52 -3.45
CA VAL B 298 -19.52 -20.53 -2.40
C VAL B 298 -18.06 -20.43 -2.00
N SER B 299 -17.28 -21.47 -2.28
CA SER B 299 -15.85 -21.43 -2.03
C SER B 299 -15.14 -20.66 -3.13
N ILE B 300 -15.40 -21.06 -4.37
CA ILE B 300 -14.90 -20.30 -5.52
C ILE B 300 -15.31 -18.84 -5.39
N LEU B 301 -16.43 -18.60 -4.73
CA LEU B 301 -16.96 -17.25 -4.53
C LEU B 301 -16.20 -16.50 -3.45
N ASN B 302 -15.71 -17.25 -2.46
CA ASN B 302 -14.95 -16.66 -1.37
C ASN B 302 -13.52 -16.33 -1.80
N LEU B 303 -13.03 -17.06 -2.79
CA LEU B 303 -11.67 -16.87 -3.27
C LEU B 303 -11.55 -15.67 -4.20
N LEU B 304 -12.65 -14.99 -4.45
CA LEU B 304 -12.59 -13.75 -5.24
C LEU B 304 -12.03 -12.60 -4.40
N PRO B 305 -12.66 -12.29 -3.26
CA PRO B 305 -11.99 -11.32 -2.36
C PRO B 305 -10.68 -11.91 -1.81
N GLY B 306 -10.71 -13.18 -1.44
CA GLY B 306 -9.54 -13.83 -0.86
C GLY B 306 -8.31 -13.71 -1.75
N SER B 307 -8.49 -13.99 -3.04
CA SER B 307 -7.41 -13.92 -4.02
C SER B 307 -6.94 -12.50 -4.25
N ILE B 308 -7.87 -11.59 -4.47
CA ILE B 308 -7.52 -10.19 -4.71
C ILE B 308 -6.86 -9.59 -3.47
N GLY B 309 -7.50 -9.77 -2.31
CA GLY B 309 -6.99 -9.25 -1.06
C GLY B 309 -5.58 -9.71 -0.77
N ASN B 310 -5.38 -11.02 -0.85
CA ASN B 310 -4.05 -11.60 -0.63
C ASN B 310 -3.04 -11.11 -1.66
N TYR B 311 -3.50 -10.94 -2.89
CA TYR B 311 -2.64 -10.43 -3.94
C TYR B 311 -2.06 -9.08 -3.56
N LEU B 312 -2.94 -8.13 -3.25
CA LEU B 312 -2.50 -6.79 -2.83
C LEU B 312 -1.68 -6.85 -1.55
N SER B 313 -2.11 -7.68 -0.61
CA SER B 313 -1.41 -7.83 0.66
C SER B 313 0.02 -8.36 0.47
N ASN B 314 0.21 -9.29 -0.45
CA ASN B 314 1.51 -9.92 -0.64
C ASN B 314 2.36 -9.30 -1.75
N PHE B 315 1.79 -8.37 -2.52
CA PHE B 315 2.42 -7.88 -3.74
C PHE B 315 3.92 -7.58 -3.67
N PHE B 316 4.33 -6.74 -2.71
CA PHE B 316 5.73 -6.32 -2.63
C PHE B 316 6.68 -7.39 -2.09
N GLN B 317 6.28 -8.07 -1.03
CA GLN B 317 7.13 -9.10 -0.45
C GLN B 317 7.45 -10.19 -1.48
N MET B 318 6.62 -10.33 -2.50
CA MET B 318 6.90 -11.27 -3.59
C MET B 318 7.53 -10.57 -4.81
N ALA B 319 7.25 -9.27 -4.94
CA ALA B 319 7.94 -8.44 -5.93
C ALA B 319 9.40 -8.35 -5.56
N GLY B 320 9.70 -8.65 -4.30
CA GLY B 320 11.05 -8.54 -3.78
C GLY B 320 11.57 -9.86 -3.26
N ARG B 321 10.93 -10.96 -3.66
CA ARG B 321 11.49 -12.27 -3.36
C ARG B 321 12.66 -12.52 -4.30
N THR B 322 13.85 -12.63 -3.73
CA THR B 322 15.05 -12.82 -4.53
C THR B 322 15.77 -14.09 -4.06
N ALA B 323 16.78 -14.52 -4.81
CA ALA B 323 17.54 -15.71 -4.46
C ALA B 323 18.31 -15.51 -3.17
N MET B 324 18.18 -14.33 -2.58
CA MET B 324 18.83 -14.03 -1.31
C MET B 324 17.90 -14.32 -0.14
N SER B 325 16.81 -15.03 -0.43
CA SER B 325 15.81 -15.38 0.58
C SER B 325 15.23 -16.73 0.21
N ALA B 326 14.76 -17.48 1.21
CA ALA B 326 14.89 -17.10 2.60
C ALA B 326 16.24 -17.62 3.10
N ASP B 327 17.09 -16.69 3.53
CA ASP B 327 18.45 -17.05 3.93
C ASP B 327 19.22 -17.59 2.72
N GLY B 328 18.76 -17.22 1.52
CA GLY B 328 19.41 -17.60 0.28
C GLY B 328 19.06 -19.01 -0.17
N THR B 329 17.77 -19.31 -0.26
CA THR B 329 17.34 -20.65 -0.66
C THR B 329 16.33 -20.66 -1.81
N ALA B 330 15.55 -19.59 -1.93
CA ALA B 330 14.49 -19.54 -2.95
C ALA B 330 15.03 -19.47 -4.36
N GLY B 331 16.36 -19.44 -4.49
CA GLY B 331 17.00 -19.36 -5.79
C GLY B 331 16.54 -20.40 -6.78
N GLU B 332 16.44 -21.65 -6.32
CA GLU B 332 16.05 -22.77 -7.19
C GLU B 332 14.55 -22.75 -7.47
N TRP B 333 13.76 -22.39 -6.47
CA TRP B 333 12.33 -22.26 -6.63
C TRP B 333 12.01 -21.16 -7.64
N LEU B 334 12.71 -20.03 -7.51
CA LEU B 334 12.58 -18.94 -8.48
C LEU B 334 12.96 -19.42 -9.87
N GLY B 335 13.95 -20.29 -9.93
CA GLY B 335 14.43 -20.83 -11.19
C GLY B 335 13.39 -21.67 -11.89
N SER B 336 12.48 -22.24 -11.11
CA SER B 336 11.42 -23.07 -11.67
C SER B 336 10.16 -22.27 -11.96
N TRP B 337 9.99 -21.17 -11.24
CA TRP B 337 8.77 -20.38 -11.36
C TRP B 337 9.02 -18.92 -11.72
N THR B 338 8.73 -18.03 -10.78
CA THR B 338 8.82 -16.58 -11.00
C THR B 338 9.78 -16.18 -12.12
N ILE B 339 11.06 -16.42 -11.93
CA ILE B 339 12.05 -15.97 -12.91
C ILE B 339 11.85 -16.62 -14.28
N PHE B 340 11.69 -17.94 -14.30
CA PHE B 340 11.44 -18.66 -15.54
C PHE B 340 10.26 -18.05 -16.30
N TYR B 341 9.24 -17.65 -15.57
CA TYR B 341 8.07 -17.03 -16.18
C TYR B 341 8.41 -15.69 -16.79
N TRP B 342 9.11 -14.84 -16.04
CA TRP B 342 9.51 -13.53 -16.54
C TRP B 342 10.29 -13.69 -17.84
N ALA B 343 11.14 -14.70 -17.90
CA ALA B 343 11.88 -14.98 -19.13
C ALA B 343 10.94 -15.55 -20.19
N TRP B 344 10.00 -16.37 -19.75
CA TRP B 344 9.04 -17.01 -20.65
C TRP B 344 8.16 -15.97 -21.36
N TRP B 345 7.65 -15.02 -20.60
CA TRP B 345 6.77 -13.98 -21.15
C TRP B 345 7.56 -13.00 -22.00
N ILE B 346 8.71 -12.59 -21.50
CA ILE B 346 9.64 -11.74 -22.25
C ILE B 346 9.95 -12.40 -23.59
N SER B 347 9.71 -13.70 -23.67
CA SER B 347 10.01 -14.50 -24.85
C SER B 347 8.86 -14.49 -25.86
N TRP B 348 7.71 -13.99 -25.43
CA TRP B 348 6.54 -13.92 -26.31
C TRP B 348 6.19 -12.49 -26.69
N SER B 349 6.78 -11.52 -25.99
CA SER B 349 6.50 -10.11 -26.27
C SER B 349 6.71 -9.73 -27.73
N PRO B 350 7.80 -10.22 -28.36
CA PRO B 350 8.05 -9.87 -29.77
C PRO B 350 6.82 -10.09 -30.64
N PHE B 351 6.22 -11.26 -30.59
CA PHE B 351 5.08 -11.56 -31.45
C PHE B 351 3.71 -11.33 -30.82
N VAL B 352 3.69 -11.10 -29.51
CA VAL B 352 2.44 -10.84 -28.82
C VAL B 352 2.12 -9.34 -28.81
N GLY B 353 3.15 -8.53 -28.56
CA GLY B 353 2.99 -7.09 -28.58
C GLY B 353 2.74 -6.58 -29.98
N MET B 354 3.22 -7.33 -30.96
CA MET B 354 3.06 -6.99 -32.37
C MET B 354 1.61 -7.15 -32.80
N PHE B 355 0.96 -8.17 -32.27
CA PHE B 355 -0.44 -8.44 -32.58
C PHE B 355 -1.37 -7.52 -31.80
N LEU B 356 -0.93 -7.10 -30.61
CA LEU B 356 -1.75 -6.25 -29.76
C LEU B 356 -1.84 -4.83 -30.30
N ALA B 357 -0.85 -4.43 -31.08
CA ALA B 357 -0.85 -3.12 -31.71
C ALA B 357 -1.78 -3.11 -32.92
N ARG B 358 -1.67 -4.13 -33.75
CA ARG B 358 -2.42 -4.21 -35.00
C ARG B 358 -3.93 -4.31 -34.78
N ILE B 359 -4.34 -4.72 -33.59
CA ILE B 359 -5.76 -4.91 -33.30
C ILE B 359 -6.37 -3.68 -32.65
N SER B 360 -5.59 -2.60 -32.60
CA SER B 360 -6.07 -1.35 -31.97
C SER B 360 -5.72 -0.11 -32.79
N ARG B 361 -6.26 -0.02 -34.00
CA ARG B 361 -6.00 1.13 -34.86
C ARG B 361 -6.23 2.44 -34.15
N GLY B 362 -7.49 2.71 -33.77
CA GLY B 362 -7.85 3.98 -33.18
C GLY B 362 -8.19 3.89 -31.71
N ARG B 363 -7.49 3.01 -31.00
CA ARG B 363 -7.71 2.86 -29.56
C ARG B 363 -6.98 3.96 -28.80
N SER B 364 -7.43 4.27 -27.59
CA SER B 364 -6.76 5.26 -26.76
C SER B 364 -5.72 4.59 -25.86
N ILE B 365 -4.62 5.30 -25.59
CA ILE B 365 -3.56 4.73 -24.77
C ILE B 365 -4.06 4.28 -23.41
N ARG B 366 -4.87 5.11 -22.76
CA ARG B 366 -5.42 4.73 -21.46
C ARG B 366 -6.30 3.50 -21.53
N GLU B 367 -7.22 3.44 -22.49
CA GLU B 367 -8.10 2.27 -22.62
C GLU B 367 -7.33 1.03 -23.05
N PHE B 368 -6.42 1.20 -24.01
CA PHE B 368 -5.59 0.10 -24.49
C PHE B 368 -4.86 -0.57 -23.33
N ILE B 369 -4.22 0.24 -22.50
CA ILE B 369 -3.51 -0.26 -21.34
C ILE B 369 -4.44 -0.99 -20.38
N LEU B 370 -5.47 -0.31 -19.90
CA LEU B 370 -6.46 -1.00 -19.06
C LEU B 370 -7.39 -1.87 -19.91
N GLY B 371 -6.85 -2.42 -20.99
CA GLY B 371 -7.57 -3.38 -21.81
C GLY B 371 -6.70 -4.60 -22.05
N VAL B 372 -5.42 -4.46 -21.72
CA VAL B 372 -4.47 -5.56 -21.85
C VAL B 372 -3.89 -5.84 -20.47
N LEU B 373 -4.33 -5.07 -19.49
CA LEU B 373 -3.89 -5.23 -18.12
C LEU B 373 -5.07 -5.56 -17.19
N LEU B 374 -6.04 -4.66 -17.11
CA LEU B 374 -7.12 -4.77 -16.14
C LEU B 374 -8.28 -5.67 -16.60
N VAL B 375 -8.02 -6.56 -17.55
CA VAL B 375 -9.04 -7.51 -17.98
C VAL B 375 -8.51 -8.93 -18.12
N PRO B 376 -7.34 -9.09 -18.78
CA PRO B 376 -6.67 -10.38 -18.71
C PRO B 376 -6.35 -10.73 -17.26
N ALA B 377 -6.22 -9.70 -16.42
CA ALA B 377 -6.01 -9.90 -14.99
C ALA B 377 -7.28 -10.35 -14.30
N GLY B 378 -8.39 -9.67 -14.60
CA GLY B 378 -9.70 -10.10 -14.14
C GLY B 378 -10.00 -11.53 -14.59
N VAL B 379 -9.89 -11.76 -15.89
CA VAL B 379 -10.11 -13.09 -16.45
C VAL B 379 -9.28 -14.14 -15.71
N SER B 380 -7.98 -13.91 -15.62
CA SER B 380 -7.10 -14.85 -14.95
C SER B 380 -7.51 -15.08 -13.50
N THR B 381 -7.72 -14.02 -12.76
CA THR B 381 -8.12 -14.14 -11.35
C THR B 381 -9.40 -14.97 -11.17
N VAL B 382 -10.40 -14.73 -12.01
CA VAL B 382 -11.61 -15.55 -11.98
C VAL B 382 -11.28 -16.99 -12.36
N TRP B 383 -10.57 -17.15 -13.47
CA TRP B 383 -10.16 -18.47 -13.94
C TRP B 383 -9.51 -19.30 -12.83
N PHE B 384 -8.42 -18.78 -12.28
CA PHE B 384 -7.67 -19.48 -11.22
C PHE B 384 -8.51 -19.77 -9.98
N SER B 385 -9.34 -18.81 -9.58
CA SER B 385 -10.17 -18.97 -8.40
C SER B 385 -11.18 -20.10 -8.58
N ILE B 386 -11.61 -20.30 -9.82
CA ILE B 386 -12.57 -21.35 -10.13
C ILE B 386 -11.91 -22.73 -10.18
N PHE B 387 -10.77 -22.81 -10.85
CA PHE B 387 -10.11 -24.09 -11.06
C PHE B 387 -9.17 -24.46 -9.93
N GLY B 388 -8.20 -23.60 -9.66
CA GLY B 388 -7.31 -23.80 -8.53
C GLY B 388 -8.05 -23.79 -7.21
N GLY B 389 -9.13 -23.01 -7.14
CA GLY B 389 -9.94 -22.97 -5.96
C GLY B 389 -10.62 -24.30 -5.70
N THR B 390 -11.10 -24.91 -6.78
CA THR B 390 -11.73 -26.22 -6.70
C THR B 390 -10.67 -27.28 -6.35
N ALA B 391 -9.53 -27.20 -7.00
CA ALA B 391 -8.44 -28.16 -6.76
C ALA B 391 -8.06 -28.16 -5.28
N ILE B 392 -8.19 -27.00 -4.65
CA ILE B 392 -7.83 -26.82 -3.26
C ILE B 392 -8.96 -27.22 -2.31
N VAL B 393 -10.19 -27.02 -2.75
CA VAL B 393 -11.34 -27.47 -1.97
C VAL B 393 -11.34 -29.00 -1.91
N PHE B 394 -10.92 -29.64 -2.99
CA PHE B 394 -10.84 -31.09 -3.02
C PHE B 394 -9.69 -31.56 -2.14
N GLU B 395 -8.53 -30.94 -2.31
CA GLU B 395 -7.35 -31.29 -1.53
C GLU B 395 -7.65 -31.15 -0.05
N GLN B 396 -8.56 -30.24 0.30
CA GLN B 396 -8.90 -29.99 1.70
C GLN B 396 -9.80 -31.06 2.28
N ASN B 397 -10.71 -31.59 1.45
CA ASN B 397 -11.64 -32.61 1.92
C ASN B 397 -11.12 -34.03 1.72
N GLY B 398 -9.81 -34.14 1.50
CA GLY B 398 -9.15 -35.43 1.39
C GLY B 398 -9.38 -36.13 0.07
N GLU B 399 -10.16 -35.50 -0.81
CA GLU B 399 -10.48 -36.09 -2.09
C GLU B 399 -9.59 -35.53 -3.19
N SER B 400 -8.27 -35.56 -2.95
CA SER B 400 -7.30 -34.94 -3.85
C SER B 400 -7.40 -35.38 -5.31
N ILE B 401 -7.04 -34.47 -6.21
CA ILE B 401 -7.02 -34.77 -7.64
C ILE B 401 -5.60 -34.61 -8.18
N TRP B 402 -4.63 -34.63 -7.27
CA TRP B 402 -3.22 -34.49 -7.63
C TRP B 402 -2.74 -35.68 -8.44
N GLY B 403 -3.01 -36.87 -7.92
CA GLY B 403 -2.69 -38.13 -8.57
C GLY B 403 -1.43 -38.14 -9.42
N ASP B 404 -0.34 -38.63 -8.85
CA ASP B 404 0.91 -38.81 -9.58
C ASP B 404 1.57 -37.50 -9.97
N GLY B 405 0.81 -36.42 -9.95
CA GLY B 405 1.35 -35.08 -10.07
C GLY B 405 1.70 -34.59 -11.46
N ALA B 406 1.00 -35.11 -12.48
CA ALA B 406 1.21 -34.66 -13.84
C ALA B 406 0.22 -33.55 -14.17
N ALA B 407 0.73 -32.46 -14.75
CA ALA B 407 -0.13 -31.32 -15.08
C ALA B 407 -1.24 -31.73 -16.05
N GLU B 408 -0.86 -32.42 -17.11
CA GLU B 408 -1.77 -32.74 -18.21
C GLU B 408 -3.01 -33.51 -17.74
N GLU B 409 -2.87 -34.24 -16.63
CA GLU B 409 -3.95 -35.10 -16.17
C GLU B 409 -4.70 -34.53 -14.98
N GLN B 410 -4.11 -33.54 -14.31
CA GLN B 410 -4.76 -32.96 -13.14
C GLN B 410 -6.04 -32.24 -13.52
N LEU B 411 -5.99 -31.48 -14.61
CA LEU B 411 -7.16 -30.77 -15.10
C LEU B 411 -8.35 -31.70 -15.29
N PHE B 412 -8.12 -32.80 -16.00
CA PHE B 412 -9.20 -33.74 -16.30
C PHE B 412 -9.62 -34.52 -15.06
N GLY B 413 -8.64 -34.87 -14.23
CA GLY B 413 -8.92 -35.46 -12.94
C GLY B 413 -9.82 -34.56 -12.12
N LEU B 414 -9.65 -33.26 -12.29
CA LEU B 414 -10.50 -32.28 -11.63
C LEU B 414 -11.90 -32.33 -12.21
N LEU B 415 -11.98 -32.44 -13.54
CA LEU B 415 -13.25 -32.40 -14.25
C LEU B 415 -14.08 -33.67 -14.04
N HIS B 416 -13.44 -34.82 -14.18
CA HIS B 416 -14.10 -36.11 -14.04
C HIS B 416 -14.76 -36.26 -12.68
N ALA B 417 -14.26 -35.52 -11.70
CA ALA B 417 -14.78 -35.59 -10.34
C ALA B 417 -16.14 -34.93 -10.21
N LEU B 418 -16.59 -34.29 -11.29
CA LEU B 418 -17.86 -33.57 -11.29
C LEU B 418 -18.86 -34.16 -12.27
N PRO B 419 -20.16 -34.15 -11.91
CA PRO B 419 -21.22 -34.63 -12.80
C PRO B 419 -21.13 -33.97 -14.17
N GLY B 420 -21.06 -34.78 -15.23
CA GLY B 420 -20.93 -34.27 -16.58
C GLY B 420 -19.48 -34.04 -16.93
N GLY B 421 -18.61 -34.52 -16.04
CA GLY B 421 -17.17 -34.32 -16.20
C GLY B 421 -16.61 -34.94 -17.46
N GLN B 422 -16.94 -36.21 -17.71
CA GLN B 422 -16.45 -36.90 -18.90
C GLN B 422 -16.85 -36.14 -20.17
N ILE B 423 -18.11 -35.73 -20.24
CA ILE B 423 -18.58 -34.94 -21.36
C ILE B 423 -17.75 -33.68 -21.49
N MET B 424 -17.74 -32.88 -20.42
CA MET B 424 -17.01 -31.62 -20.37
C MET B 424 -15.53 -31.81 -20.71
N GLY B 425 -15.05 -33.03 -20.56
CA GLY B 425 -13.68 -33.34 -20.89
C GLY B 425 -13.37 -33.07 -22.35
N ILE B 426 -14.33 -33.40 -23.22
CA ILE B 426 -14.10 -33.28 -24.66
C ILE B 426 -13.99 -31.82 -25.10
N ILE B 427 -14.78 -30.95 -24.49
CA ILE B 427 -14.72 -29.52 -24.83
C ILE B 427 -13.50 -28.86 -24.18
N ALA B 428 -12.95 -29.53 -23.16
CA ALA B 428 -11.65 -29.13 -22.62
C ALA B 428 -10.57 -29.48 -23.64
N MET B 429 -10.76 -30.62 -24.29
CA MET B 429 -9.87 -31.04 -25.38
C MET B 429 -9.93 -30.07 -26.55
N ILE B 430 -11.14 -29.69 -26.95
CA ILE B 430 -11.31 -28.67 -27.98
C ILE B 430 -10.62 -27.37 -27.55
N LEU B 431 -10.70 -27.07 -26.26
CA LEU B 431 -10.13 -25.84 -25.70
C LEU B 431 -8.59 -25.85 -25.71
N LEU B 432 -8.00 -27.02 -25.50
CA LEU B 432 -6.55 -27.15 -25.57
C LEU B 432 -6.06 -26.79 -26.97
N GLY B 433 -6.73 -27.33 -27.97
CA GLY B 433 -6.39 -27.03 -29.36
C GLY B 433 -6.54 -25.55 -29.66
N THR B 434 -7.72 -25.02 -29.39
CA THR B 434 -8.01 -23.62 -29.69
C THR B 434 -7.09 -22.67 -28.95
N PHE B 435 -6.79 -23.00 -27.69
CA PHE B 435 -5.92 -22.17 -26.86
C PHE B 435 -4.49 -22.14 -27.37
N PHE B 436 -4.09 -23.15 -28.12
CA PHE B 436 -2.79 -23.13 -28.74
C PHE B 436 -2.84 -22.41 -30.08
N ILE B 437 -3.81 -22.79 -30.90
CA ILE B 437 -3.94 -22.30 -32.28
C ILE B 437 -4.23 -20.80 -32.37
N THR B 438 -5.07 -20.29 -31.47
CA THR B 438 -5.40 -18.87 -31.46
C THR B 438 -4.15 -18.03 -31.21
N SER B 439 -3.16 -18.65 -30.59
CA SER B 439 -1.88 -17.99 -30.33
C SER B 439 -0.93 -18.15 -31.50
N ALA B 440 -1.06 -19.28 -32.20
CA ALA B 440 -0.18 -19.58 -33.34
C ALA B 440 -0.59 -18.79 -34.57
N ASP B 441 -1.86 -18.89 -34.95
CA ASP B 441 -2.37 -18.19 -36.13
C ASP B 441 -2.18 -16.68 -35.98
N SER B 442 -2.45 -16.16 -34.80
CA SER B 442 -2.31 -14.74 -34.53
C SER B 442 -0.84 -14.33 -34.52
N ALA B 443 0.03 -15.23 -34.08
CA ALA B 443 1.46 -14.95 -34.00
C ALA B 443 2.16 -15.28 -35.31
N SER B 444 1.51 -16.05 -36.16
CA SER B 444 2.09 -16.43 -37.45
C SER B 444 1.87 -15.35 -38.50
N THR B 445 0.87 -14.49 -38.26
CA THR B 445 0.66 -13.33 -39.11
C THR B 445 1.81 -12.35 -38.90
N VAL B 446 2.12 -12.08 -37.64
CA VAL B 446 3.18 -11.15 -37.29
C VAL B 446 4.55 -11.61 -37.78
N MET B 447 4.70 -12.91 -37.99
CA MET B 447 5.94 -13.44 -38.54
C MET B 447 6.13 -12.93 -39.96
N GLY B 448 5.03 -12.80 -40.68
CA GLY B 448 5.05 -12.30 -42.04
C GLY B 448 5.19 -10.80 -42.12
N THR B 449 4.60 -10.10 -41.15
CA THR B 449 4.64 -8.64 -41.14
C THR B 449 6.07 -8.14 -40.88
N MET B 450 6.71 -8.69 -39.86
CA MET B 450 8.08 -8.26 -39.53
C MET B 450 9.09 -8.82 -40.53
N SER B 451 8.60 -9.60 -41.49
CA SER B 451 9.44 -10.09 -42.58
C SER B 451 9.11 -9.35 -43.87
N GLN B 452 8.22 -8.37 -43.78
CA GLN B 452 7.83 -7.56 -44.94
C GLN B 452 7.92 -6.07 -44.64
N HIS B 453 9.05 -5.64 -44.10
CA HIS B 453 9.29 -4.23 -43.80
C HIS B 453 8.29 -3.65 -42.80
N GLY B 454 7.33 -4.46 -42.36
CA GLY B 454 6.38 -4.04 -41.36
C GLY B 454 5.00 -3.73 -41.91
N GLN B 455 4.54 -4.56 -42.83
CA GLN B 455 3.22 -4.37 -43.45
C GLN B 455 2.12 -4.94 -42.57
N LEU B 456 1.13 -4.11 -42.24
CA LEU B 456 -0.04 -4.56 -41.51
C LEU B 456 -0.65 -5.75 -42.24
N GLU B 457 -1.05 -5.53 -43.48
CA GLU B 457 -1.53 -6.62 -44.32
C GLU B 457 -0.33 -7.37 -44.90
N ALA B 458 -0.37 -8.71 -44.80
CA ALA B 458 0.75 -9.53 -45.26
C ALA B 458 0.29 -10.56 -46.28
N ASN B 459 1.18 -10.90 -47.21
CA ASN B 459 0.88 -11.90 -48.24
C ASN B 459 0.62 -13.27 -47.63
N LYS B 460 -0.39 -13.96 -48.15
CA LYS B 460 -0.77 -15.27 -47.64
C LYS B 460 0.37 -16.26 -47.81
N TRP B 461 1.12 -16.13 -48.89
CA TRP B 461 2.19 -17.07 -49.21
C TRP B 461 3.39 -16.94 -48.28
N VAL B 462 3.45 -15.85 -47.52
CA VAL B 462 4.56 -15.64 -46.60
C VAL B 462 4.16 -15.93 -45.15
N THR B 463 2.91 -15.63 -44.80
CA THR B 463 2.42 -15.92 -43.45
C THR B 463 2.00 -17.38 -43.33
N ALA B 464 1.86 -18.04 -44.48
CA ALA B 464 1.56 -19.47 -44.50
C ALA B 464 2.84 -20.27 -44.69
N ALA B 465 3.87 -19.61 -45.19
CA ALA B 465 5.19 -20.23 -45.31
C ALA B 465 5.86 -20.29 -43.95
N TRP B 466 5.73 -19.21 -43.18
CA TRP B 466 6.32 -19.13 -41.85
C TRP B 466 5.55 -19.97 -40.84
N GLY B 467 4.36 -20.43 -41.23
CA GLY B 467 3.56 -21.28 -40.38
C GLY B 467 3.80 -22.75 -40.70
N VAL B 468 4.29 -23.02 -41.90
CA VAL B 468 4.58 -24.38 -42.32
C VAL B 468 6.08 -24.63 -42.28
N ALA B 469 6.86 -23.59 -42.01
CA ALA B 469 8.30 -23.71 -41.85
C ALA B 469 8.65 -23.90 -40.38
N THR B 470 7.70 -23.59 -39.51
CA THR B 470 7.86 -23.82 -38.08
C THR B 470 7.27 -25.17 -37.69
N ALA B 471 6.18 -25.54 -38.34
CA ALA B 471 5.57 -26.85 -38.14
C ALA B 471 6.55 -27.94 -38.56
N ALA B 472 7.45 -27.58 -39.48
CA ALA B 472 8.47 -28.50 -39.94
C ALA B 472 9.52 -28.73 -38.86
N ILE B 473 10.03 -27.64 -38.28
CA ILE B 473 11.04 -27.73 -37.24
C ILE B 473 10.45 -28.27 -35.94
N GLY B 474 9.16 -28.06 -35.76
CA GLY B 474 8.46 -28.60 -34.60
C GLY B 474 8.27 -30.10 -34.73
N LEU B 475 7.89 -30.52 -35.95
CA LEU B 475 7.67 -31.94 -36.23
C LEU B 475 9.01 -32.66 -36.39
N THR B 476 10.06 -31.90 -36.64
CA THR B 476 11.41 -32.45 -36.80
C THR B 476 11.95 -32.99 -35.48
N LEU B 477 11.82 -32.20 -34.41
CA LEU B 477 12.34 -32.59 -33.11
C LEU B 477 11.59 -33.78 -32.50
N LEU B 478 10.62 -34.29 -33.24
CA LEU B 478 9.97 -35.55 -32.86
C LEU B 478 10.72 -36.73 -33.48
N LEU B 479 12.02 -36.79 -33.18
CA LEU B 479 12.88 -37.86 -33.65
C LEU B 479 13.61 -38.51 -32.48
N SER B 480 13.71 -37.78 -31.38
CA SER B 480 14.35 -38.27 -30.17
C SER B 480 13.33 -38.93 -29.23
N GLY B 481 12.42 -39.71 -29.82
CA GLY B 481 11.39 -40.39 -29.06
C GLY B 481 10.20 -39.50 -28.77
N GLY B 482 10.47 -38.26 -28.39
CA GLY B 482 9.42 -37.30 -28.07
C GLY B 482 9.82 -36.39 -26.93
N ASP B 483 9.13 -35.24 -26.83
CA ASP B 483 9.41 -34.27 -25.78
C ASP B 483 10.91 -33.95 -25.72
N ASN B 484 11.47 -34.03 -24.53
CA ASN B 484 12.89 -33.79 -24.30
C ASN B 484 13.46 -32.61 -25.08
N ALA B 485 13.92 -32.87 -26.31
CA ALA B 485 14.50 -31.82 -27.15
C ALA B 485 13.55 -30.64 -27.31
N LEU B 486 12.25 -30.91 -27.35
CA LEU B 486 11.24 -29.87 -27.43
C LEU B 486 11.30 -28.97 -26.20
N SER B 487 11.39 -29.60 -25.03
CA SER B 487 11.54 -28.86 -23.77
C SER B 487 12.92 -28.24 -23.69
N ASN B 488 13.88 -28.87 -24.37
CA ASN B 488 15.25 -28.38 -24.41
C ASN B 488 15.37 -27.08 -25.18
N LEU B 489 14.98 -27.10 -26.45
CA LEU B 489 15.03 -25.92 -27.30
C LEU B 489 14.16 -24.79 -26.76
N GLN B 490 13.10 -25.17 -26.06
CA GLN B 490 12.28 -24.20 -25.33
C GLN B 490 13.18 -23.35 -24.45
N ASN B 491 13.89 -24.00 -23.55
CA ASN B 491 14.82 -23.31 -22.66
C ASN B 491 15.86 -22.50 -23.43
N VAL B 492 16.25 -22.99 -24.60
CA VAL B 492 17.22 -22.28 -25.43
C VAL B 492 16.60 -21.00 -25.97
N THR B 493 15.34 -21.08 -26.40
CA THR B 493 14.62 -19.93 -26.90
C THR B 493 14.57 -18.81 -25.85
N ILE B 494 14.43 -19.20 -24.58
CA ILE B 494 14.39 -18.23 -23.50
C ILE B 494 15.73 -17.48 -23.36
N VAL B 495 16.83 -18.22 -23.41
CA VAL B 495 18.16 -17.62 -23.26
C VAL B 495 18.52 -16.83 -24.50
N ALA B 496 17.84 -17.11 -25.60
CA ALA B 496 18.04 -16.37 -26.84
C ALA B 496 17.18 -15.12 -26.85
N ALA B 497 16.04 -15.19 -26.16
CA ALA B 497 15.12 -14.06 -26.08
C ALA B 497 15.36 -13.24 -24.81
N THR B 498 16.43 -13.58 -24.09
CA THR B 498 16.82 -12.82 -22.91
C THR B 498 17.22 -11.39 -23.23
N PRO B 499 17.96 -11.18 -24.34
CA PRO B 499 18.31 -9.81 -24.75
C PRO B 499 17.09 -8.89 -24.74
N PHE B 500 15.92 -9.47 -24.97
CA PHE B 500 14.68 -8.71 -25.04
C PHE B 500 14.34 -7.98 -23.75
N LEU B 501 14.72 -8.55 -22.61
CA LEU B 501 14.47 -7.89 -21.33
C LEU B 501 15.03 -6.48 -21.36
N PHE B 502 16.19 -6.31 -21.99
CA PHE B 502 16.84 -5.01 -22.10
C PHE B 502 16.15 -4.15 -23.15
N VAL B 503 15.44 -4.80 -24.07
CA VAL B 503 14.64 -4.10 -25.06
C VAL B 503 13.49 -3.38 -24.39
N VAL B 504 12.75 -4.11 -23.56
CA VAL B 504 11.58 -3.57 -22.88
C VAL B 504 11.96 -2.48 -21.87
N ILE B 505 13.18 -2.56 -21.33
CA ILE B 505 13.70 -1.50 -20.47
C ILE B 505 13.88 -0.23 -21.30
N GLY B 506 14.57 -0.37 -22.43
CA GLY B 506 14.87 0.75 -23.30
C GLY B 506 13.65 1.22 -24.06
N LEU B 507 12.76 0.29 -24.38
CA LEU B 507 11.51 0.60 -25.06
C LEU B 507 10.63 1.40 -24.10
N MET B 508 10.93 1.25 -22.81
CA MET B 508 10.27 2.01 -21.76
C MET B 508 10.76 3.46 -21.83
N PHE B 509 11.95 3.65 -22.38
CA PHE B 509 12.56 4.97 -22.53
C PHE B 509 12.24 5.61 -23.89
N ALA B 510 12.21 4.79 -24.94
CA ALA B 510 11.89 5.28 -26.28
C ALA B 510 10.39 5.32 -26.51
N LEU B 511 9.63 5.43 -25.43
CA LEU B 511 8.18 5.57 -25.51
C LEU B 511 7.80 6.83 -24.76
N VAL B 512 8.55 7.15 -23.71
CA VAL B 512 8.35 8.38 -22.96
C VAL B 512 8.99 9.55 -23.70
N LYS B 513 10.25 9.38 -24.11
CA LYS B 513 10.93 10.39 -24.92
C LYS B 513 10.48 10.27 -26.37
N ASP B 514 9.23 9.86 -26.55
CA ASP B 514 8.59 9.80 -27.85
C ASP B 514 7.17 10.32 -27.70
N LEU B 515 6.48 9.85 -26.66
CA LEU B 515 5.17 10.37 -26.32
C LEU B 515 5.27 11.84 -25.94
N SER B 516 6.43 12.23 -25.43
CA SER B 516 6.67 13.61 -25.02
C SER B 516 6.73 14.52 -26.24
N ASN B 517 7.43 14.07 -27.28
CA ASN B 517 7.54 14.84 -28.52
C ASN B 517 6.32 14.66 -29.41
N ASP B 518 5.14 14.74 -28.83
CA ASP B 518 3.88 14.56 -29.56
C ASP B 518 3.32 15.92 -29.97
N VAL B 519 2.14 16.25 -29.47
CA VAL B 519 1.52 17.55 -29.76
C VAL B 519 0.96 18.18 -28.49
N SER C 28 -48.60 14.04 6.40
CA SER C 28 -49.19 12.89 5.74
C SER C 28 -48.31 11.65 5.91
N LEU C 29 -48.78 10.71 6.72
CA LEU C 29 -48.04 9.48 6.98
C LEU C 29 -48.22 8.48 5.84
N ASN C 30 -47.12 8.17 5.14
CA ASN C 30 -47.15 7.17 4.09
C ASN C 30 -47.34 5.78 4.69
N TRP C 31 -48.59 5.34 4.78
CA TRP C 31 -48.90 4.04 5.36
C TRP C 31 -48.42 2.90 4.48
N SER C 32 -48.24 3.18 3.19
CA SER C 32 -47.74 2.19 2.25
C SER C 32 -46.41 1.62 2.74
N VAL C 33 -45.74 2.39 3.59
CA VAL C 33 -44.45 2.00 4.14
C VAL C 33 -44.56 1.69 5.63
N ILE C 34 -45.27 2.55 6.37
CA ILE C 34 -45.38 2.38 7.81
C ILE C 34 -45.87 0.98 8.19
N VAL C 35 -46.90 0.48 7.52
CA VAL C 35 -47.48 -0.80 7.91
C VAL C 35 -46.68 -2.05 7.47
N PRO C 36 -46.21 -2.09 6.21
CA PRO C 36 -45.45 -3.27 5.81
C PRO C 36 -44.15 -3.41 6.62
N ALA C 37 -43.74 -2.33 7.28
CA ALA C 37 -42.56 -2.37 8.14
C ALA C 37 -42.96 -2.66 9.58
N LEU C 38 -44.24 -2.41 9.89
CA LEU C 38 -44.77 -2.71 11.21
C LEU C 38 -45.25 -4.15 11.31
N VAL C 39 -45.55 -4.75 10.15
CA VAL C 39 -45.91 -6.16 10.11
C VAL C 39 -44.71 -6.98 10.55
N ILE C 40 -43.56 -6.71 9.94
CA ILE C 40 -42.33 -7.47 10.22
C ILE C 40 -41.77 -7.19 11.60
N VAL C 41 -41.83 -5.94 12.05
CA VAL C 41 -41.33 -5.59 13.37
C VAL C 41 -42.18 -6.25 14.45
N LEU C 42 -43.49 -6.30 14.24
CA LEU C 42 -44.40 -6.91 15.20
C LEU C 42 -44.32 -8.42 15.16
N ALA C 43 -44.32 -8.98 13.96
CA ALA C 43 -44.21 -10.43 13.78
C ALA C 43 -43.05 -11.01 14.58
N THR C 44 -41.94 -10.28 14.63
CA THR C 44 -40.77 -10.72 15.38
C THR C 44 -41.03 -10.64 16.89
N VAL C 45 -41.57 -9.51 17.36
CA VAL C 45 -41.94 -9.38 18.76
C VAL C 45 -43.24 -10.14 19.03
N VAL C 46 -43.53 -11.12 18.18
CA VAL C 46 -44.67 -12.00 18.37
C VAL C 46 -44.19 -13.45 18.42
N TRP C 47 -43.51 -13.86 17.36
CA TRP C 47 -43.02 -15.24 17.26
C TRP C 47 -41.62 -15.37 17.84
N GLY C 48 -41.28 -14.44 18.72
CA GLY C 48 -39.97 -14.44 19.37
C GLY C 48 -40.06 -14.38 20.88
N ILE C 49 -40.87 -13.46 21.40
CA ILE C 49 -41.00 -13.29 22.85
C ILE C 49 -41.61 -14.50 23.55
N GLY C 50 -42.81 -14.90 23.11
CA GLY C 50 -43.50 -16.04 23.71
C GLY C 50 -43.20 -17.34 22.98
N PHE C 51 -43.50 -17.37 21.70
CA PHE C 51 -43.25 -18.55 20.86
C PHE C 51 -41.77 -18.60 20.50
N LYS C 52 -40.92 -18.68 21.52
CA LYS C 52 -39.49 -18.46 21.35
C LYS C 52 -38.71 -19.57 20.64
N ASP C 53 -39.08 -20.82 20.89
CA ASP C 53 -38.32 -21.94 20.35
C ASP C 53 -38.10 -21.84 18.84
N SER C 54 -39.17 -21.67 18.08
CA SER C 54 -39.06 -21.57 16.63
C SER C 54 -38.22 -20.36 16.21
N PHE C 55 -38.25 -19.32 17.03
CA PHE C 55 -37.47 -18.11 16.77
C PHE C 55 -35.98 -18.35 16.93
N THR C 56 -35.56 -18.61 18.16
CA THR C 56 -34.14 -18.86 18.46
C THR C 56 -33.55 -19.92 17.52
N ASN C 57 -34.39 -20.87 17.11
CA ASN C 57 -33.94 -21.92 16.19
C ASN C 57 -33.81 -21.41 14.75
N PHE C 58 -34.90 -20.89 14.20
CA PHE C 58 -34.89 -20.35 12.84
C PHE C 58 -33.79 -19.31 12.65
N ALA C 59 -33.64 -18.42 13.63
CA ALA C 59 -32.64 -17.37 13.56
C ALA C 59 -31.24 -17.94 13.45
N SER C 60 -30.88 -18.82 14.39
CA SER C 60 -29.52 -19.33 14.48
C SER C 60 -29.17 -20.28 13.33
N SER C 61 -30.12 -20.51 12.43
CA SER C 61 -29.85 -21.32 11.25
C SER C 61 -29.93 -20.46 10.00
N ALA C 62 -30.79 -19.45 10.02
CA ALA C 62 -30.91 -18.51 8.91
C ALA C 62 -29.66 -17.65 8.85
N LEU C 63 -29.16 -17.26 10.02
CA LEU C 63 -27.90 -16.55 10.10
C LEU C 63 -26.81 -17.38 9.45
N SER C 64 -26.87 -18.69 9.66
CA SER C 64 -25.90 -19.61 9.08
C SER C 64 -26.06 -19.71 7.58
N ALA C 65 -27.31 -19.61 7.12
CA ALA C 65 -27.60 -19.69 5.70
C ALA C 65 -26.95 -18.54 4.95
N VAL C 66 -27.04 -17.34 5.51
CA VAL C 66 -26.53 -16.15 4.85
C VAL C 66 -25.01 -16.02 4.98
N VAL C 67 -24.48 -16.44 6.12
CA VAL C 67 -23.04 -16.35 6.36
C VAL C 67 -22.27 -17.37 5.52
N ASP C 68 -22.95 -18.43 5.10
CA ASP C 68 -22.30 -19.46 4.28
C ASP C 68 -22.32 -19.15 2.78
N ASN C 69 -23.42 -18.57 2.32
CA ASN C 69 -23.59 -18.31 0.89
C ASN C 69 -23.53 -16.83 0.51
N LEU C 70 -23.49 -15.96 1.51
CA LEU C 70 -23.49 -14.53 1.27
C LEU C 70 -22.34 -13.83 2.00
N GLY C 71 -21.51 -14.61 2.69
CA GLY C 71 -20.35 -14.05 3.35
C GLY C 71 -19.39 -13.45 2.35
N TRP C 72 -19.28 -14.09 1.19
CA TRP C 72 -18.42 -13.60 0.12
C TRP C 72 -18.90 -12.22 -0.31
N ALA C 73 -20.21 -11.97 -0.18
CA ALA C 73 -20.78 -10.68 -0.55
C ALA C 73 -20.46 -9.59 0.46
N PHE C 74 -20.81 -9.81 1.73
CA PHE C 74 -20.46 -8.87 2.79
C PHE C 74 -18.97 -8.55 2.74
N ILE C 75 -18.16 -9.56 2.48
CA ILE C 75 -16.71 -9.37 2.46
C ILE C 75 -16.24 -8.62 1.23
N LEU C 76 -16.50 -9.17 0.04
CA LEU C 76 -16.04 -8.54 -1.21
C LEU C 76 -16.51 -7.10 -1.35
N PHE C 77 -17.80 -6.86 -1.20
CA PHE C 77 -18.34 -5.52 -1.39
C PHE C 77 -17.99 -4.60 -0.24
N GLY C 78 -17.70 -5.18 0.92
CA GLY C 78 -17.31 -4.39 2.07
C GLY C 78 -16.08 -3.54 1.79
N THR C 79 -15.14 -4.09 1.05
CA THR C 79 -13.91 -3.38 0.72
C THR C 79 -14.07 -2.61 -0.59
N VAL C 80 -15.02 -3.05 -1.42
CA VAL C 80 -15.38 -2.32 -2.64
C VAL C 80 -15.92 -0.92 -2.29
N PHE C 81 -16.61 -0.82 -1.17
CA PHE C 81 -17.12 0.46 -0.69
C PHE C 81 -15.98 1.42 -0.38
N VAL C 82 -14.96 0.92 0.31
CA VAL C 82 -13.86 1.79 0.71
C VAL C 82 -13.12 2.33 -0.52
N PHE C 83 -12.94 1.49 -1.53
CA PHE C 83 -12.35 1.94 -2.80
C PHE C 83 -13.26 2.94 -3.50
N PHE C 84 -14.45 2.48 -3.88
CA PHE C 84 -15.44 3.33 -4.53
C PHE C 84 -15.45 4.72 -3.94
N ILE C 85 -15.67 4.80 -2.64
CA ILE C 85 -15.84 6.09 -1.99
C ILE C 85 -14.55 6.94 -2.06
N VAL C 86 -13.39 6.30 -1.97
CA VAL C 86 -12.13 7.04 -2.07
C VAL C 86 -11.91 7.58 -3.47
N VAL C 87 -12.19 6.77 -4.49
CA VAL C 87 -12.00 7.22 -5.87
C VAL C 87 -13.03 8.28 -6.28
N ILE C 88 -14.14 8.34 -5.56
CA ILE C 88 -15.14 9.39 -5.81
C ILE C 88 -14.67 10.71 -5.22
N ALA C 89 -14.01 10.63 -4.06
CA ALA C 89 -13.46 11.80 -3.41
C ALA C 89 -12.38 12.38 -4.31
N ALA C 90 -11.51 11.49 -4.81
CA ALA C 90 -10.42 11.88 -5.69
C ALA C 90 -10.94 12.22 -7.08
N SER C 91 -12.15 11.79 -7.37
CA SER C 91 -12.79 12.07 -8.65
C SER C 91 -13.12 13.55 -8.79
N LYS C 92 -13.46 13.95 -10.00
CA LYS C 92 -13.85 15.34 -10.27
C LYS C 92 -15.13 15.68 -9.52
N PHE C 93 -15.92 14.66 -9.21
CA PHE C 93 -17.14 14.84 -8.43
C PHE C 93 -16.88 15.55 -7.11
N GLY C 94 -15.66 15.44 -6.60
CA GLY C 94 -15.30 16.00 -5.32
C GLY C 94 -15.56 17.49 -5.20
N THR C 95 -15.38 18.22 -6.29
CA THR C 95 -15.53 19.67 -6.26
C THR C 95 -17.00 20.09 -6.25
N ILE C 96 -17.85 19.18 -6.70
CA ILE C 96 -19.30 19.36 -6.65
C ILE C 96 -19.73 19.71 -5.23
N ARG C 97 -20.70 20.60 -5.10
CA ARG C 97 -21.14 21.04 -3.78
C ARG C 97 -22.55 20.57 -3.47
N LEU C 98 -22.66 19.74 -2.43
CA LEU C 98 -23.94 19.26 -1.95
C LEU C 98 -24.85 20.43 -1.59
N GLY C 99 -25.58 20.93 -2.58
CA GLY C 99 -26.41 22.11 -2.45
C GLY C 99 -26.43 22.84 -3.78
N ARG C 100 -26.99 24.04 -3.81
CA ARG C 100 -26.98 24.86 -5.02
C ARG C 100 -25.54 25.13 -5.47
N ILE C 101 -25.36 25.59 -6.70
CA ILE C 101 -24.01 25.81 -7.22
C ILE C 101 -23.23 26.77 -6.34
N ASP C 102 -21.94 26.49 -6.15
CA ASP C 102 -21.07 27.34 -5.37
C ASP C 102 -21.58 27.60 -3.95
N GLU C 103 -22.56 26.83 -3.51
CA GLU C 103 -23.06 26.98 -2.16
C GLU C 103 -22.02 26.55 -1.12
N ALA C 104 -22.04 27.21 0.03
CA ALA C 104 -21.08 26.95 1.09
C ALA C 104 -21.77 26.31 2.29
N PRO C 105 -20.98 25.85 3.28
CA PRO C 105 -21.48 25.12 4.46
C PRO C 105 -22.34 25.95 5.39
N GLU C 106 -23.21 25.28 6.14
CA GLU C 106 -24.08 25.91 7.13
C GLU C 106 -23.33 26.17 8.44
N PHE C 107 -22.34 25.34 8.76
CA PHE C 107 -21.58 25.46 10.00
C PHE C 107 -20.07 25.61 9.78
N ARG C 108 -19.36 25.97 10.85
CA ARG C 108 -17.90 25.99 10.82
C ARG C 108 -17.36 24.58 10.64
N THR C 109 -16.17 24.47 10.08
CA THR C 109 -15.53 23.17 9.91
C THR C 109 -15.32 22.49 11.25
N VAL C 110 -14.73 23.20 12.20
CA VAL C 110 -14.47 22.63 13.52
C VAL C 110 -15.77 22.26 14.24
N SER C 111 -16.84 23.01 14.01
CA SER C 111 -18.14 22.69 14.57
C SER C 111 -18.68 21.44 13.88
N TRP C 112 -18.35 21.32 12.59
CA TRP C 112 -18.75 20.18 11.80
C TRP C 112 -18.03 18.93 12.29
N ILE C 113 -16.70 19.04 12.41
CA ILE C 113 -15.87 17.92 12.88
C ILE C 113 -16.33 17.41 14.24
N SER C 114 -16.65 18.32 15.14
CA SER C 114 -17.04 17.96 16.50
C SER C 114 -18.40 17.27 16.53
N MET C 115 -19.17 17.42 15.46
CA MET C 115 -20.44 16.70 15.33
C MET C 115 -20.22 15.29 14.77
N MET C 116 -19.06 15.07 14.17
CA MET C 116 -18.69 13.75 13.68
C MET C 116 -17.92 12.96 14.74
N PHE C 117 -17.16 13.67 15.57
CA PHE C 117 -16.53 13.06 16.73
C PHE C 117 -17.59 12.44 17.62
N ALA C 118 -18.64 13.19 17.88
CA ALA C 118 -19.76 12.70 18.68
C ALA C 118 -20.64 11.75 17.87
N ALA C 119 -20.46 11.74 16.55
CA ALA C 119 -21.24 10.85 15.68
C ALA C 119 -20.75 9.41 15.76
N GLY C 120 -19.46 9.26 16.02
CA GLY C 120 -18.86 7.94 16.14
C GLY C 120 -18.62 7.55 17.59
N MET C 121 -19.67 7.70 18.40
CA MET C 121 -19.58 7.41 19.83
C MET C 121 -20.91 6.89 20.37
N GLY C 122 -20.84 5.89 21.25
CA GLY C 122 -22.04 5.34 21.84
C GLY C 122 -21.89 3.90 22.29
N ILE C 123 -23.03 3.22 22.42
CA ILE C 123 -23.08 1.85 22.93
C ILE C 123 -22.01 0.96 22.31
N ASP C 124 -22.00 0.89 20.98
CA ASP C 124 -21.06 0.04 20.25
C ASP C 124 -19.62 0.13 20.79
N LEU C 125 -19.15 1.33 21.09
CA LEU C 125 -17.79 1.50 21.58
C LEU C 125 -17.65 1.13 23.06
N MET C 126 -18.72 1.35 23.83
CA MET C 126 -18.75 0.96 25.22
C MET C 126 -18.59 -0.56 25.38
N PHE C 127 -19.37 -1.29 24.59
CA PHE C 127 -19.47 -2.73 24.73
C PHE C 127 -18.23 -3.48 24.24
N TYR C 128 -17.70 -3.04 23.10
CA TYR C 128 -16.61 -3.74 22.44
C TYR C 128 -15.23 -3.12 22.69
N GLY C 129 -15.23 -1.90 23.20
CA GLY C 129 -13.98 -1.22 23.51
C GLY C 129 -13.01 -2.08 24.30
N THR C 130 -13.54 -2.81 25.29
CA THR C 130 -12.70 -3.64 26.15
C THR C 130 -12.52 -5.05 25.60
N THR C 131 -13.62 -5.70 25.27
CA THR C 131 -13.59 -7.12 24.93
C THR C 131 -13.08 -7.40 23.52
N GLU C 132 -13.35 -6.50 22.59
CA GLU C 132 -12.94 -6.71 21.20
C GLU C 132 -11.43 -6.95 21.04
N PRO C 133 -10.61 -5.92 21.35
CA PRO C 133 -9.17 -6.17 21.23
C PRO C 133 -8.69 -7.23 22.24
N LEU C 134 -9.32 -7.27 23.41
CA LEU C 134 -8.98 -8.26 24.42
C LEU C 134 -9.10 -9.68 23.86
N THR C 135 -10.31 -10.03 23.43
CA THR C 135 -10.58 -11.34 22.85
C THR C 135 -9.60 -11.70 21.75
N PHE C 136 -9.30 -10.73 20.87
CA PHE C 136 -8.38 -10.97 19.77
C PHE C 136 -6.99 -11.33 20.29
N TYR C 137 -6.57 -10.64 21.34
CA TYR C 137 -5.27 -10.92 21.94
C TYR C 137 -5.26 -12.26 22.66
N ARG C 138 -6.31 -12.52 23.43
CA ARG C 138 -6.37 -13.68 24.30
C ARG C 138 -6.65 -14.98 23.53
N ASN C 139 -7.52 -14.90 22.53
CA ASN C 139 -7.89 -16.08 21.76
C ASN C 139 -7.18 -16.18 20.42
N GLY C 140 -6.50 -15.11 20.03
CA GLY C 140 -5.84 -15.06 18.75
C GLY C 140 -6.83 -14.85 17.62
N VAL C 141 -6.31 -14.83 16.39
CA VAL C 141 -7.14 -14.57 15.22
C VAL C 141 -6.79 -15.57 14.12
N PRO C 142 -7.81 -16.00 13.35
CA PRO C 142 -7.46 -16.90 12.24
C PRO C 142 -6.33 -16.30 11.41
N GLY C 143 -5.35 -17.13 11.05
CA GLY C 143 -4.24 -16.68 10.25
C GLY C 143 -3.07 -16.23 11.09
N HIS C 144 -3.26 -16.26 12.42
CA HIS C 144 -2.20 -15.88 13.33
C HIS C 144 -2.20 -16.73 14.60
N ASP C 145 -1.86 -16.10 15.72
CA ASP C 145 -1.81 -16.79 16.99
C ASP C 145 -2.28 -15.88 18.11
N GLU C 146 -2.37 -16.44 19.32
CA GLU C 146 -2.82 -15.66 20.47
C GLU C 146 -1.73 -14.71 20.98
N HIS C 147 -2.12 -13.83 21.88
CA HIS C 147 -1.19 -12.88 22.48
C HIS C 147 -0.46 -12.11 21.39
N ASN C 148 -1.20 -11.45 20.52
CA ASN C 148 -0.58 -10.64 19.48
C ASN C 148 -1.22 -9.26 19.40
N VAL C 149 -0.57 -8.28 20.01
CA VAL C 149 -1.09 -6.91 20.04
C VAL C 149 -1.36 -6.38 18.63
N GLY C 150 -0.31 -6.25 17.84
CA GLY C 150 -0.44 -5.77 16.47
C GLY C 150 -1.73 -6.23 15.80
N VAL C 151 -1.91 -7.55 15.71
CA VAL C 151 -3.08 -8.11 15.05
C VAL C 151 -4.36 -7.85 15.86
N ALA C 152 -4.25 -7.90 17.18
CA ALA C 152 -5.39 -7.60 18.04
C ALA C 152 -5.91 -6.20 17.74
N MET C 153 -5.01 -5.25 17.58
CA MET C 153 -5.40 -3.86 17.35
C MET C 153 -5.85 -3.59 15.93
N SER C 154 -5.04 -4.00 14.95
CA SER C 154 -5.33 -3.70 13.56
C SER C 154 -6.62 -4.39 13.11
N THR C 155 -7.01 -5.44 13.82
CA THR C 155 -8.23 -6.15 13.47
C THR C 155 -9.46 -5.34 13.89
N THR C 156 -9.40 -4.74 15.07
CA THR C 156 -10.51 -3.91 15.53
C THR C 156 -10.55 -2.60 14.74
N MET C 157 -9.38 -2.07 14.41
CA MET C 157 -9.29 -0.90 13.55
C MET C 157 -10.04 -1.21 12.27
N PHE C 158 -9.86 -2.43 11.79
CA PHE C 158 -10.50 -2.90 10.58
C PHE C 158 -12.01 -2.80 10.72
N HIS C 159 -12.51 -3.13 11.89
CA HIS C 159 -13.94 -3.22 12.12
C HIS C 159 -14.61 -1.88 12.44
N TRP C 160 -13.84 -0.88 12.86
CA TRP C 160 -14.42 0.41 13.26
C TRP C 160 -13.92 1.65 12.51
N THR C 161 -13.01 1.50 11.56
CA THR C 161 -12.50 2.67 10.85
C THR C 161 -13.01 2.78 9.41
N LEU C 162 -12.10 2.77 8.44
CA LEU C 162 -12.47 2.95 7.02
C LEU C 162 -13.72 2.20 6.63
N HIS C 163 -13.73 0.89 6.86
CA HIS C 163 -14.81 0.03 6.35
C HIS C 163 -16.24 0.48 6.67
N PRO C 164 -16.57 0.68 7.94
CA PRO C 164 -17.93 1.16 8.27
C PRO C 164 -18.25 2.51 7.66
N TRP C 165 -17.37 3.50 7.88
CA TRP C 165 -17.65 4.88 7.47
C TRP C 165 -17.70 5.09 5.97
N ALA C 166 -17.10 4.19 5.20
CA ALA C 166 -17.30 4.17 3.75
C ALA C 166 -18.79 3.94 3.48
N ILE C 167 -19.37 2.97 4.20
CA ILE C 167 -20.79 2.67 4.08
C ILE C 167 -21.66 3.85 4.50
N TYR C 168 -21.26 4.51 5.59
CA TYR C 168 -22.00 5.68 6.07
C TYR C 168 -21.79 6.85 5.13
N ALA C 169 -20.63 6.88 4.47
CA ALA C 169 -20.35 7.87 3.44
C ALA C 169 -21.18 7.61 2.17
N ILE C 170 -21.23 6.36 1.72
CA ILE C 170 -22.01 6.01 0.54
C ILE C 170 -23.46 6.45 0.70
N VAL C 171 -24.07 6.08 1.83
CA VAL C 171 -25.47 6.38 2.07
C VAL C 171 -25.65 7.86 2.43
N GLY C 172 -24.72 8.37 3.23
CA GLY C 172 -24.72 9.78 3.57
C GLY C 172 -24.68 10.65 2.32
N LEU C 173 -23.75 10.34 1.42
CA LEU C 173 -23.61 11.08 0.17
C LEU C 173 -24.85 11.00 -0.72
N ALA C 174 -25.31 9.78 -1.00
CA ALA C 174 -26.50 9.59 -1.82
C ALA C 174 -27.64 10.48 -1.35
N ILE C 175 -27.93 10.44 -0.06
CA ILE C 175 -28.97 11.28 0.51
C ILE C 175 -28.68 12.78 0.37
N ALA C 176 -27.55 13.23 0.91
CA ALA C 176 -27.17 14.63 0.80
C ALA C 176 -27.30 15.15 -0.64
N TYR C 177 -26.85 14.35 -1.60
CA TYR C 177 -26.90 14.77 -2.99
C TYR C 177 -28.33 14.91 -3.49
N SER C 178 -29.12 13.86 -3.32
CA SER C 178 -30.49 13.86 -3.83
C SER C 178 -31.38 14.90 -3.14
N THR C 179 -31.13 15.19 -1.87
CA THR C 179 -32.01 16.10 -1.14
C THR C 179 -31.54 17.55 -1.14
N PHE C 180 -30.26 17.79 -1.43
CA PHE C 180 -29.73 19.16 -1.44
C PHE C 180 -29.40 19.65 -2.84
N ARG C 181 -28.74 18.81 -3.62
CA ARG C 181 -28.24 19.20 -4.92
C ARG C 181 -29.32 19.08 -6.00
N VAL C 182 -30.21 18.11 -5.82
CA VAL C 182 -31.20 17.81 -6.84
C VAL C 182 -32.63 18.01 -6.30
N GLY C 183 -32.73 18.16 -4.98
CA GLY C 183 -33.98 18.53 -4.34
C GLY C 183 -35.09 17.51 -4.42
N ARG C 184 -34.74 16.23 -4.24
CA ARG C 184 -35.72 15.16 -4.14
C ARG C 184 -36.15 15.02 -2.69
N LYS C 185 -37.15 14.19 -2.44
CA LYS C 185 -37.56 13.89 -1.06
C LYS C 185 -36.38 13.26 -0.33
N GLN C 186 -36.28 13.51 0.97
CA GLN C 186 -35.21 12.92 1.76
C GLN C 186 -35.54 11.48 2.13
N LEU C 187 -35.62 10.63 1.10
CA LEU C 187 -35.83 9.20 1.27
C LEU C 187 -34.76 8.45 0.49
N LEU C 188 -34.44 7.26 0.95
CA LEU C 188 -33.47 6.42 0.24
C LEU C 188 -33.97 6.11 -1.17
N SER C 189 -35.27 5.88 -1.30
CA SER C 189 -35.87 5.58 -2.60
C SER C 189 -35.51 6.65 -3.62
N SER C 190 -35.48 7.90 -3.16
CA SER C 190 -35.20 9.04 -4.03
C SER C 190 -33.79 8.95 -4.61
N ALA C 191 -32.84 8.51 -3.80
CA ALA C 191 -31.46 8.37 -4.24
C ALA C 191 -31.34 7.37 -5.38
N PHE C 192 -32.40 6.61 -5.62
CA PHE C 192 -32.41 5.57 -6.66
C PHE C 192 -33.08 6.01 -7.95
N VAL C 193 -33.61 7.23 -7.96
CA VAL C 193 -34.24 7.77 -9.17
C VAL C 193 -33.43 7.48 -10.45
N PRO C 194 -32.14 7.83 -10.48
CA PRO C 194 -31.36 7.67 -11.71
C PRO C 194 -31.44 6.27 -12.30
N LEU C 195 -31.54 5.26 -11.45
CA LEU C 195 -31.61 3.88 -11.93
C LEU C 195 -33.04 3.42 -12.05
N ILE C 196 -33.73 3.36 -10.91
CA ILE C 196 -35.09 2.86 -10.90
C ILE C 196 -36.04 3.91 -11.46
N GLY C 197 -36.42 4.90 -10.65
CA GLY C 197 -37.33 5.94 -11.07
C GLY C 197 -37.17 6.35 -12.53
N GLU C 198 -38.15 6.03 -13.37
CA GLU C 198 -39.40 5.39 -12.97
C GLU C 198 -40.17 6.16 -11.89
N LYS C 199 -40.53 7.40 -12.21
CA LYS C 199 -41.36 8.21 -11.34
C LYS C 199 -40.78 8.29 -9.93
N GLY C 200 -41.67 8.35 -8.94
CA GLY C 200 -41.26 8.31 -7.55
C GLY C 200 -40.85 6.91 -7.18
N ALA C 201 -40.60 6.09 -8.19
CA ALA C 201 -40.23 4.69 -7.98
C ALA C 201 -41.27 4.02 -7.10
N GLU C 202 -42.48 4.58 -7.08
CA GLU C 202 -43.52 4.10 -6.17
C GLU C 202 -43.87 2.63 -6.42
N GLY C 203 -44.96 2.18 -5.80
CA GLY C 203 -45.31 0.77 -5.83
C GLY C 203 -44.16 -0.02 -5.24
N TRP C 204 -43.79 -1.11 -5.90
CA TRP C 204 -42.62 -1.87 -5.48
C TRP C 204 -41.35 -1.04 -5.63
N LEU C 205 -40.25 -1.56 -5.08
CA LEU C 205 -38.94 -0.90 -5.18
C LEU C 205 -38.83 0.36 -4.34
N GLY C 206 -39.28 1.49 -4.88
CA GLY C 206 -39.26 2.73 -4.13
C GLY C 206 -39.80 2.54 -2.73
N LYS C 207 -40.96 1.88 -2.64
CA LYS C 207 -41.54 1.54 -1.35
C LYS C 207 -40.71 0.47 -0.66
N LEU C 208 -40.21 -0.48 -1.45
CA LEU C 208 -39.42 -1.58 -0.92
C LEU C 208 -38.09 -1.10 -0.36
N ILE C 209 -37.44 -0.18 -1.06
CA ILE C 209 -36.18 0.38 -0.61
C ILE C 209 -36.37 1.09 0.72
N ASP C 210 -37.37 1.96 0.80
CA ASP C 210 -37.64 2.67 2.04
C ASP C 210 -38.15 1.72 3.11
N ILE C 211 -38.86 0.67 2.71
CA ILE C 211 -39.35 -0.31 3.65
C ILE C 211 -38.18 -1.06 4.28
N LEU C 212 -37.20 -1.43 3.45
CA LEU C 212 -35.99 -2.09 3.90
C LEU C 212 -35.14 -1.13 4.73
N ALA C 213 -35.17 0.15 4.37
CA ALA C 213 -34.47 1.17 5.12
C ALA C 213 -34.99 1.25 6.54
N ILE C 214 -36.31 1.18 6.71
CA ILE C 214 -36.91 1.21 8.03
C ILE C 214 -36.52 -0.04 8.82
N ILE C 215 -36.84 -1.21 8.27
CA ILE C 215 -36.50 -2.46 8.94
C ILE C 215 -35.06 -2.44 9.44
N ALA C 216 -34.12 -2.21 8.52
CA ALA C 216 -32.70 -2.18 8.86
C ALA C 216 -32.40 -1.28 10.06
N THR C 217 -32.84 -0.03 9.97
CA THR C 217 -32.61 0.95 11.03
C THR C 217 -33.12 0.43 12.38
N VAL C 218 -34.26 -0.25 12.37
CA VAL C 218 -34.86 -0.75 13.59
C VAL C 218 -33.99 -1.80 14.27
N PHE C 219 -33.60 -2.84 13.51
CA PHE C 219 -32.79 -3.93 14.04
C PHE C 219 -31.35 -3.49 14.35
N GLY C 220 -30.83 -2.57 13.56
CA GLY C 220 -29.51 -2.04 13.79
C GLY C 220 -29.42 -1.36 15.15
N THR C 221 -30.37 -0.48 15.42
CA THR C 221 -30.43 0.21 16.70
C THR C 221 -30.94 -0.71 17.81
N ALA C 222 -31.74 -1.71 17.43
CA ALA C 222 -32.22 -2.69 18.39
C ALA C 222 -31.06 -3.53 18.89
N CYS C 223 -30.02 -3.64 18.06
CA CYS C 223 -28.84 -4.39 18.43
C CYS C 223 -27.95 -3.61 19.38
N SER C 224 -28.06 -2.29 19.35
CA SER C 224 -27.29 -1.44 20.24
C SER C 224 -28.04 -1.23 21.56
N LEU C 225 -29.33 -0.94 21.45
CA LEU C 225 -30.17 -0.80 22.63
C LEU C 225 -30.15 -2.09 23.43
N GLY C 226 -30.15 -3.20 22.70
CA GLY C 226 -30.17 -4.52 23.31
C GLY C 226 -28.95 -4.79 24.16
N LEU C 227 -27.78 -4.88 23.51
CA LEU C 227 -26.56 -5.24 24.23
C LEU C 227 -26.17 -4.14 25.22
N GLY C 228 -26.57 -2.92 24.94
CA GLY C 228 -26.38 -1.82 25.88
C GLY C 228 -27.18 -2.05 27.14
N ALA C 229 -28.34 -2.68 26.99
CA ALA C 229 -29.21 -2.99 28.12
C ALA C 229 -28.62 -4.10 28.97
N LEU C 230 -27.98 -5.07 28.33
CA LEU C 230 -27.37 -6.19 29.06
C LEU C 230 -25.95 -5.86 29.50
N GLN C 231 -25.49 -4.65 29.18
CA GLN C 231 -24.25 -4.17 29.75
C GLN C 231 -24.58 -3.31 30.97
N ILE C 232 -25.82 -2.84 31.02
CA ILE C 232 -26.33 -2.19 32.23
C ILE C 232 -26.48 -3.24 33.32
N GLY C 233 -27.22 -4.31 33.01
CA GLY C 233 -27.43 -5.39 33.95
C GLY C 233 -26.13 -5.86 34.59
N ALA C 234 -25.17 -6.19 33.74
CA ALA C 234 -23.86 -6.63 34.22
C ALA C 234 -23.20 -5.57 35.09
N GLY C 235 -23.44 -4.31 34.76
CA GLY C 235 -22.89 -3.21 35.53
C GLY C 235 -23.56 -3.10 36.88
N LEU C 236 -24.85 -3.41 36.91
CA LEU C 236 -25.61 -3.39 38.16
C LEU C 236 -25.02 -4.36 39.17
N SER C 237 -24.41 -5.43 38.67
CA SER C 237 -23.72 -6.38 39.53
C SER C 237 -22.38 -5.83 40.02
N ALA C 238 -22.32 -4.51 40.16
CA ALA C 238 -21.13 -3.84 40.68
C ALA C 238 -21.53 -2.77 41.69
N ALA C 239 -22.74 -2.90 42.23
CA ALA C 239 -23.26 -1.97 43.22
C ALA C 239 -24.48 -2.55 43.92
N ASN C 240 -25.66 -2.11 43.52
CA ASN C 240 -26.91 -2.55 44.14
C ASN C 240 -27.23 -4.01 43.84
N ILE C 241 -26.49 -4.61 42.91
CA ILE C 241 -26.66 -6.01 42.54
C ILE C 241 -28.12 -6.38 42.32
N PRO C 245 -28.55 -11.15 37.54
CA PRO C 245 -28.67 -12.05 36.39
C PRO C 245 -30.14 -12.31 36.06
N SER C 246 -31.03 -12.06 37.02
CA SER C 246 -32.46 -12.26 36.83
C SER C 246 -32.92 -11.59 35.55
N ASP C 247 -33.45 -12.38 34.62
CA ASP C 247 -33.88 -11.87 33.32
C ASP C 247 -34.86 -10.71 33.46
N TRP C 248 -35.63 -10.72 34.54
CA TRP C 248 -36.61 -9.68 34.79
C TRP C 248 -35.96 -8.29 34.80
N THR C 249 -34.76 -8.21 35.36
CA THR C 249 -34.05 -6.94 35.49
C THR C 249 -33.84 -6.28 34.13
N ILE C 250 -33.49 -7.08 33.12
CA ILE C 250 -33.27 -6.57 31.79
C ILE C 250 -34.51 -5.83 31.27
N VAL C 251 -35.69 -6.42 31.49
CA VAL C 251 -36.93 -5.75 31.15
C VAL C 251 -37.05 -4.47 31.98
N GLY C 252 -36.81 -4.59 33.28
CA GLY C 252 -36.82 -3.45 34.17
C GLY C 252 -35.94 -2.34 33.63
N ILE C 253 -34.76 -2.72 33.14
CA ILE C 253 -33.82 -1.76 32.56
C ILE C 253 -34.44 -1.10 31.34
N VAL C 254 -34.79 -1.92 30.34
CA VAL C 254 -35.37 -1.41 29.10
C VAL C 254 -36.59 -0.55 29.37
N SER C 255 -37.50 -1.05 30.20
CA SER C 255 -38.75 -0.35 30.53
C SER C 255 -38.51 1.10 30.95
N VAL C 256 -37.57 1.30 31.88
CA VAL C 256 -37.28 2.63 32.38
C VAL C 256 -36.62 3.52 31.32
N LEU C 257 -35.69 2.95 30.56
CA LEU C 257 -34.98 3.70 29.53
C LEU C 257 -35.89 4.04 28.35
N THR C 258 -36.65 3.06 27.88
CA THR C 258 -37.61 3.29 26.80
C THR C 258 -38.72 4.22 27.29
N LEU C 259 -38.90 4.27 28.61
CA LEU C 259 -39.90 5.14 29.23
C LEU C 259 -39.39 6.57 29.25
N ALA C 260 -38.15 6.75 29.68
CA ALA C 260 -37.51 8.06 29.65
C ALA C 260 -37.40 8.56 28.22
N PHE C 261 -37.34 7.61 27.28
CA PHE C 261 -37.28 7.95 25.87
C PHE C 261 -38.55 8.67 25.42
N ILE C 262 -39.69 8.23 25.95
CA ILE C 262 -40.98 8.85 25.61
C ILE C 262 -41.16 10.20 26.28
N PHE C 263 -40.68 10.31 27.52
CA PHE C 263 -40.74 11.55 28.27
C PHE C 263 -39.90 12.63 27.59
N SER C 264 -38.71 12.23 27.13
CA SER C 264 -37.78 13.17 26.52
C SER C 264 -37.96 13.30 25.01
N ALA C 265 -38.99 12.66 24.47
CA ALA C 265 -39.31 12.77 23.06
C ALA C 265 -40.37 13.84 22.84
N ILE C 266 -40.60 14.65 23.87
CA ILE C 266 -41.58 15.73 23.81
C ILE C 266 -40.89 17.10 23.89
N SER C 267 -39.67 17.17 23.36
CA SER C 267 -38.91 18.42 23.35
C SER C 267 -37.79 18.35 22.30
N GLY C 272 -33.64 17.94 25.60
CA GLY C 272 -33.94 16.86 24.68
C GLY C 272 -32.69 16.18 24.17
N ILE C 273 -32.79 15.59 22.97
CA ILE C 273 -31.66 14.92 22.34
C ILE C 273 -30.44 15.84 22.24
N GLN C 274 -30.68 17.09 21.87
CA GLN C 274 -29.60 18.07 21.74
C GLN C 274 -28.88 18.29 23.06
N TYR C 275 -29.57 18.02 24.16
CA TYR C 275 -29.02 18.23 25.50
C TYR C 275 -28.18 17.05 25.98
N LEU C 276 -28.76 15.85 25.90
CA LEU C 276 -28.09 14.64 26.37
C LEU C 276 -26.92 14.25 25.47
N SER C 277 -27.05 14.50 24.18
CA SER C 277 -25.96 14.23 23.24
C SER C 277 -24.76 15.09 23.59
N ASN C 278 -24.98 16.06 24.47
CA ASN C 278 -23.92 16.92 24.97
C ASN C 278 -23.49 16.49 26.36
N ALA C 279 -24.42 15.87 27.09
CA ALA C 279 -24.12 15.29 28.39
C ALA C 279 -23.43 13.95 28.24
N ASN C 280 -23.49 13.39 27.03
CA ASN C 280 -22.80 12.14 26.73
C ASN C 280 -21.30 12.36 26.59
N MET C 281 -20.92 13.44 25.90
CA MET C 281 -19.52 13.70 25.58
C MET C 281 -18.71 14.12 26.80
N VAL C 282 -19.40 14.45 27.90
CA VAL C 282 -18.70 14.75 29.14
C VAL C 282 -18.44 13.46 29.92
N LEU C 283 -19.48 12.64 30.06
CA LEU C 283 -19.34 11.36 30.73
C LEU C 283 -18.30 10.49 30.03
N ALA C 284 -18.47 10.33 28.71
CA ALA C 284 -17.56 9.50 27.92
C ALA C 284 -16.13 9.99 27.99
N ALA C 285 -15.93 11.30 27.87
CA ALA C 285 -14.61 11.88 27.97
C ALA C 285 -14.05 11.67 29.37
N LEU C 286 -14.93 11.67 30.37
CA LEU C 286 -14.52 11.47 31.76
C LEU C 286 -14.03 10.05 31.99
N LEU C 287 -14.70 9.10 31.35
CA LEU C 287 -14.36 7.69 31.47
C LEU C 287 -13.04 7.39 30.75
N ALA C 288 -12.91 7.91 29.53
CA ALA C 288 -11.72 7.69 28.73
C ALA C 288 -10.51 8.39 29.33
N ILE C 289 -10.65 9.69 29.55
CA ILE C 289 -9.59 10.46 30.19
C ILE C 289 -9.19 9.82 31.53
N PHE C 290 -10.18 9.25 32.21
CA PHE C 290 -9.93 8.52 33.45
C PHE C 290 -9.00 7.33 33.22
N VAL C 291 -9.46 6.37 32.43
CA VAL C 291 -8.67 5.18 32.14
C VAL C 291 -7.29 5.56 31.59
N PHE C 292 -7.22 6.66 30.85
CA PHE C 292 -5.98 7.06 30.22
C PHE C 292 -4.93 7.43 31.24
N VAL C 293 -5.30 8.28 32.19
CA VAL C 293 -4.37 8.69 33.24
C VAL C 293 -4.18 7.58 34.27
N VAL C 294 -5.28 7.11 34.84
CA VAL C 294 -5.20 6.14 35.93
C VAL C 294 -4.79 4.72 35.46
N GLY C 295 -4.67 4.52 34.15
CA GLY C 295 -4.19 3.28 33.60
C GLY C 295 -2.79 3.41 33.02
N PRO C 296 -2.35 2.39 32.24
CA PRO C 296 -1.00 2.36 31.63
C PRO C 296 -0.83 3.42 30.56
N THR C 297 -0.80 4.68 30.98
CA THR C 297 -0.81 5.82 30.07
C THR C 297 0.16 5.64 28.90
N VAL C 298 1.43 5.48 29.20
CA VAL C 298 2.45 5.33 28.17
C VAL C 298 2.15 4.20 27.18
N SER C 299 1.62 3.09 27.68
CA SER C 299 1.30 1.95 26.82
C SER C 299 0.16 2.28 25.86
N ILE C 300 -0.92 2.82 26.40
CA ILE C 300 -2.05 3.26 25.59
C ILE C 300 -1.55 4.18 24.49
N LEU C 301 -0.71 5.14 24.85
CA LEU C 301 -0.12 6.04 23.87
C LEU C 301 0.64 5.26 22.81
N ASN C 302 1.46 4.31 23.25
CA ASN C 302 2.18 3.43 22.33
C ASN C 302 1.28 2.81 21.28
N LEU C 303 0.05 2.46 21.69
CA LEU C 303 -0.90 1.76 20.82
C LEU C 303 -1.50 2.64 19.72
N LEU C 304 -1.44 3.95 19.89
CA LEU C 304 -1.89 4.87 18.84
C LEU C 304 -1.11 4.61 17.55
N PRO C 305 0.20 4.95 17.54
CA PRO C 305 0.94 4.68 16.30
C PRO C 305 0.86 3.21 15.94
N GLY C 306 0.88 2.34 16.96
CA GLY C 306 0.85 0.91 16.74
C GLY C 306 -0.37 0.45 15.96
N SER C 307 -1.55 0.66 16.54
CA SER C 307 -2.78 0.23 15.91
C SER C 307 -3.04 0.86 14.53
N ILE C 308 -2.51 2.07 14.31
CA ILE C 308 -2.62 2.68 12.98
C ILE C 308 -1.62 2.07 11.99
N GLY C 309 -0.38 1.85 12.43
CA GLY C 309 0.65 1.26 11.60
C GLY C 309 0.35 -0.20 11.25
N ASN C 310 -0.16 -0.95 12.22
CA ASN C 310 -0.61 -2.31 11.95
C ASN C 310 -1.80 -2.34 11.00
N TYR C 311 -2.78 -1.48 11.26
CA TYR C 311 -4.01 -1.44 10.46
C TYR C 311 -3.73 -1.19 8.99
N LEU C 312 -2.68 -0.43 8.69
CA LEU C 312 -2.32 -0.17 7.31
C LEU C 312 -1.52 -1.31 6.73
N SER C 313 -0.74 -1.98 7.57
CA SER C 313 0.07 -3.09 7.11
C SER C 313 -0.77 -4.32 6.80
N ASN C 314 -1.78 -4.57 7.62
CA ASN C 314 -2.61 -5.76 7.46
C ASN C 314 -3.87 -5.55 6.63
N PHE C 315 -4.19 -4.30 6.34
CA PHE C 315 -5.45 -3.94 5.70
C PHE C 315 -5.95 -4.94 4.66
N PHE C 316 -5.13 -5.20 3.63
CA PHE C 316 -5.55 -6.06 2.53
C PHE C 316 -5.55 -7.54 2.86
N GLN C 317 -4.62 -7.95 3.73
CA GLN C 317 -4.63 -9.31 4.26
C GLN C 317 -5.98 -9.52 4.93
N MET C 318 -6.41 -8.52 5.69
CA MET C 318 -7.68 -8.58 6.39
C MET C 318 -8.82 -8.45 5.38
N ALA C 319 -8.61 -7.60 4.39
CA ALA C 319 -9.57 -7.44 3.30
C ALA C 319 -9.74 -8.75 2.54
N GLY C 320 -8.76 -9.64 2.70
CA GLY C 320 -8.76 -10.89 1.96
C GLY C 320 -9.10 -12.13 2.78
N ARG C 321 -9.58 -11.94 4.01
CA ARG C 321 -10.00 -13.08 4.82
C ARG C 321 -11.43 -13.52 4.53
N THR C 322 -11.58 -14.71 3.95
CA THR C 322 -12.89 -15.34 3.83
C THR C 322 -12.88 -16.69 4.53
N ALA C 323 -13.97 -17.45 4.42
CA ALA C 323 -14.06 -18.76 5.06
C ALA C 323 -13.09 -19.77 4.45
N MET C 324 -12.48 -19.40 3.32
CA MET C 324 -11.48 -20.26 2.67
C MET C 324 -10.12 -20.17 3.35
N SER C 325 -9.86 -19.06 4.04
CA SER C 325 -8.72 -18.99 4.94
C SER C 325 -9.31 -19.17 6.34
N ALA C 326 -8.51 -19.64 7.30
CA ALA C 326 -7.14 -20.08 7.07
C ALA C 326 -7.12 -21.59 6.85
N ASP C 327 -6.98 -21.99 5.59
CA ASP C 327 -7.06 -23.39 5.20
C ASP C 327 -8.47 -23.90 5.50
N GLY C 328 -9.47 -23.19 4.99
CA GLY C 328 -10.86 -23.51 5.21
C GLY C 328 -11.22 -23.57 6.68
N THR C 329 -10.73 -22.61 7.46
CA THR C 329 -10.90 -22.67 8.91
C THR C 329 -11.46 -21.40 9.55
N ALA C 330 -11.11 -20.24 8.97
CA ALA C 330 -11.53 -18.96 9.54
C ALA C 330 -13.01 -18.67 9.34
N GLY C 331 -13.76 -19.67 8.90
CA GLY C 331 -15.18 -19.51 8.64
C GLY C 331 -15.97 -19.07 9.84
N GLU C 332 -15.87 -19.82 10.95
CA GLU C 332 -16.68 -19.57 12.13
C GLU C 332 -16.40 -18.20 12.74
N TRP C 333 -15.12 -17.85 12.84
CA TRP C 333 -14.70 -16.57 13.39
C TRP C 333 -15.32 -15.42 12.62
N LEU C 334 -15.23 -15.47 11.30
CA LEU C 334 -15.76 -14.43 10.44
C LEU C 334 -17.25 -14.21 10.68
N GLY C 335 -17.95 -15.26 11.07
CA GLY C 335 -19.38 -15.16 11.32
C GLY C 335 -19.70 -14.45 12.61
N SER C 336 -18.70 -14.31 13.48
CA SER C 336 -18.92 -13.76 14.81
C SER C 336 -18.27 -12.39 14.99
N TRP C 337 -17.59 -11.92 13.96
CA TRP C 337 -16.92 -10.63 14.03
C TRP C 337 -17.07 -9.84 12.73
N THR C 338 -16.16 -10.09 11.80
CA THR C 338 -16.13 -9.34 10.55
C THR C 338 -17.49 -9.30 9.85
N ILE C 339 -18.15 -10.44 9.73
CA ILE C 339 -19.42 -10.48 9.01
C ILE C 339 -20.57 -9.88 9.82
N PHE C 340 -20.61 -10.17 11.11
CA PHE C 340 -21.58 -9.55 11.99
C PHE C 340 -21.52 -8.03 11.88
N TYR C 341 -20.38 -7.46 12.26
CA TYR C 341 -20.17 -6.02 12.17
C TYR C 341 -20.61 -5.46 10.82
N TRP C 342 -20.07 -6.02 9.74
CA TRP C 342 -20.41 -5.58 8.40
C TRP C 342 -21.94 -5.46 8.25
N ALA C 343 -22.65 -6.49 8.69
CA ALA C 343 -24.10 -6.48 8.64
C ALA C 343 -24.68 -5.34 9.45
N TRP C 344 -24.14 -5.18 10.66
CA TRP C 344 -24.58 -4.14 11.60
C TRP C 344 -24.33 -2.73 11.07
N TRP C 345 -23.19 -2.53 10.42
CA TRP C 345 -22.85 -1.23 9.81
C TRP C 345 -23.80 -0.92 8.66
N ILE C 346 -24.03 -1.92 7.82
CA ILE C 346 -24.93 -1.75 6.70
C ILE C 346 -26.37 -1.47 7.14
N SER C 347 -26.77 -2.06 8.26
CA SER C 347 -28.13 -1.87 8.78
C SER C 347 -28.31 -0.50 9.41
N TRP C 348 -27.19 0.14 9.74
CA TRP C 348 -27.24 1.41 10.45
C TRP C 348 -26.94 2.58 9.52
N SER C 349 -26.81 2.30 8.24
CA SER C 349 -26.44 3.32 7.25
C SER C 349 -27.59 4.26 6.88
N PRO C 350 -28.84 3.76 6.85
CA PRO C 350 -29.92 4.72 6.65
C PRO C 350 -29.94 5.82 7.71
N PHE C 351 -29.73 5.47 8.97
CA PHE C 351 -29.72 6.49 10.01
C PHE C 351 -28.48 7.38 9.96
N VAL C 352 -27.31 6.77 10.05
CA VAL C 352 -26.04 7.52 10.05
C VAL C 352 -25.86 8.31 8.76
N GLY C 353 -26.30 7.75 7.64
CA GLY C 353 -26.29 8.44 6.37
C GLY C 353 -27.09 9.73 6.42
N MET C 354 -28.32 9.64 6.93
CA MET C 354 -29.16 10.82 7.15
C MET C 354 -28.43 11.88 7.96
N PHE C 355 -27.89 11.47 9.10
CA PHE C 355 -27.21 12.38 10.01
C PHE C 355 -26.12 13.18 9.31
N LEU C 356 -25.16 12.48 8.71
CA LEU C 356 -24.07 13.13 8.02
C LEU C 356 -24.58 14.07 6.92
N ALA C 357 -25.46 13.56 6.06
CA ALA C 357 -26.04 14.39 5.01
C ALA C 357 -26.65 15.65 5.63
N ARG C 358 -27.54 15.42 6.59
CA ARG C 358 -28.25 16.48 7.29
C ARG C 358 -27.32 17.48 7.99
N ILE C 359 -26.04 17.16 8.05
CA ILE C 359 -25.06 17.98 8.78
C ILE C 359 -23.94 18.50 7.88
N SER C 360 -23.97 18.10 6.60
CA SER C 360 -22.88 18.42 5.68
C SER C 360 -23.29 19.24 4.46
N ARG C 361 -24.50 19.78 4.46
CA ARG C 361 -24.97 20.61 3.35
C ARG C 361 -24.03 21.78 3.08
N GLY C 362 -23.61 21.93 1.83
CA GLY C 362 -22.69 22.98 1.46
C GLY C 362 -21.26 22.51 1.32
N ARG C 363 -20.94 21.38 1.95
CA ARG C 363 -19.62 20.76 1.82
C ARG C 363 -19.44 20.26 0.41
N SER C 364 -18.21 20.32 -0.09
CA SER C 364 -17.93 19.67 -1.37
C SER C 364 -17.97 18.17 -1.12
N ILE C 365 -18.27 17.41 -2.15
CA ILE C 365 -18.28 15.97 -2.04
C ILE C 365 -16.93 15.45 -1.51
N ARG C 366 -15.84 16.08 -1.96
CA ARG C 366 -14.50 15.67 -1.54
C ARG C 366 -14.26 15.93 -0.06
N GLU C 367 -14.55 17.15 0.37
CA GLU C 367 -14.45 17.55 1.77
C GLU C 367 -15.35 16.69 2.66
N PHE C 368 -16.50 16.29 2.15
CA PHE C 368 -17.43 15.44 2.87
C PHE C 368 -16.81 14.07 3.14
N ILE C 369 -16.58 13.32 2.07
CA ILE C 369 -15.97 12.00 2.17
C ILE C 369 -14.78 11.98 3.14
N LEU C 370 -13.75 12.75 2.84
CA LEU C 370 -12.54 12.76 3.69
C LEU C 370 -12.87 13.04 5.16
N GLY C 371 -13.83 13.92 5.40
CA GLY C 371 -14.27 14.22 6.75
C GLY C 371 -14.88 13.00 7.42
N VAL C 372 -15.90 12.44 6.79
CA VAL C 372 -16.60 11.30 7.37
C VAL C 372 -15.69 10.09 7.61
N LEU C 373 -14.68 9.90 6.77
CA LEU C 373 -13.74 8.79 6.93
C LEU C 373 -12.73 9.06 8.06
N LEU C 374 -11.99 10.15 7.94
CA LEU C 374 -10.86 10.42 8.82
C LEU C 374 -11.23 10.81 10.25
N VAL C 375 -12.31 11.56 10.40
CA VAL C 375 -12.64 12.11 11.73
C VAL C 375 -13.22 11.08 12.71
N PRO C 376 -14.35 10.44 12.36
CA PRO C 376 -14.92 9.47 13.29
C PRO C 376 -13.90 8.43 13.73
N ALA C 377 -13.02 8.01 12.81
CA ALA C 377 -12.05 6.96 13.08
C ALA C 377 -11.04 7.37 14.14
N GLY C 378 -10.90 8.68 14.34
CA GLY C 378 -10.02 9.20 15.38
C GLY C 378 -10.52 8.80 16.75
N VAL C 379 -11.83 8.89 16.95
CA VAL C 379 -12.45 8.50 18.21
C VAL C 379 -12.24 7.03 18.48
N SER C 380 -12.60 6.20 17.50
CA SER C 380 -12.42 4.76 17.61
C SER C 380 -10.99 4.43 18.03
N THR C 381 -10.03 4.73 17.14
CA THR C 381 -8.62 4.50 17.40
C THR C 381 -8.20 4.82 18.84
N VAL C 382 -8.62 5.97 19.34
CA VAL C 382 -8.26 6.39 20.68
C VAL C 382 -9.00 5.59 21.74
N TRP C 383 -10.31 5.45 21.58
CA TRP C 383 -11.15 4.79 22.58
C TRP C 383 -10.80 3.32 22.75
N PHE C 384 -10.39 2.66 21.67
CA PHE C 384 -9.98 1.27 21.75
C PHE C 384 -8.60 1.14 22.39
N SER C 385 -7.70 2.06 22.08
CA SER C 385 -6.36 2.04 22.67
C SER C 385 -6.43 2.31 24.17
N ILE C 386 -7.45 3.04 24.58
CA ILE C 386 -7.65 3.35 25.99
C ILE C 386 -8.17 2.14 26.76
N PHE C 387 -9.26 1.56 26.27
CA PHE C 387 -9.91 0.45 26.97
C PHE C 387 -9.32 -0.92 26.63
N GLY C 388 -9.36 -1.27 25.35
CA GLY C 388 -8.76 -2.51 24.89
C GLY C 388 -7.26 -2.53 25.05
N GLY C 389 -6.65 -1.35 25.17
CA GLY C 389 -5.22 -1.25 25.38
C GLY C 389 -4.81 -1.69 26.78
N THR C 390 -5.51 -1.19 27.79
CA THR C 390 -5.19 -1.54 29.16
C THR C 390 -5.69 -2.95 29.47
N ALA C 391 -6.67 -3.42 28.70
CA ALA C 391 -7.15 -4.79 28.84
C ALA C 391 -6.06 -5.77 28.41
N ILE C 392 -5.34 -5.43 27.35
CA ILE C 392 -4.19 -6.20 26.90
C ILE C 392 -3.06 -6.17 27.92
N VAL C 393 -2.84 -5.01 28.53
CA VAL C 393 -1.76 -4.85 29.51
C VAL C 393 -2.05 -5.63 30.79
N PHE C 394 -3.32 -5.72 31.16
CA PHE C 394 -3.72 -6.49 32.32
C PHE C 394 -3.54 -8.00 32.06
N GLU C 395 -3.73 -8.43 30.82
CA GLU C 395 -3.49 -9.81 30.45
C GLU C 395 -2.02 -10.18 30.59
N GLN C 396 -1.15 -9.34 30.05
CA GLN C 396 0.28 -9.58 30.10
C GLN C 396 0.80 -9.54 31.54
N ASN C 397 0.26 -8.65 32.35
CA ASN C 397 0.74 -8.47 33.71
C ASN C 397 0.00 -9.34 34.73
N GLY C 398 -0.84 -10.25 34.25
CA GLY C 398 -1.50 -11.21 35.11
C GLY C 398 -2.70 -10.68 35.88
N GLU C 399 -3.10 -9.45 35.59
CA GLU C 399 -4.29 -8.87 36.21
C GLU C 399 -5.56 -9.30 35.49
N SER C 400 -5.40 -9.95 34.35
CA SER C 400 -6.50 -10.36 33.48
C SER C 400 -7.91 -10.05 34.01
N ILE C 401 -8.60 -9.15 33.32
CA ILE C 401 -9.96 -8.80 33.67
C ILE C 401 -10.99 -9.61 32.89
N TRP C 402 -10.53 -10.70 32.27
CA TRP C 402 -11.41 -11.54 31.47
C TRP C 402 -12.60 -12.05 32.29
N GLY C 403 -12.32 -12.91 33.27
CA GLY C 403 -13.33 -13.41 34.19
C GLY C 403 -14.56 -13.99 33.52
N ASP C 404 -14.59 -15.32 33.41
CA ASP C 404 -15.71 -16.06 32.80
C ASP C 404 -16.03 -15.69 31.35
N GLY C 405 -15.36 -14.66 30.83
CA GLY C 405 -15.51 -14.27 29.44
C GLY C 405 -16.89 -13.82 29.01
N ALA C 406 -17.49 -12.91 29.76
CA ALA C 406 -18.78 -12.34 29.40
C ALA C 406 -18.62 -10.86 29.07
N ALA C 407 -18.47 -10.56 27.79
CA ALA C 407 -18.23 -9.19 27.32
C ALA C 407 -18.99 -8.15 28.13
N GLU C 408 -20.27 -8.44 28.38
CA GLU C 408 -21.17 -7.58 29.13
C GLU C 408 -20.60 -7.05 30.45
N GLU C 409 -19.78 -7.86 31.10
CA GLU C 409 -19.27 -7.50 32.42
C GLU C 409 -17.75 -7.28 32.42
N GLN C 410 -17.20 -7.05 31.24
CA GLN C 410 -15.76 -6.84 31.12
C GLN C 410 -15.35 -5.40 31.36
N LEU C 411 -16.16 -4.46 30.86
CA LEU C 411 -15.87 -3.04 31.06
C LEU C 411 -15.67 -2.75 32.52
N PHE C 412 -16.63 -3.16 33.33
CA PHE C 412 -16.60 -2.93 34.76
C PHE C 412 -15.45 -3.69 35.39
N GLY C 413 -15.13 -4.83 34.81
CA GLY C 413 -13.97 -5.60 35.21
C GLY C 413 -12.73 -4.73 35.08
N LEU C 414 -12.66 -4.01 33.97
CA LEU C 414 -11.55 -3.10 33.74
C LEU C 414 -11.56 -1.99 34.78
N LEU C 415 -12.61 -1.17 34.76
CA LEU C 415 -12.74 -0.04 35.67
C LEU C 415 -12.42 -0.39 37.12
N HIS C 416 -12.99 -1.50 37.59
CA HIS C 416 -12.80 -1.92 38.98
C HIS C 416 -11.32 -2.12 39.34
N ALA C 417 -10.53 -2.51 38.35
CA ALA C 417 -9.10 -2.76 38.57
C ALA C 417 -8.31 -1.47 38.66
N LEU C 418 -9.01 -0.34 38.62
CA LEU C 418 -8.38 0.97 38.70
C LEU C 418 -8.90 1.75 39.91
N PRO C 419 -8.00 2.49 40.58
CA PRO C 419 -8.36 3.27 41.77
C PRO C 419 -9.45 4.30 41.47
N GLY C 420 -10.59 4.16 42.15
CA GLY C 420 -11.72 5.04 41.91
C GLY C 420 -12.61 4.49 40.81
N GLY C 421 -12.30 3.27 40.38
CA GLY C 421 -13.06 2.62 39.34
C GLY C 421 -14.38 2.06 39.83
N GLN C 422 -14.67 2.28 41.11
CA GLN C 422 -15.94 1.84 41.69
C GLN C 422 -17.00 2.90 41.46
N ILE C 423 -16.59 4.15 41.46
CA ILE C 423 -17.50 5.26 41.16
C ILE C 423 -17.60 5.44 39.64
N MET C 424 -16.51 5.16 38.95
CA MET C 424 -16.48 5.24 37.48
C MET C 424 -17.37 4.17 36.86
N GLY C 425 -17.39 2.98 37.47
CA GLY C 425 -18.22 1.90 37.01
C GLY C 425 -19.69 2.24 37.06
N ILE C 426 -20.05 3.24 37.87
CA ILE C 426 -21.44 3.68 37.95
C ILE C 426 -21.76 4.69 36.85
N ILE C 427 -20.88 5.68 36.70
CA ILE C 427 -21.05 6.66 35.64
C ILE C 427 -21.07 5.96 34.28
N ALA C 428 -20.33 4.86 34.18
CA ALA C 428 -20.34 4.03 33.00
C ALA C 428 -21.75 3.53 32.70
N MET C 429 -22.50 3.18 33.75
CA MET C 429 -23.87 2.73 33.60
C MET C 429 -24.80 3.89 33.24
N ILE C 430 -24.62 5.01 33.92
CA ILE C 430 -25.46 6.18 33.66
C ILE C 430 -25.23 6.68 32.24
N LEU C 431 -24.03 6.43 31.72
CA LEU C 431 -23.67 6.85 30.36
C LEU C 431 -24.30 5.92 29.32
N LEU C 432 -24.31 4.63 29.61
CA LEU C 432 -25.02 3.66 28.78
C LEU C 432 -26.50 3.99 28.77
N GLY C 433 -27.01 4.43 29.93
CA GLY C 433 -28.40 4.82 30.05
C GLY C 433 -28.75 5.96 29.12
N THR C 434 -27.98 7.04 29.20
CA THR C 434 -28.19 8.20 28.34
C THR C 434 -27.97 7.88 26.86
N PHE C 435 -26.99 7.03 26.57
CA PHE C 435 -26.76 6.58 25.20
C PHE C 435 -27.99 5.87 24.66
N PHE C 436 -28.49 4.90 25.41
CA PHE C 436 -29.69 4.15 25.03
C PHE C 436 -30.79 5.10 24.52
N ILE C 437 -31.13 6.09 25.33
CA ILE C 437 -32.19 7.03 25.00
C ILE C 437 -31.88 7.80 23.72
N THR C 438 -30.79 8.57 23.73
CA THR C 438 -30.46 9.41 22.59
C THR C 438 -30.32 8.60 21.31
N SER C 439 -29.70 7.42 21.42
CA SER C 439 -29.55 6.53 20.28
C SER C 439 -30.91 6.14 19.70
N ALA C 440 -31.94 6.19 20.54
CA ALA C 440 -33.30 5.85 20.14
C ALA C 440 -34.10 7.07 19.69
N ASP C 441 -33.72 8.24 20.20
CA ASP C 441 -34.31 9.50 19.73
C ASP C 441 -33.91 9.72 18.28
N SER C 442 -32.60 9.86 18.06
CA SER C 442 -32.06 10.09 16.74
C SER C 442 -32.49 9.02 15.74
N ALA C 443 -32.48 7.76 16.17
CA ALA C 443 -32.91 6.66 15.32
C ALA C 443 -34.35 6.85 14.84
N SER C 444 -35.27 6.95 15.80
CA SER C 444 -36.69 7.07 15.47
C SER C 444 -37.03 8.32 14.67
N THR C 445 -36.33 9.41 14.96
CA THR C 445 -36.52 10.64 14.20
C THR C 445 -36.33 10.32 12.72
N VAL C 446 -35.18 9.74 12.39
CA VAL C 446 -34.86 9.39 11.02
C VAL C 446 -35.89 8.42 10.46
N MET C 447 -36.37 7.51 11.29
CA MET C 447 -37.37 6.54 10.85
C MET C 447 -38.72 7.20 10.56
N GLY C 448 -39.16 8.08 11.46
CA GLY C 448 -40.34 8.88 11.19
C GLY C 448 -40.16 9.66 9.91
N THR C 449 -39.01 10.29 9.77
CA THR C 449 -38.67 11.08 8.59
C THR C 449 -38.91 10.34 7.29
N MET C 450 -38.60 9.05 7.27
CA MET C 450 -38.76 8.26 6.05
C MET C 450 -40.00 7.39 6.08
N SER C 451 -40.77 7.50 7.15
CA SER C 451 -42.04 6.79 7.25
C SER C 451 -43.17 7.71 6.78
N GLN C 452 -42.81 8.92 6.38
CA GLN C 452 -43.80 9.87 5.86
C GLN C 452 -43.22 10.85 4.84
N HIS C 453 -42.89 10.31 3.67
CA HIS C 453 -42.52 11.12 2.51
C HIS C 453 -41.32 12.05 2.71
N GLY C 454 -40.41 11.67 3.59
CA GLY C 454 -39.16 12.41 3.77
C GLY C 454 -39.33 13.79 4.38
N GLN C 455 -40.28 13.92 5.30
CA GLN C 455 -40.52 15.19 5.96
C GLN C 455 -39.52 15.39 7.10
N LEU C 456 -38.68 16.43 6.97
CA LEU C 456 -37.69 16.73 7.99
C LEU C 456 -38.38 17.03 9.33
N GLU C 457 -39.55 17.65 9.25
CA GLU C 457 -40.34 17.94 10.44
C GLU C 457 -40.92 16.67 11.03
N ALA C 458 -40.17 16.06 11.94
CA ALA C 458 -40.57 14.77 12.52
C ALA C 458 -41.79 14.89 13.42
N ASN C 459 -42.80 14.07 13.14
CA ASN C 459 -43.99 14.01 13.97
C ASN C 459 -43.66 13.39 15.32
N LYS C 460 -43.92 14.12 16.40
CA LYS C 460 -43.52 13.70 17.73
C LYS C 460 -44.18 12.38 18.15
N TRP C 461 -45.15 11.93 17.38
CA TRP C 461 -45.85 10.68 17.66
C TRP C 461 -45.29 9.52 16.85
N VAL C 462 -45.02 9.79 15.58
CA VAL C 462 -44.44 8.78 14.69
C VAL C 462 -42.98 8.52 15.05
N THR C 463 -42.41 9.40 15.86
CA THR C 463 -41.06 9.22 16.37
C THR C 463 -41.07 8.28 17.57
N ALA C 464 -41.98 8.53 18.50
CA ALA C 464 -42.10 7.69 19.68
C ALA C 464 -42.63 6.30 19.31
N ALA C 465 -43.50 6.27 18.31
CA ALA C 465 -44.08 5.01 17.84
C ALA C 465 -43.01 4.06 17.30
N TRP C 466 -41.91 4.63 16.83
CA TRP C 466 -40.80 3.85 16.30
C TRP C 466 -39.77 3.50 17.37
N GLY C 467 -39.74 4.29 18.44
CA GLY C 467 -38.81 4.05 19.52
C GLY C 467 -39.16 2.81 20.31
N VAL C 468 -40.35 2.82 20.92
CA VAL C 468 -40.81 1.70 21.73
C VAL C 468 -40.94 0.45 20.88
N ALA C 469 -41.06 0.64 19.56
CA ALA C 469 -41.09 -0.48 18.63
C ALA C 469 -39.69 -1.06 18.46
N THR C 470 -38.69 -0.19 18.50
CA THR C 470 -37.29 -0.59 18.41
C THR C 470 -36.84 -1.21 19.73
N ALA C 471 -37.29 -0.62 20.83
CA ALA C 471 -36.98 -1.13 22.16
C ALA C 471 -37.67 -2.47 22.40
N ALA C 472 -38.68 -2.76 21.59
CA ALA C 472 -39.38 -4.03 21.67
C ALA C 472 -38.50 -5.18 21.18
N ILE C 473 -38.07 -5.10 19.92
CA ILE C 473 -37.24 -6.15 19.34
C ILE C 473 -35.84 -6.16 19.98
N GLY C 474 -35.43 -5.02 20.51
CA GLY C 474 -34.21 -4.96 21.30
C GLY C 474 -34.37 -5.85 22.51
N LEU C 475 -35.52 -5.72 23.18
CA LEU C 475 -35.86 -6.54 24.34
C LEU C 475 -36.17 -7.98 23.96
N THR C 476 -36.68 -8.16 22.74
CA THR C 476 -37.05 -9.47 22.24
C THR C 476 -35.84 -10.38 22.02
N LEU C 477 -34.81 -9.84 21.38
CA LEU C 477 -33.61 -10.61 21.08
C LEU C 477 -32.85 -11.01 22.34
N LEU C 478 -32.94 -10.17 23.37
CA LEU C 478 -32.33 -10.45 24.66
C LEU C 478 -33.01 -11.62 25.36
N LEU C 479 -34.32 -11.52 25.54
CA LEU C 479 -35.10 -12.57 26.19
C LEU C 479 -35.00 -13.88 25.42
N SER C 480 -35.25 -13.81 24.11
CA SER C 480 -35.17 -14.99 23.26
C SER C 480 -33.73 -15.42 23.07
N GLY C 481 -33.17 -16.10 24.08
CA GLY C 481 -31.79 -16.55 24.02
C GLY C 481 -31.25 -16.83 25.42
N GLY C 482 -31.48 -15.90 26.34
CA GLY C 482 -31.07 -16.04 27.72
C GLY C 482 -29.56 -16.20 27.88
N ASP C 483 -29.11 -17.44 27.92
CA ASP C 483 -27.68 -17.74 28.04
C ASP C 483 -26.92 -17.14 26.87
N ASN C 484 -27.32 -17.52 25.66
CA ASN C 484 -26.72 -16.97 24.46
C ASN C 484 -26.97 -15.47 24.36
N ALA C 485 -28.23 -15.09 24.15
CA ALA C 485 -28.64 -13.69 24.12
C ALA C 485 -27.86 -12.90 23.10
N LEU C 486 -26.63 -12.53 23.46
CA LEU C 486 -25.73 -11.80 22.58
C LEU C 486 -25.65 -12.46 21.21
N SER C 487 -25.70 -13.79 21.19
CA SER C 487 -25.65 -14.54 19.94
C SER C 487 -26.84 -14.17 19.04
N ASN C 488 -28.05 -14.36 19.55
CA ASN C 488 -29.25 -14.00 18.77
C ASN C 488 -29.35 -12.50 18.52
N LEU C 489 -28.80 -11.72 19.42
CA LEU C 489 -28.83 -10.26 19.29
C LEU C 489 -27.95 -9.82 18.14
N GLN C 490 -26.89 -10.59 17.88
CA GLN C 490 -26.04 -10.34 16.72
C GLN C 490 -26.56 -11.12 15.51
N ASN C 491 -27.18 -12.26 15.76
CA ASN C 491 -27.61 -13.14 14.69
C ASN C 491 -28.69 -12.53 13.79
N VAL C 492 -29.81 -12.12 14.40
CA VAL C 492 -30.95 -11.65 13.63
C VAL C 492 -30.65 -10.35 12.88
N THR C 493 -29.80 -9.50 13.45
CA THR C 493 -29.42 -8.26 12.78
C THR C 493 -28.63 -8.57 11.51
N ILE C 494 -27.84 -9.62 11.57
CA ILE C 494 -27.12 -10.11 10.40
C ILE C 494 -28.12 -10.51 9.32
N VAL C 495 -29.29 -10.99 9.73
CA VAL C 495 -30.34 -11.41 8.80
C VAL C 495 -31.19 -10.23 8.34
N ALA C 496 -31.51 -9.32 9.25
CA ALA C 496 -32.29 -8.15 8.92
C ALA C 496 -31.49 -7.18 8.03
N ALA C 497 -30.18 -7.35 8.01
CA ALA C 497 -29.30 -6.45 7.26
C ALA C 497 -29.02 -6.95 5.84
N THR C 498 -28.88 -8.26 5.68
CA THR C 498 -28.52 -8.84 4.39
C THR C 498 -29.37 -8.35 3.21
N PRO C 499 -30.68 -8.16 3.43
CA PRO C 499 -31.45 -7.62 2.30
C PRO C 499 -30.91 -6.24 1.91
N PHE C 500 -30.64 -5.40 2.89
CA PHE C 500 -30.25 -4.03 2.63
C PHE C 500 -28.82 -3.89 2.12
N LEU C 501 -28.03 -4.94 2.28
CA LEU C 501 -26.68 -4.96 1.71
C LEU C 501 -26.77 -4.68 0.23
N PHE C 502 -27.66 -5.39 -0.46
CA PHE C 502 -27.80 -5.25 -1.89
C PHE C 502 -28.25 -3.85 -2.29
N VAL C 503 -28.94 -3.17 -1.39
CA VAL C 503 -29.41 -1.82 -1.65
C VAL C 503 -28.25 -0.84 -1.65
N VAL C 504 -27.44 -0.90 -0.60
CA VAL C 504 -26.22 -0.10 -0.53
C VAL C 504 -25.34 -0.39 -1.74
N ILE C 505 -25.27 -1.67 -2.12
CA ILE C 505 -24.52 -2.06 -3.30
C ILE C 505 -25.06 -1.35 -4.54
N GLY C 506 -26.38 -1.25 -4.64
CA GLY C 506 -27.02 -0.58 -5.77
C GLY C 506 -26.91 0.94 -5.66
N LEU C 507 -26.72 1.42 -4.44
CA LEU C 507 -26.56 2.85 -4.21
C LEU C 507 -25.28 3.35 -4.88
N MET C 508 -24.31 2.47 -5.04
CA MET C 508 -23.09 2.82 -5.80
C MET C 508 -23.46 3.16 -7.22
N PHE C 509 -24.34 2.37 -7.82
CA PHE C 509 -24.75 2.58 -9.20
C PHE C 509 -25.66 3.80 -9.35
N ALA C 510 -26.56 3.99 -8.39
CA ALA C 510 -27.50 5.10 -8.41
C ALA C 510 -26.79 6.43 -8.22
N LEU C 511 -25.55 6.38 -7.76
CA LEU C 511 -24.82 7.56 -7.36
C LEU C 511 -23.81 8.00 -8.41
N VAL C 512 -23.24 7.04 -9.13
CA VAL C 512 -22.33 7.37 -10.22
C VAL C 512 -23.11 7.99 -11.38
N LYS C 513 -24.37 7.59 -11.52
CA LYS C 513 -25.23 8.13 -12.57
C LYS C 513 -25.68 9.55 -12.26
N ASP C 514 -26.18 9.76 -11.04
CA ASP C 514 -26.53 11.09 -10.58
C ASP C 514 -25.39 12.07 -10.81
N LEU C 515 -24.20 11.68 -10.38
CA LEU C 515 -23.04 12.57 -10.40
C LEU C 515 -22.54 12.87 -11.81
N SER C 516 -22.59 11.87 -12.68
CA SER C 516 -22.15 12.06 -14.06
C SER C 516 -23.20 12.83 -14.86
N ASN C 517 -24.39 12.96 -14.27
CA ASN C 517 -25.47 13.76 -14.85
C ASN C 517 -25.61 15.12 -14.18
N ASP C 518 -24.66 15.44 -13.30
CA ASP C 518 -24.65 16.72 -12.62
C ASP C 518 -24.27 17.83 -13.60
N VAL C 519 -24.76 19.05 -13.33
CA VAL C 519 -24.49 20.20 -14.19
C VAL C 519 -23.01 20.58 -14.20
N ILE C 520 -22.44 20.78 -13.02
CA ILE C 520 -21.02 21.17 -12.92
C ILE C 520 -20.12 20.18 -13.63
N TYR C 521 -20.33 18.88 -13.38
CA TYR C 521 -19.51 17.84 -13.99
C TYR C 521 -19.67 17.82 -15.50
N LEU C 522 -20.86 18.16 -15.98
CA LEU C 522 -21.10 18.26 -17.41
C LEU C 522 -20.57 19.57 -17.97
N GLU C 523 -20.29 20.51 -17.08
CA GLU C 523 -19.80 21.82 -17.45
C GLU C 523 -18.28 21.83 -17.59
N TYR C 524 -17.64 20.98 -16.80
CA TYR C 524 -16.19 20.83 -16.82
C TYR C 524 -15.74 19.99 -18.00
C4 1Y8 D . 25.16 9.36 10.66
C5 1Y8 D . 24.21 10.51 10.64
C6 1Y8 D . 21.86 11.66 12.54
C7 1Y8 D . 24.50 11.53 13.74
C8 1Y8 D . 23.11 9.49 13.07
O6 1Y8 D . 26.35 9.53 11.33
AS1 1Y8 D . 23.50 11.05 12.38
NA NA E . 28.93 13.65 7.36
C4 1Y8 F . 1.10 -19.32 -21.94
C5 1Y8 F . 2.14 -18.70 -21.07
C6 1Y8 F . 3.30 -16.02 -22.42
C7 1Y8 F . 4.86 -18.41 -22.90
C8 1Y8 F . 4.63 -17.27 -20.62
O6 1Y8 F . 1.52 -20.01 -23.06
AS1 1Y8 F . 3.58 -17.69 -21.95
NA NA G . -4.37 -18.53 -27.72
CL CL H . -21.09 23.20 -7.50
C7 CM5 I . -11.27 18.42 6.53
C8 CM5 I . -11.99 17.74 7.63
C9 CM5 I . -11.07 17.02 8.56
C10 CM5 I . -10.18 16.06 7.85
C11 CM5 I . -10.33 16.13 6.36
C6 CM5 I . -10.30 17.52 5.83
C5 CM5 I . -10.57 17.53 4.31
C4 CM5 I . -9.57 18.34 3.42
C3 CM5 I . -9.76 18.26 1.90
C2 CM5 I . -10.76 19.21 1.26
C1 CM5 I . -11.36 18.82 -0.04
O12 CM5 I . -10.81 19.36 -1.23
C13 CM5 I . -10.84 20.73 -1.48
C18 CM5 I . -11.30 20.97 -2.91
O22 CM5 I . -11.96 19.81 -3.40
C17 CM5 I . -12.12 22.12 -3.09
O21 CM5 I . -12.68 22.11 -4.46
O14 CM5 I . -11.60 21.41 -0.51
C15 CM5 I . -12.97 21.62 -0.83
C19 CM5 I . -13.62 22.41 0.26
O20 CM5 I . -14.75 21.83 0.87
C16 CM5 I . -13.19 22.25 -2.17
O23 CM5 I . -13.57 23.67 -2.02
C24 CM5 I . -12.49 24.59 -2.10
O25 CM5 I . -12.63 25.55 -1.10
C26 CM5 I . -13.18 26.85 -1.59
C30 CM5 I . -13.83 27.58 -0.46
O31 CM5 I . -15.12 28.09 -0.66
C27 CM5 I . -14.14 26.69 -2.70
O32 CM5 I . -14.62 27.98 -3.12
C28 CM5 I . -13.58 26.01 -3.83
O33 CM5 I . -13.20 26.98 -4.85
C29 CM5 I . -12.42 25.18 -3.50
O34 CM5 I . -11.21 25.89 -3.67
C4 1Y8 J . -24.90 5.95 16.78
C5 1Y8 J . -23.44 5.97 16.52
C6 1Y8 J . -23.35 2.81 15.84
C7 1Y8 J . -20.97 4.30 15.12
C8 1Y8 J . -23.22 4.56 13.97
O6 1Y8 J . -25.45 7.06 17.38
AS1 1Y8 J . -22.64 4.41 15.62
C7 CM5 K . -0.10 13.46 27.78
C8 CM5 K . -1.53 13.81 27.58
C9 CM5 K . -1.87 14.12 26.15
C10 CM5 K . -1.05 15.27 25.65
C11 CM5 K . 0.39 15.17 26.03
C6 CM5 K . 0.75 13.84 26.60
C5 CM5 K . 2.24 13.82 27.00
C4 CM5 K . 2.98 12.46 26.92
C3 CM5 K . 3.93 12.10 28.06
C2 CM5 K . 3.62 10.88 28.90
C1 CM5 K . 4.08 10.97 30.31
O12 CM5 K . 4.54 9.80 30.96
C13 CM5 K . 3.80 9.21 31.98
C18 CM5 K . 3.34 10.24 32.98
O22 CM5 K . 2.54 11.26 32.39
C17 CM5 K . 2.52 9.58 33.90
O21 CM5 K . 1.39 8.96 33.14
O14 CM5 K . 4.52 8.17 32.59
C15 CM5 K . 4.08 7.66 33.84
C19 CM5 K . 3.49 6.29 33.65
O20 CM5 K . 2.20 6.12 33.10
C16 CM5 K . 3.18 8.58 34.66
O23 CM5 K . 2.22 7.73 35.39
C24 CM5 K . 1.71 8.25 36.62
O25 CM5 K . 0.91 7.25 37.19
C26 CM5 K . -0.39 7.08 36.47
C30 CM5 K . -0.28 6.08 35.36
O31 CM5 K . -0.72 4.78 35.57
C27 CM5 K . -1.00 8.33 35.95
O32 CM5 K . -0.73 8.45 34.54
C28 CM5 K . -0.49 9.50 36.59
O33 CM5 K . -0.92 9.58 37.98
C29 CM5 K . 0.98 9.57 36.49
O34 CM5 K . 1.51 10.58 37.34
#